data_2JZX
#
_entry.id   2JZX
#
_entity_poly.entity_id   1
_entity_poly.type   'polypeptide(L)'
_entity_poly.pdbx_seq_one_letter_code
;KNVTLTIRLLMHGKEVGSIIGKKGESVKKMREESGARINISEGNCPERIITLAGPTNAIFKAFAMIIDKLEEDISSSMTN
STAASRPPVTLRLVVPASQCGSLIGKGGCKIKEIRESTGAQVQVAGDMLPNSTERAITIAGIPQSIIECVKQICVVMLET
;
_entity_poly.pdbx_strand_id   A
#
# COMPACT_ATOMS: atom_id res chain seq x y z
N LYS A 1 -11.07 11.88 -14.06
CA LYS A 1 -12.15 12.86 -14.37
C LYS A 1 -11.97 14.14 -13.56
N ASN A 2 -11.40 14.02 -12.37
CA ASN A 2 -11.17 15.17 -11.50
C ASN A 2 -9.68 15.44 -11.35
N VAL A 3 -9.00 14.57 -10.63
CA VAL A 3 -7.56 14.70 -10.41
C VAL A 3 -6.85 13.36 -10.57
N THR A 4 -5.60 13.40 -10.99
CA THR A 4 -4.82 12.18 -11.20
C THR A 4 -3.83 11.98 -10.06
N LEU A 5 -3.40 10.72 -9.88
CA LEU A 5 -2.45 10.40 -8.83
C LEU A 5 -1.62 9.16 -9.21
N THR A 6 -0.65 8.85 -8.38
CA THR A 6 0.22 7.69 -8.62
C THR A 6 0.56 7.00 -7.30
N ILE A 7 0.44 5.67 -7.29
CA ILE A 7 0.74 4.89 -6.09
C ILE A 7 1.55 3.64 -6.45
N ARG A 8 2.71 3.50 -5.81
CA ARG A 8 3.57 2.35 -6.06
C ARG A 8 3.43 1.33 -4.93
N LEU A 9 2.96 0.14 -5.27
CA LEU A 9 2.78 -0.92 -4.28
C LEU A 9 4.00 -1.84 -4.26
N LEU A 10 4.53 -2.07 -3.06
CA LEU A 10 5.69 -2.94 -2.89
C LEU A 10 5.38 -4.06 -1.91
N MET A 11 5.50 -5.30 -2.37
CA MET A 11 5.22 -6.45 -1.52
C MET A 11 6.09 -7.65 -1.87
N HIS A 12 6.06 -8.65 -0.99
CA HIS A 12 6.84 -9.88 -1.17
C HIS A 12 6.22 -10.76 -2.26
N GLY A 13 7.07 -11.37 -3.08
CA GLY A 13 6.59 -12.22 -4.14
C GLY A 13 5.49 -13.18 -3.73
N LYS A 14 5.50 -13.62 -2.47
CA LYS A 14 4.49 -14.57 -1.99
C LYS A 14 3.16 -13.87 -1.68
N GLU A 15 3.21 -12.78 -0.93
CA GLU A 15 2.01 -12.05 -0.58
C GLU A 15 1.38 -11.44 -1.83
N VAL A 16 2.21 -10.75 -2.60
CA VAL A 16 1.76 -10.13 -3.84
C VAL A 16 1.19 -11.19 -4.78
N GLY A 17 1.77 -12.37 -4.75
CA GLY A 17 1.31 -13.45 -5.60
C GLY A 17 -0.13 -13.81 -5.33
N SER A 18 -0.49 -13.86 -4.05
CA SER A 18 -1.86 -14.17 -3.65
C SER A 18 -2.77 -13.05 -4.12
N ILE A 19 -2.21 -11.85 -4.23
CA ILE A 19 -2.97 -10.70 -4.68
C ILE A 19 -3.07 -10.67 -6.19
N ILE A 20 -2.04 -11.18 -6.86
CA ILE A 20 -2.02 -11.23 -8.31
C ILE A 20 -3.18 -12.06 -8.83
N GLY A 21 -3.41 -13.20 -8.18
CA GLY A 21 -4.49 -14.08 -8.57
C GLY A 21 -4.02 -15.16 -9.51
N LYS A 22 -4.70 -16.28 -9.44
CA LYS A 22 -4.39 -17.43 -10.27
C LYS A 22 -4.57 -17.11 -11.74
N LYS A 23 -3.73 -17.71 -12.57
CA LYS A 23 -3.78 -17.52 -14.03
C LYS A 23 -3.78 -16.04 -14.42
N GLY A 24 -3.35 -15.17 -13.51
CA GLY A 24 -3.31 -13.75 -13.80
C GLY A 24 -4.62 -13.19 -14.33
N GLU A 25 -5.71 -13.95 -14.21
CA GLU A 25 -7.01 -13.50 -14.67
C GLU A 25 -7.59 -12.50 -13.67
N SER A 26 -7.16 -12.63 -12.42
CA SER A 26 -7.61 -11.74 -11.37
C SER A 26 -6.95 -10.38 -11.49
N VAL A 27 -5.64 -10.36 -11.78
CA VAL A 27 -4.93 -9.10 -11.95
C VAL A 27 -5.44 -8.40 -13.20
N LYS A 28 -5.95 -9.19 -14.14
CA LYS A 28 -6.51 -8.64 -15.36
C LYS A 28 -7.86 -8.01 -15.02
N LYS A 29 -8.57 -8.66 -14.09
CA LYS A 29 -9.85 -8.18 -13.63
C LYS A 29 -9.66 -6.91 -12.79
N MET A 30 -8.56 -6.87 -12.05
CA MET A 30 -8.25 -5.72 -11.20
C MET A 30 -8.10 -4.46 -12.05
N ARG A 31 -7.24 -4.53 -13.07
CA ARG A 31 -7.02 -3.40 -13.94
C ARG A 31 -8.32 -2.95 -14.60
N GLU A 32 -9.03 -3.90 -15.21
CA GLU A 32 -10.29 -3.60 -15.89
C GLU A 32 -11.25 -2.84 -14.99
N GLU A 33 -11.28 -3.18 -13.71
CA GLU A 33 -12.18 -2.53 -12.76
C GLU A 33 -11.56 -1.26 -12.18
N SER A 34 -10.23 -1.22 -12.13
CA SER A 34 -9.53 -0.06 -11.58
C SER A 34 -9.60 1.12 -12.54
N GLY A 35 -9.16 0.91 -13.78
CA GLY A 35 -9.16 1.97 -14.77
C GLY A 35 -7.90 2.81 -14.72
N ALA A 36 -7.04 2.54 -13.74
CA ALA A 36 -5.80 3.28 -13.61
C ALA A 36 -4.58 2.40 -13.93
N ARG A 37 -3.74 2.89 -14.83
CA ARG A 37 -2.51 2.20 -15.26
C ARG A 37 -1.94 1.29 -14.16
N ILE A 38 -2.12 -0.02 -14.31
CA ILE A 38 -1.58 -0.97 -13.34
C ILE A 38 -0.51 -1.85 -13.98
N ASN A 39 0.70 -1.79 -13.44
CA ASN A 39 1.81 -2.58 -13.97
C ASN A 39 2.63 -3.19 -12.83
N ILE A 40 3.59 -4.04 -13.20
CA ILE A 40 4.44 -4.70 -12.21
C ILE A 40 5.91 -4.48 -12.54
N SER A 41 6.75 -4.49 -11.50
CA SER A 41 8.18 -4.29 -11.68
C SER A 41 8.98 -5.29 -10.86
N GLU A 42 10.30 -5.14 -10.86
CA GLU A 42 11.18 -6.03 -10.11
C GLU A 42 11.25 -5.61 -8.65
N GLY A 43 12.23 -6.16 -7.92
CA GLY A 43 12.38 -5.83 -6.52
C GLY A 43 13.33 -6.77 -5.79
N ASN A 44 14.62 -6.49 -5.90
CA ASN A 44 15.62 -7.32 -5.23
C ASN A 44 15.28 -7.46 -3.74
N CYS A 45 14.52 -6.49 -3.24
CA CYS A 45 14.11 -6.48 -1.83
C CYS A 45 12.75 -7.16 -1.64
N PRO A 46 11.68 -6.58 -2.22
CA PRO A 46 10.32 -7.13 -2.09
C PRO A 46 10.06 -8.24 -3.08
N GLU A 47 10.64 -8.11 -4.27
CA GLU A 47 10.49 -9.08 -5.36
C GLU A 47 9.36 -8.70 -6.30
N ARG A 48 8.31 -8.08 -5.75
CA ARG A 48 7.18 -7.67 -6.58
C ARG A 48 6.71 -6.26 -6.23
N ILE A 49 6.48 -5.45 -7.27
CA ILE A 49 6.02 -4.08 -7.09
C ILE A 49 4.99 -3.72 -8.14
N ILE A 50 3.78 -3.38 -7.70
CA ILE A 50 2.70 -3.02 -8.61
C ILE A 50 2.59 -1.51 -8.77
N THR A 51 2.95 -1.01 -9.94
CA THR A 51 2.89 0.43 -10.22
C THR A 51 1.51 0.82 -10.74
N LEU A 52 0.74 1.52 -9.91
CA LEU A 52 -0.59 1.97 -10.28
C LEU A 52 -0.60 3.48 -10.55
N ALA A 53 -1.30 3.90 -11.60
CA ALA A 53 -1.38 5.31 -11.95
C ALA A 53 -2.76 5.63 -12.52
N GLY A 54 -3.38 6.70 -12.03
CA GLY A 54 -4.70 7.03 -12.52
C GLY A 54 -5.50 7.89 -11.55
N PRO A 55 -6.61 8.49 -12.03
CA PRO A 55 -7.47 9.34 -11.21
C PRO A 55 -7.77 8.74 -9.84
N THR A 56 -8.16 9.59 -8.89
CA THR A 56 -8.47 9.15 -7.54
C THR A 56 -9.54 8.06 -7.54
N ASN A 57 -10.50 8.17 -8.45
CA ASN A 57 -11.58 7.21 -8.54
C ASN A 57 -11.05 5.83 -8.94
N ALA A 58 -10.29 5.79 -10.02
CA ALA A 58 -9.70 4.55 -10.51
C ALA A 58 -8.86 3.88 -9.44
N ILE A 59 -8.05 4.70 -8.77
CA ILE A 59 -7.18 4.19 -7.72
C ILE A 59 -7.99 3.70 -6.53
N PHE A 60 -9.05 4.43 -6.21
CA PHE A 60 -9.92 4.07 -5.10
C PHE A 60 -10.45 2.66 -5.25
N LYS A 61 -10.91 2.32 -6.46
CA LYS A 61 -11.44 0.99 -6.74
C LYS A 61 -10.33 -0.06 -6.69
N ALA A 62 -9.21 0.25 -7.33
CA ALA A 62 -8.07 -0.66 -7.37
C ALA A 62 -7.64 -1.07 -5.97
N PHE A 63 -7.33 -0.08 -5.14
CA PHE A 63 -6.89 -0.34 -3.77
C PHE A 63 -7.93 -1.17 -3.02
N ALA A 64 -9.20 -0.87 -3.23
CA ALA A 64 -10.28 -1.59 -2.57
C ALA A 64 -10.37 -3.03 -3.08
N MET A 65 -10.03 -3.23 -4.35
CA MET A 65 -10.07 -4.56 -4.95
C MET A 65 -8.92 -5.42 -4.46
N ILE A 66 -7.72 -4.85 -4.47
CA ILE A 66 -6.53 -5.57 -4.02
C ILE A 66 -6.65 -5.99 -2.57
N ILE A 67 -7.14 -5.09 -1.72
CA ILE A 67 -7.31 -5.37 -0.31
C ILE A 67 -8.34 -6.48 -0.09
N ASP A 68 -9.38 -6.47 -0.92
CA ASP A 68 -10.43 -7.48 -0.82
C ASP A 68 -9.89 -8.85 -1.22
N LYS A 69 -9.01 -8.87 -2.22
CA LYS A 69 -8.41 -10.12 -2.68
C LYS A 69 -7.61 -10.75 -1.55
N LEU A 70 -6.98 -9.91 -0.74
CA LEU A 70 -6.19 -10.38 0.39
C LEU A 70 -7.10 -10.81 1.54
N GLU A 71 -8.28 -10.21 1.60
CA GLU A 71 -9.25 -10.54 2.65
C GLU A 71 -9.94 -11.86 2.34
N GLU A 72 -10.20 -12.10 1.05
CA GLU A 72 -10.86 -13.33 0.62
C GLU A 72 -9.92 -14.53 0.75
N ASP A 73 -8.63 -14.29 0.53
CA ASP A 73 -7.63 -15.35 0.62
C ASP A 73 -7.45 -15.83 2.05
N ILE A 74 -7.15 -14.90 2.95
CA ILE A 74 -6.95 -15.24 4.37
C ILE A 74 -8.17 -15.97 4.93
N SER A 75 -9.36 -15.52 4.53
CA SER A 75 -10.59 -16.14 5.01
C SER A 75 -11.11 -17.17 4.01
N SER A 76 -10.19 -17.92 3.41
CA SER A 76 -10.55 -18.94 2.44
C SER A 76 -10.08 -20.32 2.88
N SER A 77 -9.76 -20.45 4.17
CA SER A 77 -9.29 -21.73 4.71
C SER A 77 -7.98 -22.14 4.08
N MET A 78 -6.89 -21.56 4.58
CA MET A 78 -5.56 -21.86 4.06
C MET A 78 -5.24 -23.34 4.18
N THR A 79 -4.96 -23.99 3.05
CA THR A 79 -4.64 -25.40 3.03
C THR A 79 -3.15 -25.63 2.91
N ASN A 80 -2.36 -24.73 3.50
CA ASN A 80 -0.91 -24.83 3.46
C ASN A 80 -0.28 -24.00 4.58
N SER A 81 1.05 -24.05 4.66
CA SER A 81 1.78 -23.30 5.68
C SER A 81 1.37 -23.75 7.08
N THR A 82 2.15 -23.35 8.07
CA THR A 82 1.86 -23.72 9.46
C THR A 82 1.81 -22.48 10.35
N ALA A 83 0.62 -21.94 10.53
CA ALA A 83 0.43 -20.75 11.37
C ALA A 83 1.18 -19.56 10.79
N ALA A 84 0.63 -18.36 11.01
CA ALA A 84 1.25 -17.14 10.51
C ALA A 84 1.65 -16.22 11.66
N SER A 85 0.82 -16.17 12.69
CA SER A 85 1.08 -15.33 13.85
C SER A 85 1.13 -13.86 13.46
N ARG A 86 0.38 -13.50 12.42
CA ARG A 86 0.33 -12.12 11.95
C ARG A 86 -1.11 -11.64 11.83
N PRO A 87 -1.78 -11.41 12.98
CA PRO A 87 -3.17 -10.95 13.00
C PRO A 87 -3.39 -9.68 12.16
N PRO A 88 -2.53 -8.66 12.31
CA PRO A 88 -2.65 -7.41 11.56
C PRO A 88 -2.37 -7.58 10.07
N VAL A 89 -2.23 -6.47 9.37
CA VAL A 89 -1.96 -6.48 7.94
C VAL A 89 -0.96 -5.39 7.58
N THR A 90 0.17 -5.80 7.03
CA THR A 90 1.21 -4.86 6.64
C THR A 90 1.22 -4.63 5.13
N LEU A 91 1.46 -3.39 4.73
CA LEU A 91 1.52 -3.03 3.33
C LEU A 91 2.66 -2.06 3.16
N ARG A 92 3.65 -2.44 2.39
CA ARG A 92 4.79 -1.59 2.22
C ARG A 92 4.70 -0.83 0.91
N LEU A 93 4.51 0.47 1.01
CA LEU A 93 4.41 1.34 -0.15
C LEU A 93 5.73 2.04 -0.43
N VAL A 94 5.86 2.57 -1.64
CA VAL A 94 7.08 3.26 -2.05
C VAL A 94 6.81 4.74 -2.32
N VAL A 95 7.80 5.58 -2.04
CA VAL A 95 7.69 7.01 -2.27
C VAL A 95 9.06 7.67 -2.33
N PRO A 96 9.16 8.82 -3.02
CA PRO A 96 10.43 9.54 -3.17
C PRO A 96 10.92 10.11 -1.83
N ALA A 97 12.16 10.56 -1.81
CA ALA A 97 12.76 11.12 -0.60
C ALA A 97 12.04 12.39 -0.17
N SER A 98 11.57 13.16 -1.14
CA SER A 98 10.85 14.39 -0.84
C SER A 98 9.50 14.07 -0.24
N GLN A 99 8.95 12.92 -0.63
CA GLN A 99 7.65 12.49 -0.15
C GLN A 99 7.75 12.04 1.32
N CYS A 100 8.77 11.24 1.61
CA CYS A 100 8.97 10.75 2.97
C CYS A 100 9.34 11.90 3.91
N GLY A 101 10.27 12.74 3.48
CA GLY A 101 10.69 13.87 4.29
C GLY A 101 9.53 14.75 4.71
N SER A 102 8.71 15.16 3.75
CA SER A 102 7.57 16.01 4.04
C SER A 102 6.49 15.23 4.78
N LEU A 103 6.28 13.98 4.36
CA LEU A 103 5.28 13.12 4.98
C LEU A 103 5.52 13.02 6.48
N ILE A 104 6.77 13.20 6.88
CA ILE A 104 7.15 13.13 8.29
C ILE A 104 6.92 14.47 8.97
N GLY A 105 7.26 15.55 8.28
CA GLY A 105 7.07 16.88 8.84
C GLY A 105 8.11 17.21 9.89
N LYS A 106 7.98 18.38 10.49
CA LYS A 106 8.93 18.83 11.52
C LYS A 106 8.83 17.95 12.77
N GLY A 107 9.96 17.38 13.16
CA GLY A 107 9.98 16.52 14.34
C GLY A 107 9.03 15.34 14.22
N GLY A 108 8.65 15.01 12.99
CA GLY A 108 7.74 13.88 12.77
C GLY A 108 6.35 14.13 13.33
N CYS A 109 6.07 15.38 13.71
CA CYS A 109 4.79 15.74 14.27
C CYS A 109 3.64 15.31 13.37
N LYS A 110 3.83 15.44 12.05
CA LYS A 110 2.80 15.07 11.09
C LYS A 110 2.55 13.56 11.07
N ILE A 111 3.56 12.80 10.65
CA ILE A 111 3.44 11.35 10.57
C ILE A 111 3.05 10.74 11.92
N LYS A 112 3.53 11.34 13.00
CA LYS A 112 3.22 10.84 14.34
C LYS A 112 1.73 10.92 14.63
N GLU A 113 1.13 12.08 14.39
CA GLU A 113 -0.30 12.26 14.63
C GLU A 113 -1.14 11.38 13.73
N ILE A 114 -0.66 11.15 12.51
CA ILE A 114 -1.38 10.31 11.55
C ILE A 114 -1.44 8.86 12.02
N ARG A 115 -0.29 8.29 12.32
CA ARG A 115 -0.21 6.91 12.77
C ARG A 115 -0.76 6.77 14.20
N GLU A 116 -0.60 7.83 14.98
CA GLU A 116 -1.08 7.84 16.36
C GLU A 116 -2.58 7.57 16.41
N SER A 117 -3.33 8.25 15.55
CA SER A 117 -4.78 8.09 15.51
C SER A 117 -5.19 6.95 14.60
N THR A 118 -4.50 6.83 13.47
CA THR A 118 -4.79 5.76 12.53
C THR A 118 -4.83 4.41 13.25
N GLY A 119 -4.13 4.32 14.37
CA GLY A 119 -4.10 3.09 15.14
C GLY A 119 -3.06 2.11 14.63
N ALA A 120 -2.47 2.41 13.47
CA ALA A 120 -1.45 1.53 12.90
C ALA A 120 -0.06 2.15 13.00
N GLN A 121 0.97 1.33 12.80
CA GLN A 121 2.34 1.79 12.89
C GLN A 121 2.95 1.92 11.49
N VAL A 122 3.60 3.04 11.22
CA VAL A 122 4.23 3.27 9.93
C VAL A 122 5.72 2.97 9.97
N GLN A 123 6.23 2.34 8.91
CA GLN A 123 7.64 2.00 8.83
C GLN A 123 8.37 2.85 7.80
N VAL A 124 9.69 2.94 7.97
CA VAL A 124 10.51 3.72 7.06
C VAL A 124 11.79 2.98 6.71
N ALA A 125 12.12 2.93 5.41
CA ALA A 125 13.33 2.26 4.96
C ALA A 125 14.58 2.98 5.43
N GLY A 126 15.71 2.28 5.42
CA GLY A 126 16.96 2.88 5.85
C GLY A 126 17.57 3.77 4.78
N ASP A 127 18.88 3.96 4.85
CA ASP A 127 19.59 4.79 3.88
C ASP A 127 21.09 4.79 4.16
N MET A 128 21.72 3.63 3.98
CA MET A 128 23.15 3.49 4.21
C MET A 128 23.94 4.37 3.23
N LEU A 129 24.53 5.44 3.75
CA LEU A 129 25.31 6.35 2.92
C LEU A 129 24.44 6.97 1.82
N PRO A 130 24.94 8.02 1.16
CA PRO A 130 24.21 8.70 0.08
C PRO A 130 24.09 7.82 -1.17
N ASN A 131 23.18 6.85 -1.11
CA ASN A 131 22.96 5.95 -2.23
C ASN A 131 21.46 5.75 -2.49
N SER A 132 20.72 5.52 -1.42
CA SER A 132 19.28 5.32 -1.52
C SER A 132 18.58 6.57 -2.04
N THR A 133 17.55 6.37 -2.86
CA THR A 133 16.80 7.48 -3.43
C THR A 133 15.33 7.41 -3.02
N GLU A 134 14.74 6.23 -3.16
CA GLU A 134 13.35 6.02 -2.80
C GLU A 134 13.24 5.35 -1.44
N ARG A 135 12.26 5.79 -0.64
CA ARG A 135 12.06 5.23 0.68
C ARG A 135 10.78 4.41 0.75
N ALA A 136 10.85 3.24 1.38
CA ALA A 136 9.71 2.36 1.51
C ALA A 136 9.11 2.43 2.91
N ILE A 137 7.82 2.70 2.99
CA ILE A 137 7.12 2.79 4.27
C ILE A 137 6.24 1.56 4.48
N THR A 138 6.21 1.04 5.72
CA THR A 138 5.39 -0.14 5.99
C THR A 138 4.34 0.15 7.07
N ILE A 139 3.07 0.09 6.69
CA ILE A 139 1.99 0.32 7.62
C ILE A 139 1.30 -0.98 8.01
N ALA A 140 1.29 -1.26 9.31
CA ALA A 140 0.67 -2.48 9.82
C ALA A 140 -0.49 -2.15 10.75
N GLY A 141 -1.52 -3.00 10.74
CA GLY A 141 -2.67 -2.78 11.59
C GLY A 141 -3.93 -3.41 11.03
N ILE A 142 -5.07 -2.82 11.35
CA ILE A 142 -6.36 -3.33 10.88
C ILE A 142 -6.64 -2.82 9.48
N PRO A 143 -7.28 -3.64 8.62
CA PRO A 143 -7.58 -3.24 7.25
C PRO A 143 -8.26 -1.87 7.20
N GLN A 144 -9.06 -1.58 8.22
CA GLN A 144 -9.74 -0.30 8.31
C GLN A 144 -8.72 0.79 8.67
N SER A 145 -7.73 0.41 9.47
CA SER A 145 -6.69 1.33 9.88
C SER A 145 -5.77 1.68 8.72
N ILE A 146 -5.47 0.68 7.89
CA ILE A 146 -4.61 0.89 6.72
C ILE A 146 -5.26 1.81 5.71
N ILE A 147 -6.49 1.48 5.31
CA ILE A 147 -7.21 2.29 4.34
C ILE A 147 -7.37 3.72 4.83
N GLU A 148 -7.41 3.89 6.15
CA GLU A 148 -7.55 5.20 6.75
C GLU A 148 -6.26 6.01 6.61
N CYS A 149 -5.13 5.34 6.80
CA CYS A 149 -3.83 5.99 6.69
C CYS A 149 -3.56 6.44 5.26
N VAL A 150 -4.04 5.66 4.30
CA VAL A 150 -3.86 5.98 2.88
C VAL A 150 -4.78 7.13 2.46
N LYS A 151 -5.99 7.14 3.01
CA LYS A 151 -6.96 8.19 2.69
C LYS A 151 -6.55 9.51 3.32
N GLN A 152 -5.96 9.45 4.50
CA GLN A 152 -5.52 10.64 5.22
C GLN A 152 -4.28 11.24 4.57
N ILE A 153 -3.36 10.37 4.16
CA ILE A 153 -2.12 10.82 3.52
C ILE A 153 -2.38 11.36 2.12
N CYS A 154 -3.35 10.75 1.43
CA CYS A 154 -3.70 11.17 0.08
C CYS A 154 -4.33 12.55 0.07
N VAL A 155 -5.37 12.73 0.90
CA VAL A 155 -6.06 14.01 0.98
C VAL A 155 -5.10 15.14 1.38
N VAL A 156 -4.20 14.85 2.30
CA VAL A 156 -3.23 15.84 2.75
C VAL A 156 -2.21 16.14 1.67
N MET A 157 -1.89 15.13 0.87
CA MET A 157 -0.92 15.28 -0.20
C MET A 157 -1.40 16.29 -1.23
N LEU A 158 -2.67 16.17 -1.62
CA LEU A 158 -3.25 17.09 -2.60
C LEU A 158 -3.45 18.48 -2.00
N GLU A 159 -4.04 18.52 -0.81
CA GLU A 159 -4.29 19.78 -0.12
C GLU A 159 -3.01 20.39 0.43
N THR A 160 -1.91 19.68 0.27
CA THR A 160 -0.60 20.14 0.74
C THR A 160 -0.69 20.72 2.16
N LYS A 1 -13.10 11.17 -11.26
CA LYS A 1 -12.63 11.47 -12.64
C LYS A 1 -12.30 12.95 -12.81
N ASN A 2 -11.61 13.52 -11.84
CA ASN A 2 -11.23 14.93 -11.89
C ASN A 2 -9.73 15.08 -12.11
N VAL A 3 -8.94 14.75 -11.09
CA VAL A 3 -7.49 14.86 -11.18
C VAL A 3 -6.85 13.48 -11.25
N THR A 4 -5.60 13.44 -11.71
CA THR A 4 -4.87 12.18 -11.83
C THR A 4 -3.85 12.05 -10.70
N LEU A 5 -3.41 10.81 -10.48
CA LEU A 5 -2.42 10.55 -9.43
C LEU A 5 -1.58 9.33 -9.78
N THR A 6 -0.56 9.09 -8.94
CA THR A 6 0.34 7.95 -9.15
C THR A 6 0.73 7.33 -7.82
N ILE A 7 0.29 6.10 -7.60
CA ILE A 7 0.60 5.40 -6.36
C ILE A 7 1.08 3.97 -6.63
N ARG A 8 2.22 3.62 -6.04
CA ARG A 8 2.79 2.29 -6.22
C ARG A 8 2.86 1.55 -4.88
N LEU A 9 2.73 0.23 -4.92
CA LEU A 9 2.78 -0.58 -3.71
C LEU A 9 3.76 -1.74 -3.86
N LEU A 10 4.41 -2.10 -2.76
CA LEU A 10 5.37 -3.20 -2.75
C LEU A 10 4.98 -4.26 -1.74
N MET A 11 5.05 -5.53 -2.16
CA MET A 11 4.70 -6.63 -1.27
C MET A 11 5.69 -7.78 -1.43
N HIS A 12 5.64 -8.73 -0.49
CA HIS A 12 6.55 -9.88 -0.52
C HIS A 12 6.20 -10.78 -1.69
N GLY A 13 7.10 -11.72 -2.01
CA GLY A 13 6.87 -12.63 -3.10
C GLY A 13 5.67 -13.54 -2.90
N LYS A 14 5.46 -13.96 -1.66
CA LYS A 14 4.33 -14.83 -1.34
C LYS A 14 3.03 -14.06 -1.24
N GLU A 15 3.05 -12.97 -0.47
CA GLU A 15 1.86 -12.14 -0.31
C GLU A 15 1.44 -11.56 -1.64
N VAL A 16 2.40 -11.06 -2.40
CA VAL A 16 2.12 -10.47 -3.70
C VAL A 16 1.55 -11.52 -4.65
N GLY A 17 2.03 -12.74 -4.53
CA GLY A 17 1.56 -13.81 -5.39
C GLY A 17 0.08 -14.10 -5.18
N SER A 18 -0.39 -13.95 -3.96
CA SER A 18 -1.80 -14.19 -3.64
C SER A 18 -2.67 -13.05 -4.13
N ILE A 19 -2.10 -11.85 -4.15
CA ILE A 19 -2.83 -10.68 -4.59
C ILE A 19 -2.87 -10.58 -6.11
N ILE A 20 -1.76 -10.96 -6.74
CA ILE A 20 -1.66 -10.94 -8.19
C ILE A 20 -2.63 -11.94 -8.81
N GLY A 21 -2.70 -13.13 -8.21
CA GLY A 21 -3.58 -14.15 -8.70
C GLY A 21 -2.91 -15.01 -9.74
N LYS A 22 -3.36 -16.25 -9.80
CA LYS A 22 -2.84 -17.23 -10.75
C LYS A 22 -2.85 -16.67 -12.18
N LYS A 23 -1.87 -17.09 -12.97
CA LYS A 23 -1.75 -16.64 -14.37
C LYS A 23 -1.97 -15.14 -14.52
N GLY A 24 -1.69 -14.39 -13.45
CA GLY A 24 -1.86 -12.94 -13.49
C GLY A 24 -3.16 -12.48 -14.12
N GLU A 25 -4.15 -13.36 -14.17
CA GLU A 25 -5.44 -13.00 -14.74
C GLU A 25 -6.20 -12.08 -13.79
N SER A 26 -5.87 -12.19 -12.50
CA SER A 26 -6.51 -11.37 -11.48
C SER A 26 -6.02 -9.93 -11.58
N VAL A 27 -4.72 -9.75 -11.76
CA VAL A 27 -4.16 -8.40 -11.89
C VAL A 27 -4.67 -7.77 -13.17
N LYS A 28 -5.00 -8.62 -14.15
CA LYS A 28 -5.54 -8.14 -15.40
C LYS A 28 -6.95 -7.66 -15.15
N LYS A 29 -7.65 -8.36 -14.26
CA LYS A 29 -9.01 -8.01 -13.89
C LYS A 29 -9.00 -6.65 -13.18
N MET A 30 -7.97 -6.43 -12.38
CA MET A 30 -7.81 -5.17 -11.64
C MET A 30 -7.77 -3.99 -12.60
N ARG A 31 -6.87 -4.06 -13.58
CA ARG A 31 -6.72 -3.01 -14.58
C ARG A 31 -8.07 -2.70 -15.24
N GLU A 32 -8.73 -3.74 -15.72
CA GLU A 32 -10.01 -3.60 -16.39
C GLU A 32 -11.08 -3.01 -15.45
N GLU A 33 -11.04 -3.41 -14.19
CA GLU A 33 -12.02 -2.94 -13.20
C GLU A 33 -11.78 -1.50 -12.78
N SER A 34 -10.52 -1.09 -12.68
CA SER A 34 -10.19 0.27 -12.27
C SER A 34 -10.01 1.18 -13.48
N GLY A 35 -9.12 0.78 -14.37
CA GLY A 35 -8.86 1.57 -15.57
C GLY A 35 -7.66 2.48 -15.44
N ALA A 36 -6.88 2.30 -14.37
CA ALA A 36 -5.71 3.11 -14.14
C ALA A 36 -4.43 2.30 -14.32
N ARG A 37 -3.51 2.80 -15.13
CA ARG A 37 -2.23 2.16 -15.41
C ARG A 37 -1.75 1.30 -14.24
N ILE A 38 -1.29 0.09 -14.54
CA ILE A 38 -0.80 -0.81 -13.50
C ILE A 38 0.41 -1.59 -13.99
N ASN A 39 1.60 -1.15 -13.59
CA ASN A 39 2.84 -1.80 -14.00
C ASN A 39 3.53 -2.46 -12.81
N ILE A 40 4.51 -3.30 -13.10
CA ILE A 40 5.26 -4.00 -12.05
C ILE A 40 6.77 -3.79 -12.21
N SER A 41 7.49 -3.83 -11.10
CA SER A 41 8.94 -3.64 -11.11
C SER A 41 9.66 -4.97 -11.28
N GLU A 42 10.99 -4.92 -11.20
CA GLU A 42 11.83 -6.11 -11.35
C GLU A 42 11.53 -7.13 -10.25
N GLY A 43 12.38 -8.14 -10.14
CA GLY A 43 12.20 -9.17 -9.14
C GLY A 43 11.14 -10.17 -9.52
N ASN A 44 9.88 -9.74 -9.45
CA ASN A 44 8.75 -10.61 -9.79
C ASN A 44 8.94 -11.98 -9.16
N CYS A 45 9.63 -12.01 -8.02
CA CYS A 45 9.89 -13.26 -7.33
C CYS A 45 10.03 -13.03 -5.83
N PRO A 46 11.11 -12.36 -5.40
CA PRO A 46 11.34 -12.07 -3.98
C PRO A 46 10.47 -10.91 -3.52
N GLU A 47 10.28 -9.97 -4.43
CA GLU A 47 9.48 -8.78 -4.16
C GLU A 47 8.75 -8.33 -5.42
N ARG A 48 7.71 -7.53 -5.23
CA ARG A 48 6.95 -7.02 -6.37
C ARG A 48 6.42 -5.62 -6.09
N ILE A 49 6.70 -4.70 -7.01
CA ILE A 49 6.25 -3.32 -6.88
C ILE A 49 5.25 -2.97 -7.98
N ILE A 50 3.97 -2.92 -7.62
CA ILE A 50 2.92 -2.61 -8.58
C ILE A 50 2.61 -1.13 -8.62
N THR A 51 3.10 -0.45 -9.66
CA THR A 51 2.86 0.98 -9.81
C THR A 51 1.51 1.22 -10.47
N LEU A 52 0.71 2.10 -9.85
CA LEU A 52 -0.61 2.41 -10.37
C LEU A 52 -0.72 3.89 -10.74
N ALA A 53 -1.23 4.17 -11.94
CA ALA A 53 -1.39 5.55 -12.39
C ALA A 53 -2.78 5.77 -12.96
N GLY A 54 -3.45 6.84 -12.52
CA GLY A 54 -4.79 7.11 -12.99
C GLY A 54 -5.59 7.98 -12.03
N PRO A 55 -6.72 8.56 -12.51
CA PRO A 55 -7.57 9.43 -11.70
C PRO A 55 -7.75 8.92 -10.27
N THR A 56 -8.19 9.81 -9.39
CA THR A 56 -8.41 9.47 -7.98
C THR A 56 -9.42 8.35 -7.85
N ASN A 57 -10.43 8.36 -8.72
CA ASN A 57 -11.48 7.35 -8.68
C ASN A 57 -10.95 5.99 -9.12
N ALA A 58 -10.30 5.96 -10.27
CA ALA A 58 -9.73 4.72 -10.80
C ALA A 58 -8.75 4.11 -9.81
N ILE A 59 -7.97 4.97 -9.16
CA ILE A 59 -6.99 4.51 -8.19
C ILE A 59 -7.66 3.89 -6.97
N PHE A 60 -8.75 4.49 -6.54
CA PHE A 60 -9.50 4.01 -5.38
C PHE A 60 -10.10 2.63 -5.66
N LYS A 61 -10.67 2.48 -6.85
CA LYS A 61 -11.29 1.21 -7.23
C LYS A 61 -10.28 0.07 -7.20
N ALA A 62 -9.13 0.29 -7.83
CA ALA A 62 -8.08 -0.72 -7.87
C ALA A 62 -7.63 -1.11 -6.47
N PHE A 63 -7.21 -0.12 -5.69
CA PHE A 63 -6.77 -0.37 -4.32
C PHE A 63 -7.85 -1.05 -3.49
N ALA A 64 -9.10 -0.70 -3.76
CA ALA A 64 -10.23 -1.27 -3.05
C ALA A 64 -10.33 -2.78 -3.29
N MET A 65 -10.12 -3.19 -4.53
CA MET A 65 -10.18 -4.60 -4.90
C MET A 65 -8.98 -5.36 -4.33
N ILE A 66 -7.84 -4.71 -4.32
CA ILE A 66 -6.61 -5.33 -3.81
C ILE A 66 -6.75 -5.65 -2.32
N ILE A 67 -7.21 -4.68 -1.54
CA ILE A 67 -7.39 -4.87 -0.10
C ILE A 67 -8.40 -5.98 0.18
N ASP A 68 -9.47 -6.00 -0.61
CA ASP A 68 -10.52 -7.00 -0.45
C ASP A 68 -9.95 -8.40 -0.66
N LYS A 69 -9.07 -8.54 -1.65
CA LYS A 69 -8.45 -9.83 -1.95
C LYS A 69 -7.65 -10.32 -0.76
N LEU A 70 -6.93 -9.39 -0.12
CA LEU A 70 -6.12 -9.72 1.05
C LEU A 70 -7.00 -9.93 2.28
N GLU A 71 -8.17 -9.29 2.27
CA GLU A 71 -9.11 -9.40 3.38
C GLU A 71 -9.85 -10.73 3.32
N GLU A 72 -10.12 -11.19 2.10
CA GLU A 72 -10.82 -12.45 1.90
C GLU A 72 -9.93 -13.63 2.25
N ASP A 73 -8.64 -13.51 1.91
CA ASP A 73 -7.68 -14.56 2.18
C ASP A 73 -7.60 -14.86 3.68
N ILE A 74 -7.79 -13.83 4.49
CA ILE A 74 -7.75 -13.99 5.94
C ILE A 74 -8.93 -14.81 6.44
N SER A 75 -10.10 -14.54 5.87
CA SER A 75 -11.31 -15.26 6.26
C SER A 75 -11.64 -16.37 5.27
N SER A 76 -10.59 -16.94 4.67
CA SER A 76 -10.76 -18.02 3.71
C SER A 76 -10.52 -19.38 4.35
N SER A 77 -9.63 -19.40 5.34
CA SER A 77 -9.30 -20.64 6.04
C SER A 77 -8.56 -20.36 7.34
N MET A 78 -8.87 -21.12 8.37
CA MET A 78 -8.23 -20.95 9.67
C MET A 78 -8.25 -22.25 10.47
N THR A 79 -7.06 -22.79 10.73
CA THR A 79 -6.94 -24.05 11.47
C THR A 79 -7.27 -23.83 12.94
N ASN A 80 -6.45 -23.05 13.63
CA ASN A 80 -6.65 -22.76 15.04
C ASN A 80 -6.27 -21.33 15.37
N SER A 81 -6.66 -20.87 16.56
CA SER A 81 -6.35 -19.52 16.99
C SER A 81 -5.09 -19.49 17.85
N THR A 82 -5.22 -19.86 19.11
CA THR A 82 -4.10 -19.88 20.03
C THR A 82 -3.30 -18.59 19.96
N ALA A 83 -3.70 -17.60 20.77
CA ALA A 83 -3.02 -16.31 20.78
C ALA A 83 -3.10 -15.63 19.43
N ALA A 84 -2.27 -14.61 19.23
CA ALA A 84 -2.26 -13.86 17.97
C ALA A 84 -0.92 -13.15 17.79
N SER A 85 0.01 -13.80 17.12
CA SER A 85 1.33 -13.24 16.87
C SER A 85 1.27 -12.12 15.82
N ARG A 86 0.29 -12.23 14.92
CA ARG A 86 0.12 -11.23 13.87
C ARG A 86 -1.35 -10.83 13.72
N PRO A 87 -1.94 -10.22 14.77
CA PRO A 87 -3.34 -9.80 14.74
C PRO A 87 -3.65 -8.81 13.61
N PRO A 88 -2.80 -7.79 13.41
CA PRO A 88 -3.00 -6.79 12.36
C PRO A 88 -2.58 -7.28 10.99
N VAL A 89 -2.42 -6.35 10.05
CA VAL A 89 -2.02 -6.66 8.69
C VAL A 89 -1.04 -5.61 8.19
N THR A 90 0.14 -6.05 7.79
CA THR A 90 1.17 -5.15 7.29
C THR A 90 1.27 -5.20 5.77
N LEU A 91 1.49 -4.03 5.18
CA LEU A 91 1.64 -3.89 3.75
C LEU A 91 2.74 -2.90 3.54
N ARG A 92 3.37 -2.90 2.39
CA ARG A 92 4.44 -1.95 2.17
C ARG A 92 4.16 -1.10 0.94
N LEU A 93 3.94 0.19 1.19
CA LEU A 93 3.65 1.13 0.11
C LEU A 93 4.90 1.95 -0.24
N VAL A 94 5.05 2.27 -1.52
CA VAL A 94 6.19 3.04 -1.98
C VAL A 94 5.79 4.47 -2.30
N VAL A 95 6.65 5.41 -1.91
CA VAL A 95 6.39 6.83 -2.14
C VAL A 95 7.68 7.60 -2.35
N PRO A 96 7.61 8.77 -3.01
CA PRO A 96 8.81 9.60 -3.27
C PRO A 96 9.39 10.17 -1.99
N ALA A 97 10.62 10.70 -2.10
CA ALA A 97 11.30 11.27 -0.94
C ALA A 97 10.53 12.45 -0.37
N SER A 98 9.88 13.21 -1.24
CA SER A 98 9.11 14.36 -0.82
C SER A 98 7.88 13.90 -0.05
N GLN A 99 7.38 12.72 -0.41
CA GLN A 99 6.21 12.17 0.24
C GLN A 99 6.52 11.79 1.69
N CYS A 100 7.60 11.04 1.88
CA CYS A 100 8.01 10.63 3.21
C CYS A 100 8.54 11.81 4.02
N GLY A 101 9.27 12.70 3.34
CA GLY A 101 9.81 13.86 4.00
C GLY A 101 8.76 14.67 4.72
N SER A 102 7.68 15.00 4.01
CA SER A 102 6.59 15.77 4.59
C SER A 102 5.72 14.90 5.49
N LEU A 103 5.33 13.73 4.99
CA LEU A 103 4.49 12.82 5.75
C LEU A 103 5.10 12.54 7.13
N ILE A 104 6.42 12.67 7.24
CA ILE A 104 7.10 12.45 8.50
C ILE A 104 7.25 13.75 9.27
N GLY A 105 7.49 14.85 8.56
CA GLY A 105 7.66 16.13 9.22
C GLY A 105 8.97 16.24 9.97
N LYS A 106 9.20 17.39 10.59
CA LYS A 106 10.42 17.62 11.36
C LYS A 106 10.46 16.74 12.60
N GLY A 107 11.52 15.95 12.72
CA GLY A 107 11.67 15.07 13.87
C GLY A 107 10.60 14.00 13.93
N GLY A 108 9.94 13.75 12.80
CA GLY A 108 8.89 12.75 12.75
C GLY A 108 7.70 13.09 13.63
N CYS A 109 7.64 14.34 14.07
CA CYS A 109 6.55 14.80 14.93
C CYS A 109 5.19 14.50 14.31
N LYS A 110 5.01 14.88 13.06
CA LYS A 110 3.75 14.65 12.36
C LYS A 110 3.38 13.18 12.35
N ILE A 111 4.24 12.36 11.74
CA ILE A 111 4.00 10.92 11.67
C ILE A 111 3.80 10.31 13.05
N LYS A 112 4.38 10.93 14.07
CA LYS A 112 4.26 10.44 15.44
C LYS A 112 2.82 10.51 15.91
N GLU A 113 2.18 11.66 15.68
CA GLU A 113 0.79 11.86 16.10
C GLU A 113 -0.17 11.08 15.21
N ILE A 114 0.05 11.15 13.89
CA ILE A 114 -0.80 10.46 12.95
C ILE A 114 -0.73 8.95 13.15
N ARG A 115 0.49 8.42 13.20
CA ARG A 115 0.70 6.99 13.40
C ARG A 115 0.19 6.54 14.76
N GLU A 116 0.42 7.35 15.78
CA GLU A 116 -0.01 7.04 17.14
C GLU A 116 -1.51 6.75 17.20
N SER A 117 -2.32 7.72 16.77
CA SER A 117 -3.77 7.55 16.80
C SER A 117 -4.27 6.63 15.70
N THR A 118 -3.73 6.80 14.50
CA THR A 118 -4.12 5.97 13.37
C THR A 118 -4.09 4.49 13.76
N GLY A 119 -3.26 4.17 14.76
CA GLY A 119 -3.15 2.79 15.21
C GLY A 119 -2.26 1.95 14.33
N ALA A 120 -1.82 2.50 13.20
CA ALA A 120 -0.96 1.77 12.28
C ALA A 120 0.48 2.27 12.37
N GLN A 121 1.43 1.34 12.37
CA GLN A 121 2.85 1.70 12.45
C GLN A 121 3.48 1.76 11.07
N VAL A 122 4.41 2.69 10.89
CA VAL A 122 5.10 2.87 9.62
C VAL A 122 6.47 2.20 9.64
N GLN A 123 6.89 1.68 8.48
CA GLN A 123 8.20 1.00 8.39
C GLN A 123 8.94 1.33 7.10
N VAL A 124 10.11 1.95 7.24
CA VAL A 124 10.91 2.31 6.08
C VAL A 124 12.00 1.26 5.82
N ALA A 125 11.90 0.61 4.66
CA ALA A 125 12.85 -0.43 4.28
C ALA A 125 14.14 0.16 3.70
N GLY A 126 15.27 -0.37 4.16
CA GLY A 126 16.55 0.09 3.68
C GLY A 126 16.71 1.60 3.73
N ASP A 127 17.87 2.09 3.26
CA ASP A 127 18.15 3.52 3.25
C ASP A 127 19.60 3.76 2.81
N MET A 128 20.03 3.01 1.80
CA MET A 128 21.39 3.14 1.29
C MET A 128 21.70 4.57 0.85
N LEU A 129 22.97 4.86 0.62
CA LEU A 129 23.38 6.19 0.19
C LEU A 129 22.97 7.24 1.23
N PRO A 130 23.55 8.45 1.15
CA PRO A 130 23.23 9.55 2.07
C PRO A 130 21.72 9.78 2.19
N ASN A 131 20.98 9.39 1.15
CA ASN A 131 19.54 9.56 1.13
C ASN A 131 18.97 9.11 -0.20
N SER A 132 18.34 7.93 -0.20
CA SER A 132 17.75 7.38 -1.41
C SER A 132 16.71 8.33 -2.00
N THR A 133 16.02 7.87 -3.04
CA THR A 133 15.00 8.67 -3.69
C THR A 133 13.61 8.16 -3.34
N GLU A 134 13.31 6.93 -3.76
CA GLU A 134 12.02 6.32 -3.47
C GLU A 134 12.12 5.47 -2.21
N ARG A 135 11.12 5.59 -1.34
CA ARG A 135 11.12 4.83 -0.09
C ARG A 135 9.87 3.96 0.00
N ALA A 136 9.87 3.02 0.95
CA ALA A 136 8.75 2.13 1.16
C ALA A 136 8.35 2.10 2.64
N ILE A 137 7.14 2.56 2.93
CA ILE A 137 6.64 2.58 4.29
C ILE A 137 5.69 1.42 4.54
N THR A 138 5.92 0.66 5.62
CA THR A 138 5.07 -0.47 5.92
C THR A 138 4.03 -0.08 6.96
N ILE A 139 2.76 -0.27 6.61
CA ILE A 139 1.66 0.06 7.51
C ILE A 139 1.02 -1.20 8.07
N ALA A 140 1.08 -1.35 9.39
CA ALA A 140 0.52 -2.51 10.05
C ALA A 140 -0.59 -2.12 11.02
N GLY A 141 -1.76 -2.73 10.85
CA GLY A 141 -2.89 -2.42 11.72
C GLY A 141 -4.17 -3.05 11.25
N ILE A 142 -5.30 -2.44 11.59
CA ILE A 142 -6.61 -2.96 11.20
C ILE A 142 -7.01 -2.41 9.83
N PRO A 143 -7.69 -3.23 8.99
CA PRO A 143 -8.11 -2.80 7.67
C PRO A 143 -8.82 -1.45 7.72
N GLN A 144 -9.49 -1.19 8.83
CA GLN A 144 -10.20 0.07 9.02
C GLN A 144 -9.18 1.18 9.25
N SER A 145 -8.08 0.84 9.92
CA SER A 145 -7.03 1.78 10.22
C SER A 145 -6.29 2.19 8.94
N ILE A 146 -5.88 1.19 8.16
CA ILE A 146 -5.16 1.44 6.92
C ILE A 146 -6.00 2.30 5.97
N ILE A 147 -7.28 1.97 5.84
CA ILE A 147 -8.18 2.72 4.97
C ILE A 147 -8.33 4.15 5.48
N GLU A 148 -8.22 4.34 6.78
CA GLU A 148 -8.35 5.66 7.39
C GLU A 148 -7.13 6.52 7.11
N CYS A 149 -5.94 5.92 7.24
CA CYS A 149 -4.70 6.65 7.00
C CYS A 149 -4.49 6.92 5.51
N VAL A 150 -4.76 5.92 4.68
CA VAL A 150 -4.60 6.08 3.24
C VAL A 150 -5.50 7.18 2.70
N LYS A 151 -6.71 7.28 3.26
CA LYS A 151 -7.66 8.31 2.84
C LYS A 151 -7.21 9.68 3.29
N GLN A 152 -6.56 9.73 4.45
CA GLN A 152 -6.08 10.99 5.01
C GLN A 152 -4.96 11.58 4.15
N ILE A 153 -3.97 10.74 3.83
CA ILE A 153 -2.83 11.19 3.02
C ILE A 153 -3.28 11.52 1.60
N CYS A 154 -4.27 10.78 1.11
CA CYS A 154 -4.78 11.00 -0.24
C CYS A 154 -5.44 12.37 -0.36
N VAL A 155 -6.31 12.69 0.60
CA VAL A 155 -7.00 13.97 0.61
C VAL A 155 -6.03 15.13 0.80
N VAL A 156 -4.96 14.89 1.57
CA VAL A 156 -3.96 15.92 1.82
C VAL A 156 -3.13 16.18 0.57
N MET A 157 -2.71 15.12 -0.10
CA MET A 157 -1.91 15.24 -1.31
C MET A 157 -2.67 16.03 -2.38
N LEU A 158 -3.98 15.89 -2.40
CA LEU A 158 -4.82 16.58 -3.37
C LEU A 158 -4.91 18.07 -3.03
N GLU A 159 -5.20 18.37 -1.76
CA GLU A 159 -5.32 19.75 -1.31
C GLU A 159 -3.96 20.43 -1.19
N THR A 160 -2.90 19.68 -1.47
CA THR A 160 -1.55 20.19 -1.41
C THR A 160 -0.77 19.80 -2.66
N LYS A 1 -14.73 10.58 -12.34
CA LYS A 1 -13.30 10.91 -12.59
C LYS A 1 -13.03 12.39 -12.32
N ASN A 2 -12.46 12.68 -11.16
CA ASN A 2 -12.15 14.06 -10.78
C ASN A 2 -10.65 14.33 -10.92
N VAL A 3 -9.88 13.87 -9.94
CA VAL A 3 -8.43 14.05 -9.94
C VAL A 3 -7.71 12.72 -10.09
N THR A 4 -6.51 12.76 -10.68
CA THR A 4 -5.72 11.56 -10.88
C THR A 4 -4.57 11.49 -9.87
N LEU A 5 -4.28 10.27 -9.40
CA LEU A 5 -3.22 10.07 -8.43
C LEU A 5 -2.37 8.86 -8.78
N THR A 6 -1.31 8.65 -8.01
CA THR A 6 -0.41 7.51 -8.23
C THR A 6 0.07 6.94 -6.90
N ILE A 7 0.06 5.61 -6.79
CA ILE A 7 0.50 4.95 -5.58
C ILE A 7 1.30 3.69 -5.90
N ARG A 8 2.17 3.29 -4.97
CA ARG A 8 2.99 2.11 -5.15
C ARG A 8 2.99 1.24 -3.89
N LEU A 9 2.69 -0.04 -4.06
CA LEU A 9 2.66 -0.96 -2.93
C LEU A 9 3.75 -2.02 -3.07
N LEU A 10 4.28 -2.47 -1.94
CA LEU A 10 5.33 -3.48 -1.93
C LEU A 10 4.77 -4.85 -1.56
N MET A 11 4.66 -5.72 -2.57
CA MET A 11 4.13 -7.06 -2.35
C MET A 11 5.21 -8.11 -2.52
N HIS A 12 5.14 -9.16 -1.71
CA HIS A 12 6.12 -10.24 -1.78
C HIS A 12 5.85 -11.15 -2.97
N GLY A 13 6.81 -12.02 -3.28
CA GLY A 13 6.65 -12.92 -4.40
C GLY A 13 5.45 -13.83 -4.26
N LYS A 14 5.15 -14.23 -3.02
CA LYS A 14 4.01 -15.12 -2.77
C LYS A 14 2.69 -14.35 -2.77
N GLU A 15 2.64 -13.27 -2.00
CA GLU A 15 1.44 -12.45 -1.91
C GLU A 15 1.10 -11.83 -3.26
N VAL A 16 2.14 -11.50 -4.02
CA VAL A 16 1.95 -10.90 -5.33
C VAL A 16 1.41 -11.93 -6.32
N GLY A 17 1.89 -13.16 -6.21
CA GLY A 17 1.43 -14.21 -7.11
C GLY A 17 -0.06 -14.50 -6.95
N SER A 18 -0.55 -14.39 -5.72
CA SER A 18 -1.96 -14.65 -5.43
C SER A 18 -2.83 -13.49 -5.90
N ILE A 19 -2.31 -12.27 -5.80
CA ILE A 19 -3.07 -11.11 -6.21
C ILE A 19 -3.02 -10.93 -7.73
N ILE A 20 -1.90 -11.32 -8.35
CA ILE A 20 -1.75 -11.20 -9.79
C ILE A 20 -2.74 -12.13 -10.48
N GLY A 21 -2.64 -13.42 -10.18
CA GLY A 21 -3.52 -14.39 -10.75
C GLY A 21 -2.91 -15.14 -11.91
N LYS A 22 -3.36 -16.35 -12.08
CA LYS A 22 -2.88 -17.23 -13.14
C LYS A 22 -3.18 -16.64 -14.51
N LYS A 23 -2.28 -16.90 -15.46
CA LYS A 23 -2.43 -16.42 -16.83
C LYS A 23 -2.68 -14.91 -16.90
N GLY A 24 -2.35 -14.20 -15.82
CA GLY A 24 -2.54 -12.76 -15.78
C GLY A 24 -3.93 -12.30 -16.18
N GLU A 25 -4.89 -13.24 -16.23
CA GLU A 25 -6.26 -12.88 -16.59
C GLU A 25 -6.94 -12.23 -15.40
N SER A 26 -6.46 -12.56 -14.20
CA SER A 26 -7.00 -12.00 -12.97
C SER A 26 -6.52 -10.56 -12.80
N VAL A 27 -5.26 -10.30 -13.11
CA VAL A 27 -4.73 -8.94 -13.00
C VAL A 27 -5.41 -8.07 -14.04
N LYS A 28 -5.85 -8.71 -15.13
CA LYS A 28 -6.56 -8.02 -16.19
C LYS A 28 -7.90 -7.56 -15.64
N LYS A 29 -8.49 -8.41 -14.80
CA LYS A 29 -9.76 -8.11 -14.17
C LYS A 29 -9.64 -6.84 -13.34
N MET A 30 -8.52 -6.71 -12.63
CA MET A 30 -8.27 -5.54 -11.80
C MET A 30 -8.28 -4.27 -12.64
N ARG A 31 -7.56 -4.32 -13.75
CA ARG A 31 -7.50 -3.18 -14.67
C ARG A 31 -8.89 -2.74 -15.10
N GLU A 32 -9.70 -3.70 -15.57
CA GLU A 32 -11.04 -3.42 -16.04
C GLU A 32 -11.97 -2.91 -14.93
N GLU A 33 -11.85 -3.47 -13.74
CA GLU A 33 -12.71 -3.06 -12.62
C GLU A 33 -12.31 -1.71 -12.05
N SER A 34 -11.01 -1.42 -12.03
CA SER A 34 -10.53 -0.15 -11.50
C SER A 34 -10.44 0.90 -12.60
N GLY A 35 -9.70 0.58 -13.65
CA GLY A 35 -9.52 1.50 -14.76
C GLY A 35 -8.29 2.37 -14.58
N ALA A 36 -7.50 2.08 -13.55
CA ALA A 36 -6.29 2.84 -13.27
C ALA A 36 -5.05 1.98 -13.53
N ARG A 37 -4.12 2.52 -14.33
CA ARG A 37 -2.86 1.86 -14.66
C ARG A 37 -2.42 0.88 -13.56
N ILE A 38 -1.97 -0.30 -13.96
CA ILE A 38 -1.50 -1.28 -12.98
C ILE A 38 -0.28 -2.02 -13.53
N ASN A 39 0.90 -1.63 -13.07
CA ASN A 39 2.14 -2.26 -13.50
C ASN A 39 2.91 -2.84 -12.32
N ILE A 40 3.16 -4.15 -12.36
CA ILE A 40 3.88 -4.83 -11.29
C ILE A 40 5.29 -5.21 -11.72
N SER A 41 6.28 -4.81 -10.92
CA SER A 41 7.68 -5.12 -11.21
C SER A 41 8.59 -4.52 -10.15
N GLU A 42 9.90 -4.64 -10.38
CA GLU A 42 10.89 -4.11 -9.44
C GLU A 42 10.78 -4.79 -8.09
N GLY A 43 11.72 -4.50 -7.20
CA GLY A 43 11.71 -5.09 -5.87
C GLY A 43 13.10 -5.26 -5.29
N ASN A 44 13.82 -6.27 -5.76
CA ASN A 44 15.15 -6.54 -5.24
C ASN A 44 15.10 -6.68 -3.72
N CYS A 45 13.92 -7.04 -3.21
CA CYS A 45 13.71 -7.20 -1.79
C CYS A 45 12.42 -7.98 -1.52
N PRO A 46 11.27 -7.40 -1.88
CA PRO A 46 9.98 -8.06 -1.69
C PRO A 46 9.72 -9.09 -2.78
N GLU A 47 10.22 -8.78 -3.98
CA GLU A 47 10.09 -9.63 -5.17
C GLU A 47 9.22 -8.95 -6.22
N ARG A 48 8.20 -8.22 -5.77
CA ARG A 48 7.30 -7.52 -6.68
C ARG A 48 6.82 -6.21 -6.09
N ILE A 49 6.43 -5.29 -6.97
CA ILE A 49 5.92 -3.99 -6.56
C ILE A 49 4.76 -3.56 -7.44
N ILE A 50 3.59 -3.37 -6.84
CA ILE A 50 2.40 -2.98 -7.58
C ILE A 50 2.31 -1.47 -7.76
N THR A 51 2.35 -1.03 -9.02
CA THR A 51 2.27 0.39 -9.32
C THR A 51 0.91 0.72 -9.95
N LEU A 52 0.03 1.29 -9.14
CA LEU A 52 -1.30 1.66 -9.61
C LEU A 52 -1.41 3.17 -9.82
N ALA A 53 -1.80 3.57 -11.03
CA ALA A 53 -1.95 4.99 -11.35
C ALA A 53 -3.33 5.25 -11.93
N GLY A 54 -4.02 6.27 -11.42
CA GLY A 54 -5.35 6.56 -11.92
C GLY A 54 -6.20 7.34 -10.93
N PRO A 55 -7.33 7.90 -11.40
CA PRO A 55 -8.24 8.68 -10.58
C PRO A 55 -8.47 8.07 -9.20
N THR A 56 -8.91 8.90 -8.26
CA THR A 56 -9.16 8.45 -6.89
C THR A 56 -10.19 7.34 -6.84
N ASN A 57 -11.20 7.42 -7.72
CA ASN A 57 -12.26 6.42 -7.76
C ASN A 57 -11.72 5.08 -8.26
N ALA A 58 -11.05 5.10 -9.40
CA ALA A 58 -10.49 3.88 -9.98
C ALA A 58 -9.54 3.21 -9.01
N ILE A 59 -8.78 4.02 -8.28
CA ILE A 59 -7.82 3.50 -7.32
C ILE A 59 -8.52 2.77 -6.17
N PHE A 60 -9.64 3.32 -5.73
CA PHE A 60 -10.41 2.72 -4.64
C PHE A 60 -10.93 1.34 -5.04
N LYS A 61 -11.47 1.23 -6.24
CA LYS A 61 -12.00 -0.04 -6.74
C LYS A 61 -10.91 -1.11 -6.72
N ALA A 62 -9.78 -0.81 -7.34
CA ALA A 62 -8.66 -1.75 -7.39
C ALA A 62 -8.16 -2.08 -5.99
N PHE A 63 -8.04 -1.06 -5.15
CA PHE A 63 -7.56 -1.26 -3.77
C PHE A 63 -8.51 -2.17 -3.00
N ALA A 64 -9.81 -2.04 -3.27
CA ALA A 64 -10.81 -2.85 -2.59
C ALA A 64 -10.70 -4.31 -2.97
N MET A 65 -10.41 -4.57 -4.24
CA MET A 65 -10.29 -5.93 -4.74
C MET A 65 -8.95 -6.55 -4.31
N ILE A 66 -7.90 -5.73 -4.36
CA ILE A 66 -6.57 -6.19 -3.98
C ILE A 66 -6.54 -6.62 -2.51
N ILE A 67 -7.05 -5.76 -1.64
CA ILE A 67 -7.08 -6.06 -0.21
C ILE A 67 -7.99 -7.25 0.07
N ASP A 68 -9.12 -7.31 -0.62
CA ASP A 68 -10.07 -8.40 -0.44
C ASP A 68 -9.49 -9.70 -1.00
N LYS A 69 -8.65 -9.57 -2.02
CA LYS A 69 -8.02 -10.73 -2.64
C LYS A 69 -7.09 -11.41 -1.64
N LEU A 70 -6.44 -10.58 -0.82
CA LEU A 70 -5.51 -11.08 0.19
C LEU A 70 -6.29 -11.64 1.38
N GLU A 71 -7.46 -11.07 1.64
CA GLU A 71 -8.30 -11.51 2.74
C GLU A 71 -9.02 -12.80 2.40
N GLU A 72 -9.37 -12.96 1.12
CA GLU A 72 -10.06 -14.15 0.66
C GLU A 72 -9.12 -15.35 0.63
N ASP A 73 -7.87 -15.10 0.23
CA ASP A 73 -6.87 -16.16 0.13
C ASP A 73 -6.43 -16.63 1.52
N ILE A 74 -6.06 -15.68 2.38
CA ILE A 74 -5.61 -16.01 3.73
C ILE A 74 -6.64 -16.86 4.47
N SER A 75 -7.91 -16.50 4.34
CA SER A 75 -8.99 -17.24 5.00
C SER A 75 -10.32 -16.96 4.33
N SER A 76 -10.88 -17.98 3.69
CA SER A 76 -12.17 -17.83 3.02
C SER A 76 -12.57 -19.15 2.34
N SER A 77 -11.66 -19.70 1.55
CA SER A 77 -11.92 -20.95 0.84
C SER A 77 -10.73 -21.90 0.96
N MET A 78 -9.99 -21.79 2.06
CA MET A 78 -8.84 -22.64 2.29
C MET A 78 -8.93 -23.35 3.64
N THR A 79 -9.35 -22.61 4.65
CA THR A 79 -9.50 -23.16 6.00
C THR A 79 -10.83 -23.87 6.16
N ASN A 80 -11.80 -23.51 5.32
CA ASN A 80 -13.13 -24.11 5.37
C ASN A 80 -13.88 -23.68 6.63
N SER A 81 -13.38 -24.11 7.78
CA SER A 81 -14.00 -23.76 9.06
C SER A 81 -13.10 -24.17 10.23
N THR A 82 -11.86 -23.68 10.22
CA THR A 82 -10.91 -23.99 11.28
C THR A 82 -10.12 -22.76 11.69
N ALA A 83 -10.80 -21.60 11.69
CA ALA A 83 -10.16 -20.35 12.06
C ALA A 83 -11.20 -19.32 12.51
N ALA A 84 -10.77 -18.38 13.33
CA ALA A 84 -11.66 -17.33 13.82
C ALA A 84 -10.90 -16.25 14.59
N SER A 85 -9.69 -15.95 14.11
CA SER A 85 -8.85 -14.94 14.74
C SER A 85 -8.55 -13.80 13.78
N ARG A 86 -8.12 -14.15 12.57
CA ARG A 86 -7.79 -13.16 11.55
C ARG A 86 -6.61 -12.30 11.99
N PRO A 87 -5.50 -12.32 11.22
CA PRO A 87 -4.30 -11.54 11.54
C PRO A 87 -4.49 -10.06 11.25
N PRO A 88 -3.53 -9.22 11.69
CA PRO A 88 -3.60 -7.76 11.48
C PRO A 88 -3.54 -7.40 10.00
N VAL A 89 -3.32 -6.12 9.71
CA VAL A 89 -3.24 -5.66 8.33
C VAL A 89 -1.93 -4.92 8.06
N THR A 90 -1.02 -5.59 7.38
CA THR A 90 0.28 -5.01 7.05
C THR A 90 0.35 -4.69 5.56
N LEU A 91 0.69 -3.46 5.24
CA LEU A 91 0.81 -3.02 3.86
C LEU A 91 2.02 -2.12 3.77
N ARG A 92 3.00 -2.53 3.00
CA ARG A 92 4.19 -1.73 2.89
C ARG A 92 4.17 -0.98 1.57
N LEU A 93 4.04 0.33 1.67
CA LEU A 93 4.00 1.19 0.48
C LEU A 93 5.30 1.97 0.32
N VAL A 94 5.64 2.27 -0.93
CA VAL A 94 6.85 3.03 -1.24
C VAL A 94 6.53 4.51 -1.37
N VAL A 95 7.46 5.35 -0.94
CA VAL A 95 7.28 6.80 -1.01
C VAL A 95 8.59 7.52 -1.35
N PRO A 96 8.51 8.62 -2.12
CA PRO A 96 9.70 9.37 -2.54
C PRO A 96 10.40 10.02 -1.34
N ALA A 97 11.63 10.49 -1.56
CA ALA A 97 12.41 11.11 -0.50
C ALA A 97 11.84 12.46 -0.09
N SER A 98 11.48 13.28 -1.08
CA SER A 98 10.90 14.58 -0.82
C SER A 98 9.55 14.41 -0.14
N GLN A 99 8.88 13.32 -0.49
CA GLN A 99 7.58 13.02 0.07
C GLN A 99 7.72 12.54 1.51
N CYS A 100 8.72 11.71 1.75
CA CYS A 100 8.98 11.18 3.09
C CYS A 100 9.40 12.31 4.02
N GLY A 101 10.24 13.20 3.51
CA GLY A 101 10.71 14.32 4.30
C GLY A 101 9.57 15.19 4.78
N SER A 102 8.69 15.60 3.85
CA SER A 102 7.55 16.44 4.20
C SER A 102 6.53 15.64 5.01
N LEU A 103 6.38 14.37 4.67
CA LEU A 103 5.44 13.50 5.37
C LEU A 103 5.78 13.44 6.85
N ILE A 104 7.06 13.63 7.16
CA ILE A 104 7.53 13.60 8.54
C ILE A 104 7.29 14.96 9.21
N GLY A 105 7.52 16.04 8.47
CA GLY A 105 7.32 17.36 9.02
C GLY A 105 8.45 17.79 9.92
N LYS A 106 8.31 18.98 10.52
CA LYS A 106 9.32 19.51 11.41
C LYS A 106 9.44 18.66 12.68
N GLY A 107 10.62 18.08 12.88
CA GLY A 107 10.84 17.26 14.06
C GLY A 107 9.96 16.03 14.11
N GLY A 108 9.35 15.69 12.97
CA GLY A 108 8.49 14.53 12.92
C GLY A 108 7.16 14.74 13.63
N CYS A 109 6.92 15.97 14.10
CA CYS A 109 5.71 16.29 14.81
C CYS A 109 4.46 15.90 14.01
N LYS A 110 4.51 16.12 12.69
CA LYS A 110 3.38 15.81 11.82
C LYS A 110 3.12 14.31 11.79
N ILE A 111 4.06 13.55 11.25
CA ILE A 111 3.92 12.10 11.15
C ILE A 111 3.62 11.48 12.51
N LYS A 112 4.20 12.04 13.55
CA LYS A 112 3.99 11.53 14.91
C LYS A 112 2.52 11.58 15.29
N GLU A 113 1.86 12.69 14.97
CA GLU A 113 0.44 12.86 15.29
C GLU A 113 -0.43 12.01 14.37
N ILE A 114 -0.07 11.95 13.09
CA ILE A 114 -0.84 11.17 12.11
C ILE A 114 -0.99 9.73 12.57
N ARG A 115 0.12 9.07 12.87
CA ARG A 115 0.10 7.69 13.31
C ARG A 115 -0.48 7.57 14.71
N GLU A 116 -0.27 8.59 15.53
CA GLU A 116 -0.77 8.61 16.89
C GLU A 116 -2.29 8.40 16.92
N SER A 117 -3.01 9.17 16.12
CA SER A 117 -4.47 9.06 16.07
C SER A 117 -4.93 8.04 15.05
N THR A 118 -4.22 7.97 13.92
CA THR A 118 -4.57 7.01 12.88
C THR A 118 -4.73 5.61 13.47
N GLY A 119 -4.04 5.37 14.58
CA GLY A 119 -4.12 4.07 15.23
C GLY A 119 -3.18 3.04 14.63
N ALA A 120 -2.60 3.37 13.48
CA ALA A 120 -1.68 2.45 12.81
C ALA A 120 -0.24 2.91 12.99
N GLN A 121 0.69 1.96 12.90
CA GLN A 121 2.11 2.26 13.05
C GLN A 121 2.83 2.25 11.71
N VAL A 122 3.55 3.32 11.42
CA VAL A 122 4.29 3.44 10.16
C VAL A 122 5.76 3.09 10.37
N GLN A 123 6.33 2.35 9.42
CA GLN A 123 7.74 1.97 9.51
C GLN A 123 8.54 2.41 8.30
N VAL A 124 9.51 3.29 8.53
CA VAL A 124 10.35 3.79 7.46
C VAL A 124 11.73 3.14 7.47
N ALA A 125 12.16 2.66 6.31
CA ALA A 125 13.46 2.02 6.19
C ALA A 125 14.59 3.02 6.35
N GLY A 126 15.78 2.54 6.66
CA GLY A 126 16.92 3.41 6.84
C GLY A 126 17.37 4.05 5.55
N ASP A 127 18.32 4.98 5.65
CA ASP A 127 18.84 5.67 4.48
C ASP A 127 20.29 6.08 4.69
N MET A 128 20.58 6.66 5.86
CA MET A 128 21.92 7.10 6.18
C MET A 128 22.40 8.19 5.23
N LEU A 129 22.18 9.44 5.60
CA LEU A 129 22.59 10.57 4.78
C LEU A 129 21.93 10.51 3.40
N PRO A 130 21.94 11.64 2.66
CA PRO A 130 21.34 11.71 1.32
C PRO A 130 21.93 10.66 0.38
N ASN A 131 21.29 9.50 0.33
CA ASN A 131 21.74 8.41 -0.54
C ASN A 131 20.58 7.81 -1.31
N SER A 132 19.69 7.13 -0.58
CA SER A 132 18.53 6.50 -1.18
C SER A 132 17.62 7.53 -1.83
N THR A 133 16.68 7.07 -2.65
CA THR A 133 15.75 7.96 -3.33
C THR A 133 14.32 7.76 -2.80
N GLU A 134 13.91 6.50 -2.69
CA GLU A 134 12.58 6.18 -2.21
C GLU A 134 12.66 5.27 -0.98
N ARG A 135 11.80 5.53 0.00
CA ARG A 135 11.77 4.74 1.22
C ARG A 135 10.51 3.87 1.29
N ALA A 136 10.44 3.01 2.29
CA ALA A 136 9.30 2.12 2.47
C ALA A 136 8.66 2.31 3.83
N ILE A 137 7.36 2.57 3.84
CA ILE A 137 6.62 2.77 5.08
C ILE A 137 5.76 1.55 5.39
N THR A 138 5.93 0.98 6.59
CA THR A 138 5.14 -0.20 6.96
C THR A 138 3.97 0.21 7.85
N ILE A 139 2.75 0.03 7.36
CA ILE A 139 1.56 0.38 8.11
C ILE A 139 0.84 -0.86 8.61
N ALA A 140 0.79 -1.02 9.93
CA ALA A 140 0.13 -2.16 10.54
C ALA A 140 -1.01 -1.70 11.44
N GLY A 141 -2.17 -2.33 11.29
CA GLY A 141 -3.32 -1.96 12.11
C GLY A 141 -4.62 -2.55 11.59
N ILE A 142 -5.72 -1.86 11.86
CA ILE A 142 -7.04 -2.30 11.43
C ILE A 142 -7.32 -1.86 10.00
N PRO A 143 -8.03 -2.68 9.19
CA PRO A 143 -8.33 -2.33 7.81
C PRO A 143 -8.90 -0.93 7.69
N GLN A 144 -9.66 -0.52 8.70
CA GLN A 144 -10.23 0.82 8.72
C GLN A 144 -9.15 1.85 8.98
N SER A 145 -8.16 1.47 9.79
CA SER A 145 -7.05 2.35 10.12
C SER A 145 -6.17 2.61 8.90
N ILE A 146 -5.76 1.53 8.23
CA ILE A 146 -4.92 1.64 7.05
C ILE A 146 -5.59 2.47 5.96
N ILE A 147 -6.86 2.18 5.70
CA ILE A 147 -7.60 2.91 4.67
C ILE A 147 -7.69 4.40 5.04
N GLU A 148 -8.02 4.68 6.29
CA GLU A 148 -8.13 6.05 6.76
C GLU A 148 -6.80 6.78 6.61
N CYS A 149 -5.71 6.06 6.81
CA CYS A 149 -4.37 6.64 6.69
C CYS A 149 -4.07 7.03 5.25
N VAL A 150 -4.45 6.16 4.32
CA VAL A 150 -4.23 6.41 2.89
C VAL A 150 -4.93 7.69 2.45
N LYS A 151 -6.13 7.92 3.00
CA LYS A 151 -6.90 9.12 2.66
C LYS A 151 -6.22 10.37 3.21
N GLN A 152 -5.57 10.22 4.37
CA GLN A 152 -4.89 11.34 5.01
C GLN A 152 -3.64 11.73 4.23
N ILE A 153 -2.85 10.73 3.85
CA ILE A 153 -1.63 10.96 3.10
C ILE A 153 -1.94 11.48 1.70
N CYS A 154 -3.03 11.01 1.13
CA CYS A 154 -3.45 11.42 -0.21
C CYS A 154 -3.78 12.91 -0.24
N VAL A 155 -4.65 13.34 0.68
CA VAL A 155 -5.05 14.74 0.75
C VAL A 155 -3.84 15.65 0.99
N VAL A 156 -2.86 15.14 1.74
CA VAL A 156 -1.65 15.91 2.04
C VAL A 156 -0.79 16.07 0.79
N MET A 157 -0.62 14.97 0.05
CA MET A 157 0.18 14.98 -1.17
C MET A 157 -0.38 15.98 -2.18
N LEU A 158 -1.69 16.13 -2.18
CA LEU A 158 -2.37 17.05 -3.10
C LEU A 158 -2.07 18.50 -2.72
N GLU A 159 -2.27 18.83 -1.44
CA GLU A 159 -2.04 20.18 -0.94
C GLU A 159 -0.55 20.47 -0.80
N THR A 160 0.26 19.49 -1.09
CA THR A 160 1.71 19.62 -1.01
C THR A 160 2.37 19.29 -2.35
N LYS A 1 -10.65 11.75 -13.23
CA LYS A 1 -11.00 12.97 -14.00
C LYS A 1 -10.48 14.23 -13.30
N ASN A 2 -10.96 14.47 -12.10
CA ASN A 2 -10.55 15.64 -11.32
C ASN A 2 -9.02 15.69 -11.17
N VAL A 3 -8.50 14.99 -10.16
CA VAL A 3 -7.06 14.96 -9.92
C VAL A 3 -6.48 13.57 -10.15
N THR A 4 -5.19 13.52 -10.38
CA THR A 4 -4.48 12.26 -10.60
C THR A 4 -3.59 11.91 -9.42
N LEU A 5 -3.33 10.62 -9.24
CA LEU A 5 -2.48 10.17 -8.14
C LEU A 5 -1.64 8.96 -8.56
N THR A 6 -0.68 8.62 -7.71
CA THR A 6 0.21 7.49 -7.96
C THR A 6 0.52 6.74 -6.68
N ILE A 7 0.39 5.42 -6.70
CA ILE A 7 0.67 4.60 -5.54
C ILE A 7 1.38 3.31 -5.92
N ARG A 8 2.34 2.91 -5.09
CA ARG A 8 3.11 1.69 -5.34
C ARG A 8 3.03 0.76 -4.13
N LEU A 9 2.51 -0.45 -4.35
CA LEU A 9 2.39 -1.42 -3.27
C LEU A 9 3.51 -2.45 -3.33
N LEU A 10 4.29 -2.51 -2.26
CA LEU A 10 5.41 -3.45 -2.18
C LEU A 10 5.04 -4.65 -1.30
N MET A 11 4.79 -5.79 -1.93
CA MET A 11 4.43 -7.00 -1.20
C MET A 11 5.43 -8.11 -1.47
N HIS A 12 5.44 -9.12 -0.60
CA HIS A 12 6.35 -10.25 -0.75
C HIS A 12 5.97 -11.07 -1.97
N GLY A 13 6.81 -12.04 -2.31
CA GLY A 13 6.55 -12.88 -3.47
C GLY A 13 5.27 -13.68 -3.33
N LYS A 14 5.01 -14.21 -2.15
CA LYS A 14 3.81 -15.01 -1.90
C LYS A 14 2.58 -14.12 -1.73
N GLU A 15 2.72 -13.07 -0.94
CA GLU A 15 1.61 -12.14 -0.69
C GLU A 15 1.18 -11.48 -1.99
N VAL A 16 2.16 -10.96 -2.73
CA VAL A 16 1.89 -10.29 -3.99
C VAL A 16 1.25 -11.25 -4.97
N GLY A 17 1.66 -12.52 -4.92
CA GLY A 17 1.11 -13.50 -5.83
C GLY A 17 -0.38 -13.70 -5.62
N SER A 18 -0.82 -13.58 -4.37
CA SER A 18 -2.23 -13.74 -4.05
C SER A 18 -3.01 -12.51 -4.46
N ILE A 19 -2.34 -11.37 -4.51
CA ILE A 19 -2.99 -10.11 -4.89
C ILE A 19 -3.14 -10.02 -6.40
N ILE A 20 -2.05 -10.24 -7.11
CA ILE A 20 -2.07 -10.18 -8.57
C ILE A 20 -3.09 -11.17 -9.13
N GLY A 21 -3.10 -12.37 -8.55
CA GLY A 21 -4.02 -13.39 -8.99
C GLY A 21 -3.37 -14.36 -9.94
N LYS A 22 -3.87 -15.58 -9.93
CA LYS A 22 -3.36 -16.64 -10.78
C LYS A 22 -3.32 -16.19 -12.25
N LYS A 23 -2.32 -16.68 -12.98
CA LYS A 23 -2.14 -16.34 -14.40
C LYS A 23 -2.35 -14.84 -14.65
N GLY A 24 -2.10 -14.03 -13.62
CA GLY A 24 -2.24 -12.60 -13.75
C GLY A 24 -3.53 -12.16 -14.45
N GLU A 25 -4.53 -13.03 -14.47
CA GLU A 25 -5.80 -12.70 -15.11
C GLU A 25 -6.60 -11.75 -14.22
N SER A 26 -6.40 -11.85 -12.92
CA SER A 26 -7.09 -10.99 -11.97
C SER A 26 -6.54 -9.58 -12.01
N VAL A 27 -5.22 -9.46 -12.09
CA VAL A 27 -4.59 -8.15 -12.17
C VAL A 27 -4.94 -7.49 -13.48
N LYS A 28 -5.21 -8.32 -14.48
CA LYS A 28 -5.63 -7.82 -15.78
C LYS A 28 -7.02 -7.23 -15.60
N LYS A 29 -7.79 -7.89 -14.74
CA LYS A 29 -9.13 -7.45 -14.40
C LYS A 29 -9.04 -6.19 -13.55
N MET A 30 -7.97 -6.09 -12.75
CA MET A 30 -7.77 -4.93 -11.90
C MET A 30 -7.61 -3.67 -12.74
N ARG A 31 -6.70 -3.73 -13.71
CA ARG A 31 -6.43 -2.61 -14.60
C ARG A 31 -7.69 -2.17 -15.35
N GLU A 32 -8.36 -3.13 -15.99
CA GLU A 32 -9.56 -2.84 -16.76
C GLU A 32 -10.70 -2.32 -15.88
N GLU A 33 -10.83 -2.88 -14.69
CA GLU A 33 -11.89 -2.48 -13.76
C GLU A 33 -11.62 -1.13 -13.12
N SER A 34 -10.35 -0.85 -12.83
CA SER A 34 -9.98 0.41 -12.20
C SER A 34 -9.87 1.52 -13.25
N GLY A 35 -9.04 1.28 -14.26
CA GLY A 35 -8.85 2.27 -15.30
C GLY A 35 -7.58 3.09 -15.13
N ALA A 36 -6.82 2.79 -14.07
CA ALA A 36 -5.59 3.51 -13.81
C ALA A 36 -4.37 2.63 -14.03
N ARG A 37 -3.43 3.13 -14.83
CA ARG A 37 -2.18 2.43 -15.15
C ARG A 37 -1.76 1.46 -14.04
N ILE A 38 -1.25 0.29 -14.42
CA ILE A 38 -0.81 -0.68 -13.44
C ILE A 38 0.45 -1.40 -13.94
N ASN A 39 1.60 -0.99 -13.42
CA ASN A 39 2.87 -1.59 -13.81
C ASN A 39 3.58 -2.24 -12.63
N ILE A 40 3.97 -3.50 -12.80
CA ILE A 40 4.65 -4.25 -11.74
C ILE A 40 6.16 -4.11 -11.87
N SER A 41 6.86 -4.20 -10.75
CA SER A 41 8.32 -4.09 -10.73
C SER A 41 8.99 -5.43 -11.00
N GLU A 42 10.31 -5.44 -10.94
CA GLU A 42 11.09 -6.65 -11.17
C GLU A 42 10.98 -7.62 -9.99
N GLY A 43 11.86 -8.62 -9.96
CA GLY A 43 11.83 -9.58 -8.87
C GLY A 43 10.98 -10.79 -9.20
N ASN A 44 9.66 -10.61 -9.10
CA ASN A 44 8.73 -11.69 -9.38
C ASN A 44 9.15 -12.96 -8.64
N CYS A 45 9.84 -12.77 -7.51
CA CYS A 45 10.30 -13.90 -6.72
C CYS A 45 10.37 -13.53 -5.23
N PRO A 46 11.30 -12.64 -4.86
CA PRO A 46 11.42 -12.22 -3.47
C PRO A 46 10.28 -11.29 -3.10
N GLU A 47 9.84 -10.54 -4.09
CA GLU A 47 8.76 -9.57 -3.90
C GLU A 47 8.39 -8.90 -5.22
N ARG A 48 7.30 -8.15 -5.21
CA ARG A 48 6.83 -7.45 -6.41
C ARG A 48 6.18 -6.12 -6.04
N ILE A 49 6.47 -5.09 -6.84
CA ILE A 49 5.91 -3.77 -6.59
C ILE A 49 4.81 -3.46 -7.60
N ILE A 50 3.58 -3.42 -7.12
CA ILE A 50 2.43 -3.14 -7.97
C ILE A 50 2.20 -1.63 -8.09
N THR A 51 2.78 -1.03 -9.12
CA THR A 51 2.64 0.40 -9.36
C THR A 51 1.31 0.71 -10.04
N LEU A 52 0.62 1.73 -9.54
CA LEU A 52 -0.67 2.14 -10.10
C LEU A 52 -0.69 3.65 -10.32
N ALA A 53 -1.16 4.09 -11.48
CA ALA A 53 -1.24 5.51 -11.79
C ALA A 53 -2.57 5.87 -12.43
N GLY A 54 -3.22 6.90 -11.91
CA GLY A 54 -4.51 7.30 -12.44
C GLY A 54 -5.35 8.09 -11.45
N PRO A 55 -6.40 8.78 -11.92
CA PRO A 55 -7.27 9.58 -11.07
C PRO A 55 -7.59 8.93 -9.74
N THR A 56 -7.98 9.75 -8.76
CA THR A 56 -8.31 9.26 -7.44
C THR A 56 -9.47 8.27 -7.50
N ASN A 57 -10.40 8.51 -8.40
CA ASN A 57 -11.56 7.62 -8.54
C ASN A 57 -11.14 6.22 -8.98
N ALA A 58 -10.36 6.15 -10.05
CA ALA A 58 -9.88 4.87 -10.57
C ALA A 58 -9.13 4.10 -9.50
N ILE A 59 -8.32 4.81 -8.73
CA ILE A 59 -7.53 4.18 -7.68
C ILE A 59 -8.42 3.62 -6.58
N PHE A 60 -9.47 4.37 -6.25
CA PHE A 60 -10.41 3.95 -5.21
C PHE A 60 -11.05 2.61 -5.55
N LYS A 61 -11.56 2.49 -6.77
CA LYS A 61 -12.21 1.26 -7.21
C LYS A 61 -11.23 0.09 -7.19
N ALA A 62 -10.05 0.30 -7.76
CA ALA A 62 -9.02 -0.74 -7.81
C ALA A 62 -8.67 -1.23 -6.42
N PHE A 63 -8.20 -0.30 -5.57
CA PHE A 63 -7.82 -0.63 -4.21
C PHE A 63 -8.93 -1.39 -3.49
N ALA A 64 -10.16 -0.99 -3.72
CA ALA A 64 -11.31 -1.64 -3.09
C ALA A 64 -11.37 -3.12 -3.44
N MET A 65 -11.16 -3.42 -4.73
CA MET A 65 -11.18 -4.80 -5.19
C MET A 65 -9.96 -5.57 -4.72
N ILE A 66 -8.83 -4.87 -4.63
CA ILE A 66 -7.58 -5.50 -4.18
C ILE A 66 -7.70 -5.94 -2.73
N ILE A 67 -8.17 -5.06 -1.87
CA ILE A 67 -8.33 -5.38 -0.45
C ILE A 67 -9.33 -6.51 -0.26
N ASP A 68 -10.40 -6.51 -1.04
CA ASP A 68 -11.42 -7.54 -0.95
C ASP A 68 -10.83 -8.91 -1.29
N LYS A 69 -9.90 -8.93 -2.25
CA LYS A 69 -9.26 -10.17 -2.65
C LYS A 69 -8.43 -10.74 -1.51
N LEU A 70 -7.71 -9.85 -0.82
CA LEU A 70 -6.87 -10.25 0.30
C LEU A 70 -7.72 -10.49 1.54
N GLU A 71 -8.89 -9.85 1.59
CA GLU A 71 -9.79 -10.00 2.73
C GLU A 71 -10.53 -11.34 2.66
N GLU A 72 -10.94 -11.72 1.46
CA GLU A 72 -11.66 -12.97 1.25
C GLU A 72 -10.72 -14.16 1.41
N ASP A 73 -9.46 -13.98 1.00
CA ASP A 73 -8.46 -15.04 1.10
C ASP A 73 -8.27 -15.47 2.55
N ILE A 74 -7.94 -14.51 3.41
CA ILE A 74 -7.73 -14.80 4.82
C ILE A 74 -9.01 -15.25 5.50
N SER A 75 -10.13 -14.62 5.14
CA SER A 75 -11.42 -14.96 5.71
C SER A 75 -11.39 -14.90 7.24
N SER A 76 -10.45 -14.11 7.78
CA SER A 76 -10.32 -13.98 9.23
C SER A 76 -10.07 -15.34 9.88
N SER A 77 -9.15 -16.11 9.30
CA SER A 77 -8.83 -17.43 9.82
C SER A 77 -10.04 -18.35 9.73
N MET A 78 -10.11 -19.10 8.64
CA MET A 78 -11.21 -20.03 8.42
C MET A 78 -11.38 -21.00 9.59
N THR A 79 -10.28 -21.25 10.29
CA THR A 79 -10.30 -22.15 11.44
C THR A 79 -9.52 -21.58 12.61
N ASN A 80 -8.25 -21.24 12.37
CA ASN A 80 -7.40 -20.67 13.42
C ASN A 80 -6.00 -20.42 12.89
N SER A 81 -5.16 -19.80 13.72
CA SER A 81 -3.79 -19.49 13.34
C SER A 81 -2.82 -19.87 14.45
N THR A 82 -1.60 -20.25 14.08
CA THR A 82 -0.59 -20.64 15.06
C THR A 82 0.40 -19.50 15.30
N ALA A 83 -0.12 -18.27 15.33
CA ALA A 83 0.72 -17.10 15.55
C ALA A 83 0.72 -16.70 17.02
N ALA A 84 -0.42 -16.20 17.49
CA ALA A 84 -0.56 -15.77 18.88
C ALA A 84 -2.02 -15.60 19.27
N SER A 85 -2.70 -14.72 18.55
CA SER A 85 -4.11 -14.45 18.81
C SER A 85 -4.77 -13.81 17.59
N ARG A 86 -4.42 -12.55 17.33
CA ARG A 86 -4.98 -11.83 16.20
C ARG A 86 -3.98 -11.76 15.04
N PRO A 87 -4.47 -11.92 13.80
CA PRO A 87 -3.61 -11.89 12.61
C PRO A 87 -3.23 -10.46 12.21
N PRO A 88 -1.94 -10.11 12.32
CA PRO A 88 -1.45 -8.76 11.97
C PRO A 88 -1.57 -8.49 10.46
N VAL A 89 -1.45 -7.22 10.09
CA VAL A 89 -1.55 -6.82 8.70
C VAL A 89 -0.45 -5.83 8.33
N THR A 90 0.54 -6.29 7.57
CA THR A 90 1.64 -5.44 7.15
C THR A 90 1.50 -5.04 5.70
N LEU A 91 1.73 -3.76 5.41
CA LEU A 91 1.65 -3.25 4.06
C LEU A 91 2.78 -2.28 3.89
N ARG A 92 3.68 -2.56 2.98
CA ARG A 92 4.81 -1.70 2.79
C ARG A 92 4.64 -0.89 1.52
N LEU A 93 4.45 0.40 1.69
CA LEU A 93 4.26 1.31 0.57
C LEU A 93 5.56 2.05 0.23
N VAL A 94 5.93 2.02 -1.04
CA VAL A 94 7.15 2.68 -1.50
C VAL A 94 6.83 4.00 -2.21
N VAL A 95 7.69 4.99 -2.02
CA VAL A 95 7.50 6.29 -2.65
C VAL A 95 8.82 7.06 -2.74
N PRO A 96 8.86 8.14 -3.53
CA PRO A 96 10.06 8.95 -3.71
C PRO A 96 10.48 9.66 -2.44
N ALA A 97 11.67 10.27 -2.47
CA ALA A 97 12.20 10.98 -1.31
C ALA A 97 11.33 12.18 -0.94
N SER A 98 10.75 12.82 -1.95
CA SER A 98 9.89 13.97 -1.72
C SER A 98 8.63 13.54 -1.01
N GLN A 99 8.21 12.30 -1.28
CA GLN A 99 7.02 11.76 -0.66
C GLN A 99 7.23 11.52 0.83
N CYS A 100 8.32 10.83 1.17
CA CYS A 100 8.64 10.55 2.56
C CYS A 100 8.88 11.84 3.33
N GLY A 101 9.59 12.77 2.70
CA GLY A 101 9.88 14.05 3.35
C GLY A 101 8.62 14.77 3.79
N SER A 102 7.63 14.85 2.90
CA SER A 102 6.37 15.51 3.20
C SER A 102 5.54 14.68 4.17
N LEU A 103 5.55 13.36 3.96
CA LEU A 103 4.79 12.46 4.84
C LEU A 103 5.19 12.66 6.29
N ILE A 104 6.42 13.13 6.50
CA ILE A 104 6.92 13.37 7.84
C ILE A 104 6.50 14.76 8.33
N GLY A 105 6.61 15.75 7.45
CA GLY A 105 6.24 17.10 7.82
C GLY A 105 7.31 17.81 8.64
N LYS A 106 7.01 19.02 9.06
CA LYS A 106 7.96 19.81 9.86
C LYS A 106 8.16 19.18 11.23
N GLY A 107 9.40 18.75 11.50
CA GLY A 107 9.71 18.13 12.77
C GLY A 107 9.02 16.80 12.98
N GLY A 108 8.43 16.26 11.91
CA GLY A 108 7.76 14.98 12.01
C GLY A 108 6.40 15.08 12.70
N CYS A 109 6.01 16.30 13.06
CA CYS A 109 4.74 16.53 13.72
C CYS A 109 3.57 15.91 12.96
N LYS A 110 3.64 15.95 11.63
CA LYS A 110 2.59 15.41 10.78
C LYS A 110 2.48 13.89 10.97
N ILE A 111 3.53 13.17 10.57
CA ILE A 111 3.54 11.72 10.69
C ILE A 111 3.25 11.27 12.11
N LYS A 112 3.64 12.09 13.08
CA LYS A 112 3.42 11.77 14.49
C LYS A 112 1.92 11.66 14.80
N GLU A 113 1.16 12.64 14.32
CA GLU A 113 -0.27 12.67 14.55
C GLU A 113 -0.98 11.62 13.71
N ILE A 114 -0.63 11.55 12.42
CA ILE A 114 -1.24 10.59 11.52
C ILE A 114 -1.11 9.17 12.04
N ARG A 115 0.11 8.76 12.37
CA ARG A 115 0.36 7.42 12.88
C ARG A 115 -0.32 7.21 14.23
N GLU A 116 -0.30 8.23 15.07
CA GLU A 116 -0.91 8.16 16.40
C GLU A 116 -2.38 7.74 16.31
N SER A 117 -3.15 8.46 15.50
CA SER A 117 -4.57 8.15 15.35
C SER A 117 -4.77 6.96 14.45
N THR A 118 -3.91 6.80 13.45
CA THR A 118 -4.01 5.67 12.54
C THR A 118 -4.08 4.36 13.32
N GLY A 119 -3.51 4.37 14.53
CA GLY A 119 -3.53 3.18 15.36
C GLY A 119 -2.45 2.18 15.00
N ALA A 120 -1.95 2.25 13.76
CA ALA A 120 -0.92 1.33 13.30
C ALA A 120 0.47 1.96 13.43
N GLN A 121 1.50 1.14 13.33
CA GLN A 121 2.87 1.62 13.43
C GLN A 121 3.53 1.66 12.06
N VAL A 122 4.29 2.71 11.79
CA VAL A 122 4.97 2.87 10.51
C VAL A 122 6.44 2.46 10.62
N GLN A 123 6.96 1.87 9.54
CA GLN A 123 8.34 1.43 9.52
C GLN A 123 9.14 2.13 8.42
N VAL A 124 10.46 2.14 8.59
CA VAL A 124 11.33 2.78 7.61
C VAL A 124 12.34 1.77 7.04
N ALA A 125 12.32 1.60 5.73
CA ALA A 125 13.21 0.66 5.06
C ALA A 125 14.64 1.19 5.03
N GLY A 126 15.60 0.28 5.07
CA GLY A 126 17.01 0.66 5.05
C GLY A 126 17.44 1.17 3.68
N ASP A 127 17.46 2.48 3.52
CA ASP A 127 17.86 3.09 2.26
C ASP A 127 18.48 4.46 2.49
N MET A 128 17.85 5.26 3.34
CA MET A 128 18.35 6.60 3.66
C MET A 128 18.39 7.47 2.40
N LEU A 129 18.43 8.78 2.61
CA LEU A 129 18.48 9.71 1.49
C LEU A 129 19.90 9.85 0.94
N PRO A 130 20.91 9.99 1.81
CA PRO A 130 22.31 10.13 1.38
C PRO A 130 22.76 8.96 0.51
N ASN A 131 22.14 7.81 0.71
CA ASN A 131 22.48 6.62 -0.06
C ASN A 131 21.50 6.43 -1.22
N SER A 132 20.33 5.91 -0.90
CA SER A 132 19.30 5.68 -1.92
C SER A 132 18.52 6.95 -2.20
N THR A 133 17.41 6.81 -2.93
CA THR A 133 16.57 7.96 -3.27
C THR A 133 15.13 7.74 -2.80
N GLU A 134 14.58 6.57 -3.09
CA GLU A 134 13.22 6.24 -2.70
C GLU A 134 13.22 5.39 -1.43
N ARG A 135 12.33 5.71 -0.50
CA ARG A 135 12.22 4.96 0.75
C ARG A 135 10.87 4.25 0.85
N ALA A 136 10.85 3.18 1.64
CA ALA A 136 9.62 2.41 1.84
C ALA A 136 9.24 2.34 3.31
N ILE A 137 7.96 2.54 3.60
CA ILE A 137 7.46 2.51 4.97
C ILE A 137 6.63 1.25 5.21
N THR A 138 6.72 0.67 6.42
CA THR A 138 5.95 -0.53 6.71
C THR A 138 4.89 -0.25 7.78
N ILE A 139 3.62 -0.40 7.40
CA ILE A 139 2.52 -0.17 8.32
C ILE A 139 1.92 -1.48 8.80
N ALA A 140 1.87 -1.65 10.12
CA ALA A 140 1.32 -2.87 10.72
C ALA A 140 0.11 -2.55 11.58
N GLY A 141 -0.85 -3.47 11.61
CA GLY A 141 -2.05 -3.29 12.39
C GLY A 141 -3.26 -3.97 11.78
N ILE A 142 -4.44 -3.45 12.07
CA ILE A 142 -5.67 -4.02 11.53
C ILE A 142 -5.99 -3.44 10.15
N PRO A 143 -6.77 -4.17 9.33
CA PRO A 143 -7.14 -3.72 7.99
C PRO A 143 -7.69 -2.28 8.01
N GLN A 144 -8.40 -1.95 9.09
CA GLN A 144 -8.96 -0.61 9.24
C GLN A 144 -7.86 0.41 9.51
N SER A 145 -6.84 -0.03 10.24
CA SER A 145 -5.72 0.85 10.58
C SER A 145 -4.87 1.15 9.35
N ILE A 146 -4.68 0.12 8.51
CA ILE A 146 -3.89 0.28 7.30
C ILE A 146 -4.63 1.11 6.25
N ILE A 147 -5.89 0.76 6.01
CA ILE A 147 -6.71 1.47 5.04
C ILE A 147 -6.82 2.95 5.38
N GLU A 148 -7.06 3.24 6.66
CA GLU A 148 -7.19 4.62 7.11
C GLU A 148 -5.90 5.38 6.91
N CYS A 149 -4.77 4.68 7.11
CA CYS A 149 -3.46 5.30 6.95
C CYS A 149 -3.29 5.83 5.52
N VAL A 150 -3.65 5.01 4.54
CA VAL A 150 -3.55 5.40 3.14
C VAL A 150 -4.42 6.62 2.85
N LYS A 151 -5.63 6.62 3.40
CA LYS A 151 -6.56 7.72 3.20
C LYS A 151 -5.96 9.03 3.71
N GLN A 152 -5.21 8.94 4.81
CA GLN A 152 -4.59 10.12 5.41
C GLN A 152 -3.51 10.69 4.48
N ILE A 153 -2.79 9.79 3.80
CA ILE A 153 -1.74 10.21 2.89
C ILE A 153 -2.32 10.78 1.60
N CYS A 154 -3.45 10.22 1.17
CA CYS A 154 -4.11 10.67 -0.05
C CYS A 154 -4.79 12.03 0.17
N VAL A 155 -5.50 12.16 1.28
CA VAL A 155 -6.19 13.40 1.60
C VAL A 155 -5.21 14.56 1.76
N VAL A 156 -4.12 14.31 2.49
CA VAL A 156 -3.11 15.33 2.71
C VAL A 156 -2.41 15.71 1.40
N MET A 157 -2.04 14.70 0.63
CA MET A 157 -1.36 14.92 -0.64
C MET A 157 -2.22 15.79 -1.57
N LEU A 158 -3.51 15.52 -1.60
CA LEU A 158 -4.43 16.28 -2.43
C LEU A 158 -4.67 17.67 -1.86
N GLU A 159 -4.82 17.74 -0.54
CA GLU A 159 -5.05 19.01 0.14
C GLU A 159 -3.79 19.86 0.21
N THR A 160 -2.70 19.31 -0.28
CA THR A 160 -1.42 20.00 -0.30
C THR A 160 -0.97 20.30 -1.72
N LYS A 1 -14.92 13.67 -8.72
CA LYS A 1 -13.82 14.66 -8.88
C LYS A 1 -13.13 14.52 -10.23
N ASN A 2 -12.19 15.42 -10.51
CA ASN A 2 -11.47 15.40 -11.77
C ASN A 2 -9.97 15.58 -11.54
N VAL A 3 -9.31 14.53 -11.09
CA VAL A 3 -7.87 14.58 -10.82
C VAL A 3 -7.21 13.24 -11.14
N THR A 4 -5.91 13.28 -11.38
CA THR A 4 -5.15 12.07 -11.69
C THR A 4 -4.24 11.70 -10.52
N LEU A 5 -4.32 10.44 -10.11
CA LEU A 5 -3.51 9.96 -9.00
C LEU A 5 -2.76 8.67 -9.38
N THR A 6 -1.63 8.45 -8.72
CA THR A 6 -0.82 7.26 -8.98
C THR A 6 -0.35 6.63 -7.67
N ILE A 7 -0.85 5.44 -7.38
CA ILE A 7 -0.49 4.75 -6.15
C ILE A 7 0.34 3.51 -6.44
N ARG A 8 1.32 3.24 -5.56
CA ARG A 8 2.20 2.08 -5.72
C ARG A 8 2.30 1.31 -4.40
N LEU A 9 2.03 0.02 -4.45
CA LEU A 9 2.09 -0.82 -3.26
C LEU A 9 3.01 -2.02 -3.48
N LEU A 10 3.90 -2.25 -2.52
CA LEU A 10 4.83 -3.37 -2.59
C LEU A 10 4.38 -4.52 -1.70
N MET A 11 4.46 -5.74 -2.23
CA MET A 11 4.05 -6.91 -1.47
C MET A 11 5.13 -7.99 -1.50
N HIS A 12 5.11 -8.86 -0.49
CA HIS A 12 6.08 -9.94 -0.39
C HIS A 12 5.85 -10.97 -1.50
N GLY A 13 6.73 -11.95 -1.59
CA GLY A 13 6.59 -12.97 -2.61
C GLY A 13 5.27 -13.72 -2.53
N LYS A 14 4.86 -14.06 -1.30
CA LYS A 14 3.61 -14.79 -1.10
C LYS A 14 2.40 -13.88 -1.19
N GLU A 15 2.50 -12.69 -0.60
CA GLU A 15 1.40 -11.73 -0.62
C GLU A 15 1.11 -11.28 -2.04
N VAL A 16 2.17 -11.06 -2.81
CA VAL A 16 2.03 -10.63 -4.19
C VAL A 16 1.50 -11.76 -5.05
N GLY A 17 1.87 -12.99 -4.70
CA GLY A 17 1.41 -14.13 -5.46
C GLY A 17 -0.11 -14.29 -5.43
N SER A 18 -0.70 -14.04 -4.27
CA SER A 18 -2.14 -14.16 -4.10
C SER A 18 -2.89 -13.00 -4.72
N ILE A 19 -2.30 -11.81 -4.64
CA ILE A 19 -2.93 -10.63 -5.18
C ILE A 19 -2.76 -10.51 -6.69
N ILE A 20 -1.63 -11.00 -7.20
CA ILE A 20 -1.36 -10.96 -8.63
C ILE A 20 -2.24 -11.97 -9.37
N GLY A 21 -2.19 -13.23 -8.94
CA GLY A 21 -2.98 -14.26 -9.55
C GLY A 21 -2.20 -15.09 -10.54
N LYS A 22 -2.62 -16.33 -10.66
CA LYS A 22 -2.02 -17.28 -11.57
C LYS A 22 -2.09 -16.80 -13.02
N LYS A 23 -1.06 -17.15 -13.80
CA LYS A 23 -0.98 -16.76 -15.21
C LYS A 23 -1.37 -15.29 -15.42
N GLY A 24 -1.19 -14.47 -14.39
CA GLY A 24 -1.51 -13.06 -14.49
C GLY A 24 -2.90 -12.79 -15.03
N GLU A 25 -3.78 -13.78 -14.98
CA GLU A 25 -5.14 -13.61 -15.47
C GLU A 25 -5.94 -12.80 -14.46
N SER A 26 -5.58 -12.92 -13.18
CA SER A 26 -6.26 -12.20 -12.12
C SER A 26 -5.85 -10.73 -12.13
N VAL A 27 -4.56 -10.47 -12.35
CA VAL A 27 -4.08 -9.09 -12.39
C VAL A 27 -4.68 -8.39 -13.61
N LYS A 28 -5.01 -9.18 -14.63
CA LYS A 28 -5.63 -8.65 -15.83
C LYS A 28 -7.04 -8.22 -15.48
N LYS A 29 -7.67 -9.01 -14.62
CA LYS A 29 -9.02 -8.72 -14.16
C LYS A 29 -9.02 -7.40 -13.40
N MET A 30 -7.96 -7.18 -12.64
CA MET A 30 -7.80 -5.95 -11.87
C MET A 30 -7.82 -4.73 -12.77
N ARG A 31 -7.00 -4.77 -13.82
CA ARG A 31 -6.92 -3.66 -14.77
C ARG A 31 -8.29 -3.32 -15.34
N GLU A 32 -9.00 -4.33 -15.82
CA GLU A 32 -10.32 -4.13 -16.40
C GLU A 32 -11.30 -3.54 -15.38
N GLU A 33 -11.19 -3.97 -14.14
CA GLU A 33 -12.08 -3.48 -13.07
C GLU A 33 -11.59 -2.16 -12.48
N SER A 34 -10.32 -1.84 -12.67
CA SER A 34 -9.75 -0.61 -12.12
C SER A 34 -9.86 0.55 -13.12
N GLY A 35 -9.33 0.33 -14.32
CA GLY A 35 -9.37 1.37 -15.33
C GLY A 35 -8.13 2.25 -15.31
N ALA A 36 -7.32 2.11 -14.27
CA ALA A 36 -6.10 2.90 -14.13
C ALA A 36 -4.86 2.02 -14.30
N ARG A 37 -3.96 2.46 -15.18
CA ARG A 37 -2.70 1.74 -15.45
C ARG A 37 -2.23 0.91 -14.26
N ILE A 38 -1.72 -0.28 -14.55
CA ILE A 38 -1.22 -1.17 -13.49
C ILE A 38 0.03 -1.90 -13.96
N ASN A 39 1.19 -1.42 -13.54
CA ASN A 39 2.45 -2.05 -13.93
C ASN A 39 3.26 -2.46 -12.70
N ILE A 40 3.71 -3.71 -12.70
CA ILE A 40 4.49 -4.25 -11.59
C ILE A 40 5.96 -4.42 -11.97
N SER A 41 6.86 -4.15 -11.03
CA SER A 41 8.29 -4.27 -11.29
C SER A 41 9.08 -4.34 -9.98
N GLU A 42 10.40 -4.27 -10.10
CA GLU A 42 11.29 -4.32 -8.92
C GLU A 42 11.22 -5.69 -8.25
N GLY A 43 12.39 -6.26 -7.97
CA GLY A 43 12.44 -7.56 -7.32
C GLY A 43 11.97 -8.67 -8.23
N ASN A 44 10.69 -8.66 -8.57
CA ASN A 44 10.11 -9.69 -9.42
C ASN A 44 10.55 -11.08 -8.97
N CYS A 45 10.89 -11.19 -7.69
CA CYS A 45 11.33 -12.45 -7.12
C CYS A 45 10.99 -12.53 -5.63
N PRO A 46 11.67 -11.74 -4.78
CA PRO A 46 11.39 -11.73 -3.35
C PRO A 46 10.18 -10.87 -3.04
N GLU A 47 10.03 -9.81 -3.83
CA GLU A 47 8.93 -8.86 -3.66
C GLU A 47 8.52 -8.31 -5.02
N ARG A 48 7.40 -7.59 -5.05
CA ARG A 48 6.92 -6.99 -6.29
C ARG A 48 6.23 -5.65 -6.01
N ILE A 49 6.59 -4.65 -6.81
CA ILE A 49 6.02 -3.32 -6.65
C ILE A 49 4.89 -3.10 -7.65
N ILE A 50 3.66 -3.13 -7.16
CA ILE A 50 2.48 -2.93 -8.01
C ILE A 50 2.16 -1.45 -8.18
N THR A 51 2.62 -0.89 -9.29
CA THR A 51 2.38 0.52 -9.59
C THR A 51 1.05 0.70 -10.31
N LEU A 52 0.30 1.73 -9.90
CA LEU A 52 -0.99 2.02 -10.51
C LEU A 52 -1.09 3.51 -10.85
N ALA A 53 -1.57 3.81 -12.06
CA ALA A 53 -1.71 5.19 -12.49
C ALA A 53 -3.08 5.45 -13.11
N GLY A 54 -3.75 6.51 -12.67
CA GLY A 54 -5.06 6.83 -13.20
C GLY A 54 -5.88 7.68 -12.25
N PRO A 55 -6.97 8.29 -12.75
CA PRO A 55 -7.84 9.15 -11.94
C PRO A 55 -8.10 8.58 -10.55
N THR A 56 -8.55 9.45 -9.65
CA THR A 56 -8.85 9.05 -8.28
C THR A 56 -9.93 7.97 -8.24
N ASN A 57 -10.89 8.06 -9.15
CA ASN A 57 -11.98 7.08 -9.20
C ASN A 57 -11.46 5.69 -9.54
N ALA A 58 -10.69 5.60 -10.62
CA ALA A 58 -10.13 4.33 -11.06
C ALA A 58 -9.31 3.69 -9.95
N ILE A 59 -8.51 4.51 -9.28
CA ILE A 59 -7.66 4.04 -8.21
C ILE A 59 -8.47 3.54 -7.02
N PHE A 60 -9.55 4.26 -6.71
CA PHE A 60 -10.42 3.89 -5.61
C PHE A 60 -11.05 2.52 -5.82
N LYS A 61 -11.56 2.29 -7.02
CA LYS A 61 -12.19 1.02 -7.36
C LYS A 61 -11.21 -0.14 -7.19
N ALA A 62 -10.03 0.00 -7.80
CA ALA A 62 -9.01 -1.03 -7.72
C ALA A 62 -8.64 -1.33 -6.27
N PHE A 63 -8.53 -0.28 -5.46
CA PHE A 63 -8.17 -0.44 -4.05
C PHE A 63 -9.21 -1.30 -3.32
N ALA A 64 -10.48 -1.08 -3.66
CA ALA A 64 -11.57 -1.83 -3.04
C ALA A 64 -11.55 -3.29 -3.46
N MET A 65 -11.05 -3.55 -4.67
CA MET A 65 -10.99 -4.91 -5.20
C MET A 65 -9.82 -5.68 -4.62
N ILE A 66 -8.64 -5.06 -4.66
CA ILE A 66 -7.44 -5.70 -4.14
C ILE A 66 -7.58 -6.07 -2.67
N ILE A 67 -8.21 -5.18 -1.90
CA ILE A 67 -8.42 -5.42 -0.48
C ILE A 67 -9.47 -6.51 -0.25
N ASP A 68 -10.49 -6.51 -1.09
CA ASP A 68 -11.56 -7.50 -0.97
C ASP A 68 -11.02 -8.90 -1.26
N LYS A 69 -10.26 -9.03 -2.34
CA LYS A 69 -9.69 -10.31 -2.70
C LYS A 69 -8.78 -10.82 -1.58
N LEU A 70 -8.10 -9.88 -0.91
CA LEU A 70 -7.22 -10.22 0.19
C LEU A 70 -8.03 -10.52 1.44
N GLU A 71 -9.21 -9.92 1.53
CA GLU A 71 -10.10 -10.12 2.67
C GLU A 71 -10.80 -11.47 2.57
N GLU A 72 -11.10 -11.89 1.35
CA GLU A 72 -11.77 -13.17 1.12
C GLU A 72 -10.82 -14.33 1.37
N ASP A 73 -9.59 -14.21 0.87
CA ASP A 73 -8.58 -15.25 1.05
C ASP A 73 -8.36 -15.53 2.53
N ILE A 74 -8.11 -14.49 3.30
CA ILE A 74 -7.87 -14.63 4.74
C ILE A 74 -9.16 -14.97 5.47
N SER A 75 -10.29 -14.49 4.94
CA SER A 75 -11.59 -14.74 5.54
C SER A 75 -12.39 -15.74 4.70
N SER A 76 -11.74 -16.84 4.34
CA SER A 76 -12.39 -17.88 3.54
C SER A 76 -13.04 -18.94 4.43
N SER A 77 -13.18 -18.63 5.71
CA SER A 77 -13.79 -19.55 6.67
C SER A 77 -15.12 -19.04 7.18
N MET A 78 -15.39 -17.74 6.95
CA MET A 78 -16.63 -17.13 7.39
C MET A 78 -16.76 -17.19 8.91
N THR A 79 -16.00 -16.34 9.60
CA THR A 79 -16.03 -16.30 11.05
C THR A 79 -15.66 -14.91 11.57
N ASN A 80 -15.96 -14.65 12.83
CA ASN A 80 -15.66 -13.36 13.45
C ASN A 80 -14.87 -13.54 14.73
N SER A 81 -14.24 -12.46 15.19
CA SER A 81 -13.45 -12.50 16.42
C SER A 81 -14.35 -12.55 17.64
N THR A 82 -13.73 -12.55 18.83
CA THR A 82 -14.48 -12.59 20.08
C THR A 82 -14.52 -11.22 20.73
N ALA A 83 -13.33 -10.67 21.03
CA ALA A 83 -13.23 -9.37 21.67
C ALA A 83 -11.97 -8.64 21.21
N ALA A 84 -11.55 -8.91 19.98
CA ALA A 84 -10.35 -8.28 19.44
C ALA A 84 -10.70 -7.32 18.31
N SER A 85 -11.09 -7.89 17.17
CA SER A 85 -11.45 -7.09 16.00
C SER A 85 -10.26 -6.29 15.49
N ARG A 86 -9.08 -6.88 15.59
CA ARG A 86 -7.85 -6.23 15.13
C ARG A 86 -6.91 -7.24 14.47
N PRO A 87 -7.27 -7.71 13.26
CA PRO A 87 -6.45 -8.68 12.52
C PRO A 87 -5.17 -8.05 11.98
N PRO A 88 -4.08 -8.84 11.90
CA PRO A 88 -2.79 -8.35 11.40
C PRO A 88 -2.77 -8.25 9.87
N VAL A 89 -2.60 -7.02 9.38
CA VAL A 89 -2.55 -6.78 7.95
C VAL A 89 -1.51 -5.72 7.62
N THR A 90 -0.49 -6.11 6.87
CA THR A 90 0.58 -5.20 6.48
C THR A 90 0.41 -4.76 5.04
N LEU A 91 0.71 -3.49 4.77
CA LEU A 91 0.62 -2.93 3.44
C LEU A 91 1.80 -2.03 3.25
N ARG A 92 2.65 -2.34 2.30
CA ARG A 92 3.81 -1.53 2.08
C ARG A 92 3.59 -0.61 0.90
N LEU A 93 3.53 0.67 1.19
CA LEU A 93 3.31 1.69 0.16
C LEU A 93 4.57 2.52 -0.06
N VAL A 94 4.88 2.79 -1.33
CA VAL A 94 6.04 3.58 -1.67
C VAL A 94 5.74 5.08 -1.59
N VAL A 95 6.75 5.87 -1.25
CA VAL A 95 6.57 7.31 -1.14
C VAL A 95 7.89 8.05 -1.41
N PRO A 96 7.83 9.23 -2.06
CA PRO A 96 9.03 10.02 -2.37
C PRO A 96 9.72 10.53 -1.12
N ALA A 97 10.97 10.95 -1.26
CA ALA A 97 11.75 11.46 -0.14
C ALA A 97 11.21 12.81 0.35
N SER A 98 10.73 13.62 -0.59
CA SER A 98 10.17 14.92 -0.23
C SER A 98 8.86 14.73 0.50
N GLN A 99 8.17 13.65 0.17
CA GLN A 99 6.89 13.34 0.79
C GLN A 99 7.10 12.88 2.21
N CYS A 100 8.01 11.93 2.40
CA CYS A 100 8.33 11.41 3.72
C CYS A 100 8.92 12.50 4.60
N GLY A 101 9.81 13.31 4.01
CA GLY A 101 10.42 14.38 4.74
C GLY A 101 9.41 15.31 5.38
N SER A 102 8.47 15.79 4.58
CA SER A 102 7.42 16.67 5.08
C SER A 102 6.44 15.90 5.96
N LEU A 103 6.19 14.65 5.58
CA LEU A 103 5.28 13.80 6.34
C LEU A 103 5.79 13.61 7.76
N ILE A 104 7.10 13.74 7.93
CA ILE A 104 7.72 13.59 9.25
C ILE A 104 7.68 14.91 10.02
N GLY A 105 7.84 16.01 9.31
CA GLY A 105 7.79 17.31 9.95
C GLY A 105 8.97 17.53 10.89
N LYS A 106 9.00 18.69 11.54
CA LYS A 106 10.08 19.02 12.47
C LYS A 106 10.05 18.10 13.69
N GLY A 107 11.20 17.52 14.01
CA GLY A 107 11.30 16.64 15.15
C GLY A 107 10.39 15.43 15.05
N GLY A 108 9.92 15.14 13.84
CA GLY A 108 9.03 14.00 13.64
C GLY A 108 7.69 14.18 14.30
N CYS A 109 7.41 15.38 14.79
CA CYS A 109 6.16 15.66 15.46
C CYS A 109 4.96 15.27 14.60
N LYS A 110 5.09 15.45 13.29
CA LYS A 110 4.02 15.11 12.36
C LYS A 110 3.78 13.61 12.30
N ILE A 111 4.79 12.87 11.83
CA ILE A 111 4.67 11.42 11.73
C ILE A 111 4.28 10.80 13.06
N LYS A 112 4.62 11.47 14.15
CA LYS A 112 4.29 10.98 15.48
C LYS A 112 2.79 11.03 15.73
N GLU A 113 2.17 12.16 15.41
CA GLU A 113 0.74 12.33 15.60
C GLU A 113 -0.05 11.54 14.56
N ILE A 114 0.48 11.48 13.34
CA ILE A 114 -0.18 10.76 12.26
C ILE A 114 -0.18 9.26 12.52
N ARG A 115 0.98 8.71 12.87
CA ARG A 115 1.12 7.29 13.14
C ARG A 115 0.40 6.90 14.44
N GLU A 116 0.65 7.66 15.50
CA GLU A 116 0.04 7.39 16.79
C GLU A 116 -1.49 7.30 16.68
N SER A 117 -2.07 8.13 15.82
CA SER A 117 -3.52 8.14 15.64
C SER A 117 -3.94 7.16 14.55
N THR A 118 -3.12 7.02 13.52
CA THR A 118 -3.43 6.09 12.44
C THR A 118 -3.73 4.71 13.00
N GLY A 119 -3.17 4.42 14.18
CA GLY A 119 -3.39 3.13 14.81
C GLY A 119 -2.41 2.07 14.34
N ALA A 120 -1.78 2.30 13.19
CA ALA A 120 -0.83 1.35 12.63
C ALA A 120 0.60 1.89 12.73
N GLN A 121 1.57 1.02 12.49
CA GLN A 121 2.97 1.41 12.56
C GLN A 121 3.57 1.53 11.15
N VAL A 122 4.22 2.66 10.89
CA VAL A 122 4.83 2.90 9.60
C VAL A 122 6.33 2.60 9.62
N GLN A 123 6.84 1.99 8.57
CA GLN A 123 8.25 1.65 8.49
C GLN A 123 8.91 2.19 7.23
N VAL A 124 9.87 3.10 7.41
CA VAL A 124 10.59 3.69 6.29
C VAL A 124 11.91 2.99 6.04
N ALA A 125 12.21 2.73 4.77
CA ALA A 125 13.46 2.07 4.40
C ALA A 125 14.67 2.89 4.83
N GLY A 126 15.83 2.24 4.90
CA GLY A 126 17.03 2.93 5.29
C GLY A 126 17.52 3.91 4.24
N ASP A 127 18.28 4.92 4.68
CA ASP A 127 18.81 5.93 3.78
C ASP A 127 19.81 6.80 4.53
N MET A 128 20.51 6.17 5.47
CA MET A 128 21.50 6.87 6.28
C MET A 128 22.92 6.60 5.79
N LEU A 129 23.05 6.27 4.51
CA LEU A 129 24.35 5.97 3.93
C LEU A 129 24.25 5.68 2.44
N PRO A 130 23.38 4.73 2.05
CA PRO A 130 23.18 4.38 0.64
C PRO A 130 22.72 5.55 -0.20
N ASN A 131 21.89 6.41 0.40
CA ASN A 131 21.36 7.58 -0.28
C ASN A 131 20.48 7.17 -1.46
N SER A 132 19.18 7.28 -1.26
CA SER A 132 18.22 6.93 -2.30
C SER A 132 17.34 8.12 -2.65
N THR A 133 16.30 7.87 -3.44
CA THR A 133 15.38 8.93 -3.85
C THR A 133 13.98 8.66 -3.31
N GLU A 134 13.57 7.41 -3.33
CA GLU A 134 12.25 7.03 -2.84
C GLU A 134 12.36 5.89 -1.82
N ARG A 135 11.61 6.00 -0.73
CA ARG A 135 11.62 4.99 0.31
C ARG A 135 10.27 4.27 0.39
N ALA A 136 10.22 3.21 1.19
CA ALA A 136 9.00 2.44 1.35
C ALA A 136 8.51 2.48 2.79
N ILE A 137 7.21 2.67 2.95
CA ILE A 137 6.60 2.73 4.29
C ILE A 137 5.83 1.44 4.59
N THR A 138 6.16 0.78 5.70
CA THR A 138 5.47 -0.45 6.06
C THR A 138 4.38 -0.17 7.09
N ILE A 139 3.14 -0.39 6.68
CA ILE A 139 2.01 -0.15 7.56
C ILE A 139 1.40 -1.46 8.06
N ALA A 140 1.56 -1.73 9.34
CA ALA A 140 1.03 -2.95 9.94
C ALA A 140 0.02 -2.61 11.03
N GLY A 141 -1.20 -3.12 10.89
CA GLY A 141 -2.25 -2.84 11.85
C GLY A 141 -3.60 -3.33 11.40
N ILE A 142 -4.65 -2.66 11.88
CA ILE A 142 -6.02 -3.01 11.51
C ILE A 142 -6.37 -2.44 10.15
N PRO A 143 -7.18 -3.15 9.34
CA PRO A 143 -7.56 -2.66 8.01
C PRO A 143 -8.07 -1.23 8.05
N GLN A 144 -8.68 -0.86 9.18
CA GLN A 144 -9.17 0.49 9.36
C GLN A 144 -8.01 1.45 9.55
N SER A 145 -6.96 0.95 10.21
CA SER A 145 -5.76 1.75 10.47
C SER A 145 -5.07 2.09 9.16
N ILE A 146 -4.93 1.11 8.28
CA ILE A 146 -4.28 1.30 6.99
C ILE A 146 -5.08 2.25 6.11
N ILE A 147 -6.37 1.97 5.96
CA ILE A 147 -7.24 2.80 5.14
C ILE A 147 -7.21 4.26 5.60
N GLU A 148 -6.95 4.46 6.89
CA GLU A 148 -6.89 5.79 7.45
C GLU A 148 -5.61 6.51 7.02
N CYS A 149 -4.50 5.78 7.01
CA CYS A 149 -3.22 6.35 6.62
C CYS A 149 -3.21 6.71 5.14
N VAL A 150 -3.66 5.78 4.30
CA VAL A 150 -3.70 6.00 2.86
C VAL A 150 -4.61 7.17 2.51
N LYS A 151 -5.71 7.30 3.23
CA LYS A 151 -6.66 8.38 2.99
C LYS A 151 -6.07 9.73 3.40
N GLN A 152 -5.40 9.75 4.55
CA GLN A 152 -4.80 10.97 5.05
C GLN A 152 -3.66 11.44 4.14
N ILE A 153 -2.76 10.53 3.81
CA ILE A 153 -1.62 10.84 2.95
C ILE A 153 -2.09 11.24 1.55
N CYS A 154 -3.03 10.47 1.00
CA CYS A 154 -3.55 10.74 -0.33
C CYS A 154 -4.25 12.10 -0.38
N VAL A 155 -5.11 12.35 0.59
CA VAL A 155 -5.85 13.61 0.66
C VAL A 155 -4.89 14.80 0.78
N VAL A 156 -3.99 14.73 1.75
CA VAL A 156 -3.02 15.79 1.98
C VAL A 156 -2.10 15.96 0.77
N MET A 157 -1.78 14.86 0.11
CA MET A 157 -0.92 14.89 -1.05
C MET A 157 -1.52 15.75 -2.16
N LEU A 158 -2.77 15.49 -2.51
CA LEU A 158 -3.45 16.25 -3.54
C LEU A 158 -3.51 17.73 -3.19
N GLU A 159 -4.06 18.05 -2.02
CA GLU A 159 -4.16 19.42 -1.56
C GLU A 159 -2.82 19.99 -1.11
N THR A 160 -1.80 19.15 -1.16
CA THR A 160 -0.46 19.54 -0.77
C THR A 160 -0.43 20.00 0.69
N LYS A 1 -11.84 17.37 -6.55
CA LYS A 1 -12.44 16.05 -6.20
C LYS A 1 -12.08 14.99 -7.25
N ASN A 2 -12.33 15.31 -8.52
CA ASN A 2 -12.04 14.38 -9.60
C ASN A 2 -10.62 14.59 -10.12
N VAL A 3 -9.65 14.10 -9.39
CA VAL A 3 -8.24 14.23 -9.77
C VAL A 3 -7.61 12.86 -10.02
N THR A 4 -6.44 12.87 -10.65
CA THR A 4 -5.73 11.64 -10.96
C THR A 4 -4.58 11.42 -9.99
N LEU A 5 -4.36 10.17 -9.61
CA LEU A 5 -3.30 9.83 -8.67
C LEU A 5 -2.53 8.59 -9.12
N THR A 6 -1.50 8.25 -8.35
CA THR A 6 -0.68 7.09 -8.65
C THR A 6 -0.29 6.36 -7.35
N ILE A 7 -0.80 5.15 -7.20
CA ILE A 7 -0.51 4.36 -6.00
C ILE A 7 0.35 3.14 -6.33
N ARG A 8 1.47 3.01 -5.62
CA ARG A 8 2.38 1.89 -5.82
C ARG A 8 2.39 0.97 -4.61
N LEU A 9 1.94 -0.27 -4.80
CA LEU A 9 1.90 -1.24 -3.70
C LEU A 9 2.86 -2.40 -3.94
N LEU A 10 3.81 -2.56 -3.03
CA LEU A 10 4.80 -3.64 -3.14
C LEU A 10 4.61 -4.65 -2.02
N MET A 11 4.63 -5.93 -2.38
CA MET A 11 4.47 -7.01 -1.40
C MET A 11 5.48 -8.12 -1.62
N HIS A 12 5.47 -9.12 -0.76
CA HIS A 12 6.38 -10.25 -0.85
C HIS A 12 6.08 -11.08 -2.09
N GLY A 13 7.01 -11.96 -2.46
CA GLY A 13 6.82 -12.80 -3.63
C GLY A 13 5.59 -13.68 -3.53
N LYS A 14 5.26 -14.10 -2.31
CA LYS A 14 4.10 -14.96 -2.09
C LYS A 14 2.79 -14.17 -2.11
N GLU A 15 2.81 -13.00 -1.49
CA GLU A 15 1.62 -12.14 -1.45
C GLU A 15 1.30 -11.60 -2.82
N VAL A 16 2.33 -11.16 -3.55
CA VAL A 16 2.14 -10.63 -4.88
C VAL A 16 1.65 -11.69 -5.85
N GLY A 17 2.19 -12.89 -5.73
CA GLY A 17 1.79 -13.98 -6.60
C GLY A 17 0.32 -14.35 -6.45
N SER A 18 -0.17 -14.39 -5.21
CA SER A 18 -1.55 -14.74 -4.95
C SER A 18 -2.50 -13.61 -5.28
N ILE A 19 -2.06 -12.38 -5.05
CA ILE A 19 -2.90 -11.23 -5.32
C ILE A 19 -2.97 -10.91 -6.81
N ILE A 20 -1.81 -10.82 -7.45
CA ILE A 20 -1.75 -10.53 -8.88
C ILE A 20 -2.47 -11.60 -9.69
N GLY A 21 -2.28 -12.85 -9.30
CA GLY A 21 -2.92 -13.94 -9.98
C GLY A 21 -2.00 -14.63 -10.97
N LYS A 22 -2.26 -15.91 -11.16
CA LYS A 22 -1.48 -16.73 -12.07
C LYS A 22 -1.50 -16.17 -13.50
N LYS A 23 -0.39 -16.34 -14.22
CA LYS A 23 -0.26 -15.87 -15.59
C LYS A 23 -0.80 -14.44 -15.75
N GLY A 24 -0.78 -13.67 -14.66
CA GLY A 24 -1.24 -12.29 -14.71
C GLY A 24 -2.60 -12.10 -15.33
N GLU A 25 -3.40 -13.16 -15.40
CA GLU A 25 -4.75 -13.05 -15.97
C GLU A 25 -5.68 -12.40 -14.95
N SER A 26 -5.46 -12.71 -13.68
CA SER A 26 -6.28 -12.15 -12.61
C SER A 26 -6.03 -10.66 -12.46
N VAL A 27 -4.76 -10.26 -12.52
CA VAL A 27 -4.42 -8.84 -12.40
C VAL A 27 -4.93 -8.11 -13.62
N LYS A 28 -5.04 -8.85 -14.73
CA LYS A 28 -5.58 -8.30 -15.95
C LYS A 28 -7.05 -8.02 -15.70
N LYS A 29 -7.66 -8.90 -14.91
CA LYS A 29 -9.05 -8.77 -14.53
C LYS A 29 -9.18 -7.59 -13.57
N MET A 30 -8.16 -7.40 -12.73
CA MET A 30 -8.16 -6.30 -11.77
C MET A 30 -8.07 -4.96 -12.51
N ARG A 31 -7.23 -4.92 -13.54
CA ARG A 31 -7.05 -3.73 -14.34
C ARG A 31 -8.37 -3.27 -14.96
N GLU A 32 -9.06 -4.19 -15.63
CA GLU A 32 -10.33 -3.88 -16.29
C GLU A 32 -11.37 -3.38 -15.28
N GLU A 33 -11.39 -3.97 -14.10
CA GLU A 33 -12.34 -3.59 -13.06
C GLU A 33 -11.98 -2.26 -12.41
N SER A 34 -10.68 -2.03 -12.24
CA SER A 34 -10.20 -0.80 -11.62
C SER A 34 -10.35 0.40 -12.55
N GLY A 35 -9.89 0.24 -13.79
CA GLY A 35 -9.98 1.31 -14.75
C GLY A 35 -8.76 2.22 -14.72
N ALA A 36 -7.91 2.02 -13.72
CA ALA A 36 -6.69 2.82 -13.59
C ALA A 36 -5.45 1.99 -13.86
N ARG A 37 -4.59 2.50 -14.75
CA ARG A 37 -3.34 1.85 -15.12
C ARG A 37 -2.80 0.95 -13.99
N ILE A 38 -2.33 -0.24 -14.34
CA ILE A 38 -1.77 -1.14 -13.35
C ILE A 38 -0.58 -1.90 -13.91
N ASN A 39 0.63 -1.45 -13.57
CA ASN A 39 1.85 -2.10 -14.06
C ASN A 39 2.65 -2.71 -12.91
N ILE A 40 3.61 -3.55 -13.25
CA ILE A 40 4.46 -4.21 -12.26
C ILE A 40 5.93 -3.99 -12.58
N SER A 41 6.78 -3.99 -11.56
CA SER A 41 8.22 -3.78 -11.75
C SER A 41 8.97 -3.89 -10.42
N GLU A 42 10.29 -3.68 -10.50
CA GLU A 42 11.14 -3.75 -9.31
C GLU A 42 11.19 -5.16 -8.74
N GLY A 43 12.39 -5.63 -8.42
CA GLY A 43 12.55 -6.96 -7.86
C GLY A 43 12.20 -8.05 -8.85
N ASN A 44 10.91 -8.25 -9.08
CA ASN A 44 10.45 -9.29 -10.00
C ASN A 44 11.04 -10.63 -9.60
N CYS A 45 11.44 -10.74 -8.33
CA CYS A 45 12.02 -11.98 -7.83
C CYS A 45 11.69 -12.17 -6.35
N PRO A 46 12.24 -11.33 -5.46
CA PRO A 46 11.96 -11.41 -4.03
C PRO A 46 10.63 -10.75 -3.69
N GLU A 47 10.34 -9.69 -4.41
CA GLU A 47 9.10 -8.93 -4.23
C GLU A 47 8.57 -8.44 -5.56
N ARG A 48 7.42 -7.79 -5.52
CA ARG A 48 6.80 -7.25 -6.73
C ARG A 48 6.07 -5.94 -6.43
N ILE A 49 6.39 -4.91 -7.20
CA ILE A 49 5.76 -3.60 -7.03
C ILE A 49 4.69 -3.37 -8.09
N ILE A 50 3.43 -3.36 -7.66
CA ILE A 50 2.31 -3.15 -8.57
C ILE A 50 1.90 -1.68 -8.61
N THR A 51 2.41 -0.96 -9.60
CA THR A 51 2.11 0.45 -9.75
C THR A 51 0.71 0.64 -10.33
N LEU A 52 -0.01 1.63 -9.81
CA LEU A 52 -1.37 1.92 -10.27
C LEU A 52 -1.52 3.42 -10.54
N ALA A 53 -2.10 3.76 -11.69
CA ALA A 53 -2.30 5.15 -12.05
C ALA A 53 -3.72 5.40 -12.55
N GLY A 54 -4.37 6.41 -11.99
CA GLY A 54 -5.73 6.73 -12.39
C GLY A 54 -6.50 7.49 -11.34
N PRO A 55 -7.63 8.10 -11.70
CA PRO A 55 -8.47 8.88 -10.78
C PRO A 55 -8.64 8.20 -9.43
N THR A 56 -9.03 8.98 -8.43
CA THR A 56 -9.24 8.47 -7.08
C THR A 56 -10.32 7.39 -7.08
N ASN A 57 -11.33 7.55 -7.92
CA ASN A 57 -12.41 6.57 -8.00
C ASN A 57 -11.90 5.20 -8.43
N ALA A 58 -11.16 5.17 -9.54
CA ALA A 58 -10.61 3.93 -10.07
C ALA A 58 -9.73 3.24 -9.03
N ILE A 59 -9.00 4.05 -8.27
CA ILE A 59 -8.12 3.52 -7.24
C ILE A 59 -8.91 2.85 -6.12
N PHE A 60 -10.03 3.45 -5.76
CA PHE A 60 -10.88 2.91 -4.69
C PHE A 60 -11.45 1.55 -5.08
N LYS A 61 -11.97 1.46 -6.31
CA LYS A 61 -12.54 0.22 -6.81
C LYS A 61 -11.50 -0.90 -6.77
N ALA A 62 -10.33 -0.64 -7.35
CA ALA A 62 -9.25 -1.61 -7.39
C ALA A 62 -8.88 -2.08 -5.98
N PHE A 63 -8.49 -1.13 -5.13
CA PHE A 63 -8.10 -1.43 -3.76
C PHE A 63 -9.14 -2.32 -3.07
N ALA A 64 -10.40 -2.15 -3.44
CA ALA A 64 -11.48 -2.93 -2.86
C ALA A 64 -11.39 -4.39 -3.29
N MET A 65 -11.08 -4.62 -4.56
CA MET A 65 -10.96 -5.96 -5.10
C MET A 65 -9.66 -6.61 -4.65
N ILE A 66 -8.62 -5.81 -4.50
CA ILE A 66 -7.31 -6.31 -4.08
C ILE A 66 -7.36 -6.80 -2.64
N ILE A 67 -8.00 -6.02 -1.77
CA ILE A 67 -8.11 -6.38 -0.37
C ILE A 67 -8.99 -7.62 -0.18
N ASP A 68 -10.08 -7.67 -0.95
CA ASP A 68 -11.00 -8.80 -0.87
C ASP A 68 -10.31 -10.08 -1.33
N LYS A 69 -9.53 -9.98 -2.40
CA LYS A 69 -8.81 -11.12 -2.93
C LYS A 69 -7.84 -11.66 -1.88
N LEU A 70 -7.25 -10.74 -1.12
CA LEU A 70 -6.31 -11.10 -0.07
C LEU A 70 -7.05 -11.64 1.15
N GLU A 71 -8.28 -11.17 1.34
CA GLU A 71 -9.09 -11.59 2.47
C GLU A 71 -9.66 -12.99 2.22
N GLU A 72 -9.98 -13.27 0.97
CA GLU A 72 -10.53 -14.58 0.60
C GLU A 72 -9.46 -15.66 0.67
N ASP A 73 -8.27 -15.33 0.17
CA ASP A 73 -7.16 -16.27 0.16
C ASP A 73 -6.82 -16.73 1.59
N ILE A 74 -6.66 -15.76 2.49
CA ILE A 74 -6.34 -16.07 3.88
C ILE A 74 -7.44 -16.89 4.53
N SER A 75 -8.67 -16.39 4.44
CA SER A 75 -9.82 -17.08 5.02
C SER A 75 -9.67 -17.22 6.53
N SER A 76 -8.91 -18.22 6.96
CA SER A 76 -8.69 -18.46 8.39
C SER A 76 -7.33 -17.93 8.83
N SER A 77 -6.41 -17.79 7.86
CA SER A 77 -5.06 -17.31 8.15
C SER A 77 -4.26 -18.34 8.93
N MET A 78 -3.48 -19.13 8.20
CA MET A 78 -2.65 -20.17 8.83
C MET A 78 -1.54 -19.54 9.65
N THR A 79 -1.08 -18.36 9.24
CA THR A 79 -0.02 -17.67 9.95
C THR A 79 -0.55 -17.01 11.23
N ASN A 80 -0.56 -17.76 12.32
CA ASN A 80 -1.05 -17.25 13.59
C ASN A 80 0.03 -17.35 14.66
N SER A 81 0.08 -16.35 15.54
CA SER A 81 1.07 -16.32 16.62
C SER A 81 0.54 -15.54 17.81
N THR A 82 -0.02 -14.37 17.55
CA THR A 82 -0.57 -13.53 18.61
C THR A 82 -1.73 -12.68 18.08
N ALA A 83 -1.52 -12.05 16.93
CA ALA A 83 -2.55 -11.21 16.33
C ALA A 83 -2.46 -11.24 14.81
N ALA A 84 -3.30 -12.06 14.19
CA ALA A 84 -3.32 -12.18 12.74
C ALA A 84 -4.58 -12.90 12.26
N SER A 85 -5.71 -12.19 12.30
CA SER A 85 -6.98 -12.76 11.88
C SER A 85 -7.78 -11.77 11.04
N ARG A 86 -7.81 -10.51 11.48
CA ARG A 86 -8.56 -9.48 10.76
C ARG A 86 -8.03 -8.08 11.08
N PRO A 87 -8.07 -7.67 12.37
CA PRO A 87 -7.59 -6.35 12.78
C PRO A 87 -6.20 -6.04 12.25
N PRO A 88 -5.25 -6.99 12.38
CA PRO A 88 -3.88 -6.79 11.89
C PRO A 88 -3.79 -6.81 10.38
N VAL A 89 -3.39 -5.68 9.80
CA VAL A 89 -3.27 -5.56 8.36
C VAL A 89 -2.04 -4.75 7.96
N THR A 90 -1.07 -5.42 7.36
CA THR A 90 0.16 -4.77 6.92
C THR A 90 0.14 -4.55 5.41
N LEU A 91 0.53 -3.35 5.00
CA LEU A 91 0.58 -3.00 3.60
C LEU A 91 1.84 -2.18 3.38
N ARG A 92 2.75 -2.68 2.58
CA ARG A 92 3.96 -1.97 2.35
C ARG A 92 3.91 -1.24 1.01
N LEU A 93 3.88 0.07 1.08
CA LEU A 93 3.82 0.90 -0.12
C LEU A 93 5.10 1.71 -0.27
N VAL A 94 5.32 2.22 -1.48
CA VAL A 94 6.52 3.01 -1.76
C VAL A 94 6.20 4.51 -1.71
N VAL A 95 7.08 5.27 -1.08
CA VAL A 95 6.90 6.72 -0.95
C VAL A 95 8.21 7.46 -1.17
N PRO A 96 8.16 8.66 -1.78
CA PRO A 96 9.36 9.46 -2.04
C PRO A 96 10.03 9.94 -0.76
N ALA A 97 11.30 10.30 -0.86
CA ALA A 97 12.05 10.78 0.30
C ALA A 97 11.56 12.14 0.77
N SER A 98 11.14 12.97 -0.17
CA SER A 98 10.64 14.30 0.16
C SER A 98 9.30 14.17 0.87
N GLN A 99 8.56 13.12 0.53
CA GLN A 99 7.26 12.88 1.12
C GLN A 99 7.42 12.46 2.58
N CYS A 100 8.28 11.48 2.81
CA CYS A 100 8.53 10.99 4.17
C CYS A 100 9.12 12.10 5.03
N GLY A 101 10.06 12.84 4.46
CA GLY A 101 10.69 13.93 5.19
C GLY A 101 9.68 14.91 5.75
N SER A 102 8.73 15.32 4.91
CA SER A 102 7.69 16.26 5.33
C SER A 102 6.70 15.58 6.26
N LEU A 103 6.36 14.33 5.96
CA LEU A 103 5.43 13.57 6.79
C LEU A 103 5.93 13.50 8.22
N ILE A 104 7.24 13.57 8.38
CA ILE A 104 7.86 13.52 9.70
C ILE A 104 7.82 14.91 10.36
N GLY A 105 8.06 15.95 9.57
CA GLY A 105 8.04 17.30 10.11
C GLY A 105 9.19 17.56 11.05
N LYS A 106 9.22 18.77 11.62
CA LYS A 106 10.28 19.14 12.55
C LYS A 106 10.19 18.34 13.85
N GLY A 107 11.30 17.68 14.20
CA GLY A 107 11.33 16.89 15.41
C GLY A 107 10.41 15.69 15.36
N GLY A 108 9.90 15.37 14.17
CA GLY A 108 9.01 14.23 14.03
C GLY A 108 7.64 14.47 14.64
N CYS A 109 7.39 15.71 15.08
CA CYS A 109 6.13 16.06 15.69
C CYS A 109 4.95 15.67 14.81
N LYS A 110 5.09 15.87 13.50
CA LYS A 110 4.03 15.55 12.56
C LYS A 110 3.69 14.06 12.59
N ILE A 111 4.64 13.23 12.18
CA ILE A 111 4.44 11.78 12.17
C ILE A 111 4.02 11.26 13.54
N LYS A 112 4.52 11.90 14.59
CA LYS A 112 4.21 11.49 15.95
C LYS A 112 2.70 11.52 16.19
N GLU A 113 2.07 12.65 15.90
CA GLU A 113 0.64 12.81 16.08
C GLU A 113 -0.15 12.02 15.05
N ILE A 114 0.31 12.05 13.80
CA ILE A 114 -0.37 11.34 12.73
C ILE A 114 -0.50 9.85 13.03
N ARG A 115 0.62 9.22 13.35
CA ARG A 115 0.62 7.79 13.65
C ARG A 115 -0.03 7.50 15.00
N GLU A 116 0.20 8.39 15.96
CA GLU A 116 -0.37 8.23 17.30
C GLU A 116 -1.88 8.09 17.25
N SER A 117 -2.53 8.86 16.39
CA SER A 117 -3.98 8.81 16.27
C SER A 117 -4.42 7.85 15.17
N THR A 118 -3.68 7.83 14.08
CA THR A 118 -3.99 6.93 12.97
C THR A 118 -4.22 5.52 13.47
N GLY A 119 -3.61 5.19 14.61
CA GLY A 119 -3.75 3.87 15.18
C GLY A 119 -2.87 2.82 14.52
N ALA A 120 -2.30 3.16 13.37
CA ALA A 120 -1.43 2.24 12.65
C ALA A 120 0.03 2.66 12.74
N GLN A 121 0.92 1.67 12.76
CA GLN A 121 2.35 1.93 12.84
C GLN A 121 2.98 1.91 11.45
N VAL A 122 3.75 2.95 11.13
CA VAL A 122 4.40 3.05 9.84
C VAL A 122 5.86 2.62 9.91
N GLN A 123 6.37 2.09 8.81
CA GLN A 123 7.76 1.64 8.75
C GLN A 123 8.51 2.34 7.64
N VAL A 124 9.84 2.37 7.74
CA VAL A 124 10.66 3.02 6.73
C VAL A 124 11.88 2.19 6.39
N ALA A 125 12.25 2.15 5.12
CA ALA A 125 13.41 1.39 4.67
C ALA A 125 14.70 2.16 4.91
N GLY A 126 15.81 1.44 4.91
CA GLY A 126 17.11 2.07 5.13
C GLY A 126 17.64 2.79 3.91
N ASP A 127 18.92 3.14 3.94
CA ASP A 127 19.54 3.83 2.81
C ASP A 127 20.95 3.30 2.56
N MET A 128 21.70 3.08 3.64
CA MET A 128 23.06 2.57 3.55
C MET A 128 23.99 3.63 2.95
N LEU A 129 25.19 3.21 2.58
CA LEU A 129 26.17 4.12 1.99
C LEU A 129 25.56 4.92 0.84
N PRO A 130 24.96 4.25 -0.16
CA PRO A 130 24.35 4.93 -1.30
C PRO A 130 23.16 5.78 -0.88
N ASN A 131 22.29 6.13 -1.83
CA ASN A 131 21.12 6.94 -1.54
C ASN A 131 20.11 6.83 -2.68
N SER A 132 19.12 6.00 -2.47
CA SER A 132 18.07 5.78 -3.45
C SER A 132 17.17 7.01 -3.57
N THR A 133 16.05 6.86 -4.28
CA THR A 133 15.11 7.96 -4.46
C THR A 133 13.83 7.70 -3.67
N GLU A 134 13.26 6.51 -3.84
CA GLU A 134 12.04 6.14 -3.15
C GLU A 134 12.29 4.98 -2.18
N ARG A 135 11.71 5.07 -0.99
CA ARG A 135 11.88 4.04 0.02
C ARG A 135 10.59 3.26 0.22
N ALA A 136 10.65 2.23 1.07
CA ALA A 136 9.48 1.42 1.36
C ALA A 136 8.97 1.65 2.77
N ILE A 137 7.66 1.88 2.90
CA ILE A 137 7.04 2.12 4.19
C ILE A 137 6.09 0.99 4.55
N THR A 138 6.08 0.57 5.82
CA THR A 138 5.19 -0.50 6.24
C THR A 138 4.15 -0.02 7.25
N ILE A 139 2.89 -0.05 6.85
CA ILE A 139 1.81 0.38 7.72
C ILE A 139 1.00 -0.81 8.24
N ALA A 140 0.91 -0.91 9.55
CA ALA A 140 0.16 -2.00 10.18
C ALA A 140 -0.99 -1.48 11.01
N GLY A 141 -2.15 -2.13 10.88
CA GLY A 141 -3.32 -1.71 11.62
C GLY A 141 -4.61 -2.25 11.02
N ILE A 142 -5.73 -1.65 11.40
CA ILE A 142 -7.04 -2.06 10.88
C ILE A 142 -7.36 -1.35 9.58
N PRO A 143 -8.32 -1.88 8.80
CA PRO A 143 -8.72 -1.29 7.52
C PRO A 143 -9.00 0.20 7.65
N GLN A 144 -9.65 0.58 8.75
CA GLN A 144 -9.97 1.97 9.00
C GLN A 144 -8.69 2.79 9.17
N SER A 145 -7.68 2.17 9.77
CA SER A 145 -6.39 2.82 10.00
C SER A 145 -5.66 3.04 8.68
N ILE A 146 -5.84 2.11 7.74
CA ILE A 146 -5.20 2.20 6.44
C ILE A 146 -5.87 3.28 5.59
N ILE A 147 -7.18 3.18 5.44
CA ILE A 147 -7.93 4.15 4.65
C ILE A 147 -7.75 5.57 5.19
N GLU A 148 -7.51 5.67 6.50
CA GLU A 148 -7.31 6.97 7.13
C GLU A 148 -5.94 7.53 6.81
N CYS A 149 -4.93 6.67 6.81
CA CYS A 149 -3.56 7.09 6.51
C CYS A 149 -3.39 7.43 5.04
N VAL A 150 -4.03 6.65 4.16
CA VAL A 150 -3.94 6.87 2.73
C VAL A 150 -4.68 8.13 2.32
N LYS A 151 -5.86 8.35 2.89
CA LYS A 151 -6.67 9.52 2.58
C LYS A 151 -5.97 10.81 3.03
N GLN A 152 -5.32 10.74 4.19
CA GLN A 152 -4.61 11.89 4.74
C GLN A 152 -3.45 12.28 3.84
N ILE A 153 -2.63 11.31 3.46
CA ILE A 153 -1.47 11.56 2.60
C ILE A 153 -1.91 12.02 1.22
N CYS A 154 -3.05 11.50 0.76
CA CYS A 154 -3.57 11.85 -0.55
C CYS A 154 -4.04 13.31 -0.57
N VAL A 155 -4.73 13.71 0.49
CA VAL A 155 -5.24 15.08 0.60
C VAL A 155 -4.09 16.09 0.54
N VAL A 156 -3.10 15.89 1.40
CA VAL A 156 -1.95 16.78 1.45
C VAL A 156 -1.15 16.72 0.14
N MET A 157 -1.18 15.57 -0.51
CA MET A 157 -0.47 15.39 -1.77
C MET A 157 -0.95 16.38 -2.82
N LEU A 158 -2.27 16.42 -3.02
CA LEU A 158 -2.86 17.33 -4.00
C LEU A 158 -2.74 18.78 -3.54
N GLU A 159 -3.06 19.03 -2.28
CA GLU A 159 -3.00 20.38 -1.71
C GLU A 159 -1.56 20.82 -1.47
N THR A 160 -0.63 19.93 -1.74
CA THR A 160 0.79 20.21 -1.55
C THR A 160 1.63 19.48 -2.58
N LYS A 1 -12.17 15.00 -8.94
CA LYS A 1 -12.52 16.05 -9.94
C LYS A 1 -11.77 15.82 -11.25
N ASN A 2 -12.03 14.67 -11.88
CA ASN A 2 -11.40 14.32 -13.14
C ASN A 2 -9.91 14.66 -13.15
N VAL A 3 -9.17 14.05 -12.22
CA VAL A 3 -7.73 14.28 -12.11
C VAL A 3 -6.95 12.98 -12.30
N THR A 4 -5.68 13.12 -12.67
CA THR A 4 -4.82 11.95 -12.88
C THR A 4 -3.87 11.74 -11.71
N LEU A 5 -3.67 10.49 -11.32
CA LEU A 5 -2.77 10.18 -10.21
C LEU A 5 -2.01 8.89 -10.46
N THR A 6 -0.97 8.66 -9.67
CA THR A 6 -0.16 7.45 -9.80
C THR A 6 0.28 6.95 -8.42
N ILE A 7 0.27 5.63 -8.24
CA ILE A 7 0.67 5.04 -6.96
C ILE A 7 1.50 3.77 -7.18
N ARG A 8 2.36 3.47 -6.21
CA ARG A 8 3.20 2.29 -6.27
C ARG A 8 3.20 1.57 -4.92
N LEU A 9 2.95 0.25 -4.95
CA LEU A 9 2.92 -0.53 -3.72
C LEU A 9 3.85 -1.73 -3.82
N LEU A 10 4.61 -1.96 -2.76
CA LEU A 10 5.56 -3.07 -2.71
C LEU A 10 4.91 -4.29 -2.07
N MET A 11 4.75 -5.36 -2.86
CA MET A 11 4.14 -6.59 -2.36
C MET A 11 5.18 -7.68 -2.21
N HIS A 12 5.06 -8.46 -1.15
CA HIS A 12 5.99 -9.56 -0.89
C HIS A 12 5.85 -10.65 -1.93
N GLY A 13 6.84 -11.53 -2.02
CA GLY A 13 6.79 -12.61 -2.98
C GLY A 13 5.58 -13.50 -2.82
N LYS A 14 5.28 -13.88 -1.57
CA LYS A 14 4.13 -14.73 -1.29
C LYS A 14 2.83 -13.92 -1.31
N GLU A 15 2.87 -12.74 -0.70
CA GLU A 15 1.71 -11.87 -0.66
C GLU A 15 1.29 -11.47 -2.07
N VAL A 16 2.26 -11.34 -2.95
CA VAL A 16 1.98 -10.96 -4.33
C VAL A 16 1.44 -12.16 -5.10
N GLY A 17 1.89 -13.35 -4.73
CA GLY A 17 1.41 -14.55 -5.40
C GLY A 17 -0.08 -14.75 -5.25
N SER A 18 -0.58 -14.51 -4.03
CA SER A 18 -2.01 -14.68 -3.75
C SER A 18 -2.83 -13.53 -4.31
N ILE A 19 -2.27 -12.32 -4.25
CA ILE A 19 -2.97 -11.15 -4.72
C ILE A 19 -2.97 -11.07 -6.25
N ILE A 20 -1.90 -11.55 -6.86
CA ILE A 20 -1.77 -11.53 -8.31
C ILE A 20 -2.73 -12.54 -8.93
N GLY A 21 -2.64 -13.79 -8.50
CA GLY A 21 -3.50 -14.82 -9.01
C GLY A 21 -2.85 -15.67 -10.07
N LYS A 22 -3.29 -16.91 -10.12
CA LYS A 22 -2.79 -17.88 -11.08
C LYS A 22 -3.18 -17.50 -12.50
N LYS A 23 -2.32 -17.82 -13.45
CA LYS A 23 -2.56 -17.51 -14.85
C LYS A 23 -2.65 -16.00 -15.08
N GLY A 24 -2.34 -15.21 -14.05
CA GLY A 24 -2.43 -13.77 -14.20
C GLY A 24 -3.83 -13.33 -14.61
N GLU A 25 -4.79 -14.26 -14.52
CA GLU A 25 -6.16 -13.96 -14.88
C GLU A 25 -6.83 -13.14 -13.78
N SER A 26 -6.37 -13.35 -12.55
CA SER A 26 -6.91 -12.63 -11.42
C SER A 26 -6.45 -11.18 -11.44
N VAL A 27 -5.17 -10.97 -11.76
CA VAL A 27 -4.65 -9.62 -11.84
C VAL A 27 -5.31 -8.89 -13.01
N LYS A 28 -5.74 -9.67 -14.00
CA LYS A 28 -6.43 -9.11 -15.15
C LYS A 28 -7.80 -8.63 -14.69
N LYS A 29 -8.40 -9.38 -13.77
CA LYS A 29 -9.70 -9.03 -13.22
C LYS A 29 -9.61 -7.71 -12.49
N MET A 30 -8.48 -7.49 -11.81
CA MET A 30 -8.25 -6.27 -11.07
C MET A 30 -8.25 -5.06 -12.01
N ARG A 31 -7.44 -5.16 -13.07
CA ARG A 31 -7.34 -4.09 -14.05
C ARG A 31 -8.71 -3.66 -14.56
N GLU A 32 -9.52 -4.63 -14.98
CA GLU A 32 -10.85 -4.37 -15.49
C GLU A 32 -11.72 -3.65 -14.45
N GLU A 33 -11.56 -4.02 -13.18
CA GLU A 33 -12.34 -3.42 -12.11
C GLU A 33 -11.87 -2.01 -11.75
N SER A 34 -10.56 -1.79 -11.82
CA SER A 34 -10.00 -0.49 -11.48
C SER A 34 -10.08 0.49 -12.66
N GLY A 35 -9.52 0.09 -13.79
CA GLY A 35 -9.53 0.94 -14.96
C GLY A 35 -8.25 1.74 -15.11
N ALA A 36 -7.37 1.65 -14.11
CA ALA A 36 -6.11 2.37 -14.14
C ALA A 36 -4.94 1.42 -14.30
N ARG A 37 -4.08 1.73 -15.28
CA ARG A 37 -2.88 0.93 -15.57
C ARG A 37 -2.36 0.19 -14.34
N ILE A 38 -1.96 -1.07 -14.53
CA ILE A 38 -1.43 -1.86 -13.44
C ILE A 38 -0.29 -2.75 -13.93
N ASN A 39 0.94 -2.32 -13.68
CA ASN A 39 2.12 -3.08 -14.09
C ASN A 39 2.90 -3.57 -12.88
N ILE A 40 3.89 -4.42 -13.12
CA ILE A 40 4.71 -4.97 -12.04
C ILE A 40 6.19 -4.74 -12.32
N SER A 41 6.97 -4.60 -11.26
CA SER A 41 8.41 -4.37 -11.39
C SER A 41 9.22 -5.41 -10.62
N GLU A 42 10.52 -5.16 -10.49
CA GLU A 42 11.41 -6.08 -9.77
C GLU A 42 11.22 -5.95 -8.27
N GLY A 43 12.21 -6.40 -7.50
CA GLY A 43 12.13 -6.34 -6.06
C GLY A 43 13.49 -6.23 -5.39
N ASN A 44 14.25 -7.32 -5.40
CA ASN A 44 15.54 -7.33 -4.75
C ASN A 44 15.38 -6.99 -3.28
N CYS A 45 14.15 -7.15 -2.79
CA CYS A 45 13.82 -6.86 -1.40
C CYS A 45 12.45 -7.42 -1.04
N PRO A 46 11.38 -6.87 -1.65
CA PRO A 46 10.02 -7.34 -1.39
C PRO A 46 9.69 -8.57 -2.22
N GLU A 47 10.28 -8.62 -3.43
CA GLU A 47 10.10 -9.71 -4.39
C GLU A 47 9.29 -9.24 -5.59
N ARG A 48 8.24 -8.48 -5.34
CA ARG A 48 7.39 -7.97 -6.42
C ARG A 48 6.84 -6.59 -6.09
N ILE A 49 6.77 -5.74 -7.12
CA ILE A 49 6.23 -4.39 -6.96
C ILE A 49 5.08 -4.17 -7.93
N ILE A 50 3.96 -3.66 -7.41
CA ILE A 50 2.79 -3.41 -8.25
C ILE A 50 2.55 -1.93 -8.48
N THR A 51 2.84 -1.47 -9.69
CA THR A 51 2.66 -0.06 -10.05
C THR A 51 1.29 0.15 -10.69
N LEU A 52 0.64 1.24 -10.33
CA LEU A 52 -0.68 1.57 -10.87
C LEU A 52 -0.72 3.02 -11.36
N ALA A 53 -1.34 3.24 -12.52
CA ALA A 53 -1.44 4.58 -13.08
C ALA A 53 -2.84 4.85 -13.61
N GLY A 54 -3.42 5.99 -13.25
CA GLY A 54 -4.75 6.31 -13.70
C GLY A 54 -5.46 7.33 -12.82
N PRO A 55 -6.56 7.92 -13.30
CA PRO A 55 -7.32 8.93 -12.54
C PRO A 55 -7.51 8.54 -11.07
N THR A 56 -7.79 9.54 -10.25
CA THR A 56 -8.00 9.33 -8.83
C THR A 56 -9.17 8.38 -8.58
N ASN A 57 -10.19 8.48 -9.43
CA ASN A 57 -11.38 7.63 -9.30
C ASN A 57 -11.03 6.16 -9.57
N ALA A 58 -10.39 5.91 -10.70
CA ALA A 58 -9.99 4.55 -11.07
C ALA A 58 -9.12 3.93 -9.99
N ILE A 59 -8.26 4.75 -9.39
CA ILE A 59 -7.36 4.28 -8.36
C ILE A 59 -8.14 3.87 -7.11
N PHE A 60 -9.17 4.63 -6.77
CA PHE A 60 -9.99 4.35 -5.61
C PHE A 60 -10.63 2.97 -5.71
N LYS A 61 -11.29 2.71 -6.84
CA LYS A 61 -11.94 1.43 -7.07
C LYS A 61 -10.92 0.29 -6.97
N ALA A 62 -9.76 0.50 -7.59
CA ALA A 62 -8.70 -0.49 -7.57
C ALA A 62 -8.32 -0.88 -6.15
N PHE A 63 -8.17 0.11 -5.29
CA PHE A 63 -7.80 -0.12 -3.90
C PHE A 63 -8.83 -1.01 -3.20
N ALA A 64 -10.11 -0.66 -3.33
CA ALA A 64 -11.18 -1.43 -2.71
C ALA A 64 -11.15 -2.90 -3.14
N MET A 65 -10.80 -3.14 -4.40
CA MET A 65 -10.73 -4.49 -4.93
C MET A 65 -9.48 -5.21 -4.46
N ILE A 66 -8.36 -4.49 -4.44
CA ILE A 66 -7.10 -5.07 -4.00
C ILE A 66 -7.17 -5.52 -2.55
N ILE A 67 -7.63 -4.62 -1.68
CA ILE A 67 -7.76 -4.94 -0.27
C ILE A 67 -8.74 -6.08 -0.04
N ASP A 68 -9.82 -6.10 -0.82
CA ASP A 68 -10.82 -7.15 -0.72
C ASP A 68 -10.27 -8.46 -1.26
N LYS A 69 -9.36 -8.37 -2.22
CA LYS A 69 -8.75 -9.55 -2.81
C LYS A 69 -7.89 -10.26 -1.76
N LEU A 70 -7.26 -9.46 -0.90
CA LEU A 70 -6.41 -10.01 0.15
C LEU A 70 -7.28 -10.55 1.28
N GLU A 71 -8.43 -9.94 1.48
CA GLU A 71 -9.37 -10.35 2.53
C GLU A 71 -10.11 -11.61 2.11
N GLU A 72 -10.37 -11.73 0.81
CA GLU A 72 -11.08 -12.88 0.27
C GLU A 72 -10.20 -14.12 0.30
N ASP A 73 -8.91 -13.93 0.04
CA ASP A 73 -7.95 -15.04 0.03
C ASP A 73 -8.01 -15.82 1.34
N ILE A 74 -7.84 -15.10 2.45
CA ILE A 74 -7.87 -15.73 3.77
C ILE A 74 -9.18 -16.47 4.00
N SER A 75 -10.29 -15.84 3.60
CA SER A 75 -11.61 -16.44 3.76
C SER A 75 -11.92 -17.38 2.60
N SER A 76 -13.13 -17.92 2.60
CA SER A 76 -13.58 -18.85 1.56
C SER A 76 -13.04 -20.26 1.82
N SER A 77 -11.72 -20.36 1.94
CA SER A 77 -11.09 -21.65 2.18
C SER A 77 -9.84 -21.49 3.04
N MET A 78 -9.88 -22.04 4.25
CA MET A 78 -8.75 -21.95 5.17
C MET A 78 -8.42 -23.32 5.75
N THR A 79 -7.43 -23.36 6.63
CA THR A 79 -7.01 -24.61 7.26
C THR A 79 -7.29 -24.59 8.76
N ASN A 80 -7.40 -25.77 9.35
CA ASN A 80 -7.66 -25.89 10.78
C ASN A 80 -6.54 -25.25 11.59
N SER A 81 -5.32 -25.32 11.07
CA SER A 81 -4.17 -24.74 11.75
C SER A 81 -4.29 -23.23 11.84
N THR A 82 -3.61 -22.64 12.82
CA THR A 82 -3.64 -21.20 13.01
C THR A 82 -2.36 -20.55 12.48
N ALA A 83 -2.46 -19.29 12.10
CA ALA A 83 -1.31 -18.56 11.57
C ALA A 83 -0.55 -17.85 12.70
N ALA A 84 -1.21 -16.94 13.39
CA ALA A 84 -0.61 -16.20 14.48
C ALA A 84 -1.66 -15.59 15.40
N SER A 85 -2.24 -14.48 14.96
CA SER A 85 -3.26 -13.80 15.73
C SER A 85 -3.93 -12.70 14.90
N ARG A 86 -5.09 -13.02 14.32
CA ARG A 86 -5.81 -12.06 13.50
C ARG A 86 -5.01 -11.68 12.26
N PRO A 87 -5.60 -11.82 11.06
CA PRO A 87 -4.93 -11.49 9.80
C PRO A 87 -4.60 -10.00 9.70
N PRO A 88 -3.30 -9.63 9.82
CA PRO A 88 -2.87 -8.24 9.74
C PRO A 88 -3.00 -7.67 8.34
N VAL A 89 -2.97 -6.35 8.24
CA VAL A 89 -3.08 -5.67 6.95
C VAL A 89 -1.91 -4.71 6.74
N THR A 90 -0.96 -5.13 5.91
CA THR A 90 0.21 -4.31 5.62
C THR A 90 0.21 -3.85 4.16
N LEU A 91 0.48 -2.56 3.95
CA LEU A 91 0.54 -2.00 2.63
C LEU A 91 1.70 -1.03 2.62
N ARG A 92 2.70 -1.28 1.80
CA ARG A 92 3.82 -0.41 1.77
C ARG A 92 3.84 0.42 0.50
N LEU A 93 3.63 1.72 0.67
CA LEU A 93 3.61 2.64 -0.46
C LEU A 93 4.91 3.42 -0.54
N VAL A 94 5.24 3.89 -1.74
CA VAL A 94 6.46 4.65 -1.96
C VAL A 94 6.16 6.14 -2.15
N VAL A 95 7.02 6.99 -1.60
CA VAL A 95 6.84 8.44 -1.71
C VAL A 95 8.19 9.14 -1.79
N PRO A 96 8.22 10.35 -2.39
CA PRO A 96 9.46 11.13 -2.53
C PRO A 96 10.02 11.59 -1.19
N ALA A 97 11.29 11.98 -1.20
CA ALA A 97 11.97 12.44 0.01
C ALA A 97 11.24 13.62 0.63
N SER A 98 10.67 14.48 -0.20
CA SER A 98 9.94 15.64 0.26
C SER A 98 8.69 15.20 1.00
N GLN A 99 8.14 14.07 0.58
CA GLN A 99 6.93 13.53 1.19
C GLN A 99 7.23 13.08 2.62
N CYS A 100 8.34 12.36 2.79
CA CYS A 100 8.73 11.87 4.10
C CYS A 100 9.09 13.02 5.02
N GLY A 101 9.93 13.93 4.53
CA GLY A 101 10.35 15.08 5.33
C GLY A 101 9.17 15.79 5.96
N SER A 102 8.18 16.15 5.14
CA SER A 102 7.00 16.84 5.63
C SER A 102 6.13 15.90 6.44
N LEU A 103 6.01 14.66 5.97
CA LEU A 103 5.20 13.65 6.66
C LEU A 103 5.67 13.52 8.10
N ILE A 104 6.96 13.78 8.32
CA ILE A 104 7.55 13.71 9.66
C ILE A 104 7.21 14.96 10.46
N GLY A 105 7.36 16.12 9.83
CA GLY A 105 7.06 17.37 10.52
C GLY A 105 8.17 17.79 11.47
N LYS A 106 7.91 18.84 12.23
CA LYS A 106 8.89 19.35 13.19
C LYS A 106 9.16 18.33 14.29
N GLY A 107 10.41 17.88 14.39
CA GLY A 107 10.78 16.92 15.41
C GLY A 107 9.97 15.64 15.33
N GLY A 108 9.36 15.38 14.18
CA GLY A 108 8.56 14.18 14.02
C GLY A 108 7.26 14.23 14.78
N CYS A 109 6.94 15.39 15.37
CA CYS A 109 5.73 15.55 16.14
C CYS A 109 4.50 15.13 15.33
N LYS A 110 4.48 15.48 14.05
CA LYS A 110 3.35 15.15 13.19
C LYS A 110 3.21 13.64 13.01
N ILE A 111 4.20 13.03 12.36
CA ILE A 111 4.17 11.59 12.12
C ILE A 111 3.98 10.80 13.42
N LYS A 112 4.55 11.31 14.51
CA LYS A 112 4.44 10.66 15.80
C LYS A 112 2.99 10.54 16.23
N GLU A 113 2.23 11.62 16.07
CA GLU A 113 0.83 11.64 16.45
C GLU A 113 -0.01 10.83 15.46
N ILE A 114 0.40 10.83 14.20
CA ILE A 114 -0.31 10.10 13.17
C ILE A 114 -0.29 8.59 13.43
N ARG A 115 0.87 8.08 13.82
CA ARG A 115 1.02 6.65 14.10
C ARG A 115 0.37 6.29 15.42
N GLU A 116 0.56 7.13 16.42
CA GLU A 116 0.00 6.90 17.75
C GLU A 116 -1.53 6.79 17.71
N SER A 117 -2.15 7.58 16.83
CA SER A 117 -3.60 7.56 16.72
C SER A 117 -4.08 6.60 15.65
N THR A 118 -3.44 6.64 14.49
CA THR A 118 -3.80 5.75 13.40
C THR A 118 -3.91 4.30 13.91
N GLY A 119 -3.19 4.01 14.99
CA GLY A 119 -3.22 2.67 15.56
C GLY A 119 -2.33 1.69 14.81
N ALA A 120 -1.81 2.10 13.65
CA ALA A 120 -0.95 1.25 12.86
C ALA A 120 0.50 1.72 12.90
N GLN A 121 1.43 0.79 12.70
CA GLN A 121 2.85 1.12 12.73
C GLN A 121 3.39 1.26 11.30
N VAL A 122 4.28 2.23 11.11
CA VAL A 122 4.86 2.48 9.79
C VAL A 122 6.24 1.86 9.67
N GLN A 123 6.68 1.62 8.44
CA GLN A 123 7.98 1.02 8.19
C GLN A 123 8.78 1.83 7.19
N VAL A 124 10.11 1.66 7.21
CA VAL A 124 10.99 2.38 6.30
C VAL A 124 11.94 1.43 5.59
N ALA A 125 11.84 1.39 4.27
CA ALA A 125 12.70 0.50 3.47
C ALA A 125 14.11 1.07 3.36
N GLY A 126 15.06 0.21 3.00
CA GLY A 126 16.44 0.64 2.87
C GLY A 126 16.69 1.36 1.57
N ASP A 127 16.84 2.68 1.64
CA ASP A 127 17.09 3.49 0.46
C ASP A 127 17.78 4.81 0.84
N MET A 128 17.29 5.44 1.90
CA MET A 128 17.85 6.71 2.36
C MET A 128 17.63 7.81 1.33
N LEU A 129 17.96 9.04 1.71
CA LEU A 129 17.80 10.18 0.81
C LEU A 129 19.05 10.37 -0.05
N PRO A 130 20.24 10.43 0.57
CA PRO A 130 21.51 10.62 -0.15
C PRO A 130 21.73 9.53 -1.19
N ASN A 131 21.19 8.35 -0.95
CA ASN A 131 21.34 7.22 -1.87
C ASN A 131 20.27 7.26 -2.96
N SER A 132 19.08 6.79 -2.62
CA SER A 132 17.97 6.77 -3.56
C SER A 132 17.24 8.11 -3.59
N THR A 133 16.08 8.14 -4.23
CA THR A 133 15.29 9.36 -4.32
C THR A 133 13.96 9.19 -3.60
N GLU A 134 13.34 8.03 -3.76
CA GLU A 134 12.06 7.73 -3.12
C GLU A 134 12.20 6.55 -2.18
N ARG A 135 11.56 6.64 -1.01
CA ARG A 135 11.61 5.58 -0.03
C ARG A 135 10.26 4.88 0.08
N ALA A 136 10.25 3.73 0.77
CA ALA A 136 9.01 2.97 0.95
C ALA A 136 8.63 2.87 2.43
N ILE A 137 7.36 3.10 2.71
CA ILE A 137 6.86 3.03 4.08
C ILE A 137 5.83 1.91 4.23
N THR A 138 5.97 1.07 5.26
CA THR A 138 5.03 -0.03 5.44
C THR A 138 4.12 0.21 6.64
N ILE A 139 2.82 0.33 6.37
CA ILE A 139 1.84 0.55 7.43
C ILE A 139 1.04 -0.73 7.69
N ALA A 140 1.09 -1.20 8.93
CA ALA A 140 0.37 -2.42 9.31
C ALA A 140 -0.67 -2.13 10.38
N GLY A 141 -1.83 -2.78 10.26
CA GLY A 141 -2.89 -2.58 11.22
C GLY A 141 -4.22 -3.13 10.73
N ILE A 142 -5.31 -2.56 11.24
CA ILE A 142 -6.65 -3.00 10.84
C ILE A 142 -7.12 -2.25 9.60
N PRO A 143 -8.14 -2.77 8.90
CA PRO A 143 -8.66 -2.13 7.69
C PRO A 143 -8.96 -0.65 7.90
N GLN A 144 -9.40 -0.31 9.11
CA GLN A 144 -9.71 1.08 9.44
C GLN A 144 -8.44 1.90 9.58
N SER A 145 -7.38 1.27 10.08
CA SER A 145 -6.09 1.95 10.27
C SER A 145 -5.39 2.15 8.94
N ILE A 146 -5.45 1.14 8.08
CA ILE A 146 -4.80 1.21 6.76
C ILE A 146 -5.51 2.20 5.86
N ILE A 147 -6.84 2.21 5.90
CA ILE A 147 -7.63 3.12 5.09
C ILE A 147 -7.48 4.56 5.57
N GLU A 148 -7.31 4.73 6.88
CA GLU A 148 -7.15 6.06 7.46
C GLU A 148 -5.82 6.67 7.07
N CYS A 149 -4.74 5.91 7.23
CA CYS A 149 -3.40 6.37 6.89
C CYS A 149 -3.32 6.77 5.42
N VAL A 150 -3.72 5.86 4.54
CA VAL A 150 -3.68 6.10 3.10
C VAL A 150 -4.51 7.34 2.74
N LYS A 151 -5.61 7.55 3.46
CA LYS A 151 -6.47 8.69 3.20
C LYS A 151 -5.79 9.99 3.59
N GLN A 152 -4.96 9.94 4.62
CA GLN A 152 -4.24 11.12 5.09
C GLN A 152 -3.14 11.52 4.11
N ILE A 153 -2.47 10.52 3.54
CA ILE A 153 -1.39 10.77 2.59
C ILE A 153 -1.94 11.23 1.24
N CYS A 154 -3.11 10.70 0.87
CA CYS A 154 -3.74 11.06 -0.40
C CYS A 154 -4.31 12.48 -0.35
N VAL A 155 -4.85 12.85 0.81
CA VAL A 155 -5.42 14.18 0.98
C VAL A 155 -4.34 15.24 1.10
N VAL A 156 -3.27 14.92 1.82
CA VAL A 156 -2.17 15.85 2.02
C VAL A 156 -1.40 16.09 0.72
N MET A 157 -1.09 15.01 0.01
CA MET A 157 -0.36 15.11 -1.24
C MET A 157 -1.13 15.91 -2.27
N LEU A 158 -2.42 15.62 -2.40
CA LEU A 158 -3.28 16.32 -3.35
C LEU A 158 -3.50 17.76 -2.92
N GLU A 159 -3.91 17.95 -1.66
CA GLU A 159 -4.16 19.28 -1.13
C GLU A 159 -2.86 20.04 -0.85
N THR A 160 -1.75 19.37 -1.08
CA THR A 160 -0.44 19.96 -0.87
C THR A 160 -0.26 20.36 0.60
N LYS A 1 -13.77 15.33 -7.84
CA LYS A 1 -12.47 14.61 -7.96
C LYS A 1 -12.05 14.51 -9.43
N ASN A 2 -11.06 15.30 -9.81
CA ASN A 2 -10.55 15.30 -11.18
C ASN A 2 -9.03 15.48 -11.20
N VAL A 3 -8.33 14.67 -10.41
CA VAL A 3 -6.88 14.74 -10.34
C VAL A 3 -6.26 13.37 -10.60
N THR A 4 -5.03 13.38 -11.12
CA THR A 4 -4.31 12.14 -11.41
C THR A 4 -3.25 11.86 -10.34
N LEU A 5 -3.03 10.58 -10.08
CA LEU A 5 -2.05 10.18 -9.07
C LEU A 5 -1.57 8.75 -9.28
N THR A 6 -0.27 8.53 -9.08
CA THR A 6 0.32 7.21 -9.26
C THR A 6 0.80 6.64 -7.93
N ILE A 7 0.41 5.40 -7.64
CA ILE A 7 0.79 4.73 -6.42
C ILE A 7 1.72 3.56 -6.70
N ARG A 8 2.39 3.08 -5.65
CA ARG A 8 3.31 1.96 -5.78
C ARG A 8 3.09 0.94 -4.66
N LEU A 9 2.82 -0.31 -5.05
CA LEU A 9 2.58 -1.38 -4.08
C LEU A 9 3.67 -2.44 -4.16
N LEU A 10 4.39 -2.64 -3.04
CA LEU A 10 5.44 -3.63 -2.99
C LEU A 10 5.10 -4.74 -1.99
N MET A 11 5.19 -5.99 -2.43
CA MET A 11 4.88 -7.12 -1.55
C MET A 11 5.83 -8.29 -1.82
N HIS A 12 5.89 -9.21 -0.86
CA HIS A 12 6.76 -10.39 -0.97
C HIS A 12 6.25 -11.34 -2.05
N GLY A 13 7.11 -12.26 -2.48
CA GLY A 13 6.74 -13.21 -3.51
C GLY A 13 5.41 -13.92 -3.23
N LYS A 14 5.13 -14.20 -1.96
CA LYS A 14 3.90 -14.89 -1.59
C LYS A 14 2.70 -13.94 -1.60
N GLU A 15 2.82 -12.80 -0.92
CA GLU A 15 1.73 -11.83 -0.86
C GLU A 15 1.40 -11.29 -2.24
N VAL A 16 2.41 -11.18 -3.09
CA VAL A 16 2.21 -10.68 -4.44
C VAL A 16 1.49 -11.70 -5.30
N GLY A 17 1.83 -12.97 -5.13
CA GLY A 17 1.19 -14.01 -5.90
C GLY A 17 -0.30 -14.10 -5.64
N SER A 18 -0.70 -13.85 -4.39
CA SER A 18 -2.11 -13.92 -4.01
C SER A 18 -2.87 -12.69 -4.51
N ILE A 19 -2.19 -11.55 -4.55
CA ILE A 19 -2.84 -10.33 -5.01
C ILE A 19 -2.93 -10.27 -6.54
N ILE A 20 -1.82 -10.58 -7.20
CA ILE A 20 -1.78 -10.57 -8.66
C ILE A 20 -2.83 -11.51 -9.22
N GLY A 21 -2.85 -12.74 -8.72
CA GLY A 21 -3.82 -13.71 -9.15
C GLY A 21 -3.27 -14.65 -10.20
N LYS A 22 -3.80 -15.85 -10.19
CA LYS A 22 -3.41 -16.90 -11.12
C LYS A 22 -3.70 -16.50 -12.56
N LYS A 23 -2.85 -16.94 -13.47
CA LYS A 23 -3.00 -16.65 -14.89
C LYS A 23 -3.19 -15.15 -15.18
N GLY A 24 -2.82 -14.31 -14.21
CA GLY A 24 -2.94 -12.87 -14.39
C GLY A 24 -4.34 -12.40 -14.80
N GLU A 25 -5.32 -13.29 -14.72
CA GLU A 25 -6.68 -12.92 -15.07
C GLU A 25 -7.28 -12.06 -13.96
N SER A 26 -6.79 -12.27 -12.75
CA SER A 26 -7.25 -11.52 -11.60
C SER A 26 -6.68 -10.10 -11.61
N VAL A 27 -5.41 -9.96 -12.00
CA VAL A 27 -4.81 -8.63 -12.07
C VAL A 27 -5.47 -7.84 -13.19
N LYS A 28 -6.01 -8.56 -14.17
CA LYS A 28 -6.72 -7.92 -15.27
C LYS A 28 -8.04 -7.38 -14.74
N LYS A 29 -8.63 -8.13 -13.83
CA LYS A 29 -9.89 -7.74 -13.20
C LYS A 29 -9.70 -6.43 -12.43
N MET A 30 -8.51 -6.27 -11.85
CA MET A 30 -8.19 -5.08 -11.08
C MET A 30 -8.10 -3.86 -11.99
N ARG A 31 -7.46 -4.03 -13.15
CA ARG A 31 -7.31 -2.95 -14.11
C ARG A 31 -8.67 -2.41 -14.54
N GLU A 32 -9.55 -3.31 -14.94
CA GLU A 32 -10.88 -2.94 -15.39
C GLU A 32 -11.72 -2.30 -14.27
N GLU A 33 -11.56 -2.82 -13.06
CA GLU A 33 -12.32 -2.33 -11.91
C GLU A 33 -11.80 -0.98 -11.41
N SER A 34 -10.48 -0.79 -11.48
CA SER A 34 -9.88 0.46 -11.02
C SER A 34 -9.84 1.49 -12.15
N GLY A 35 -9.22 1.10 -13.26
CA GLY A 35 -9.13 2.00 -14.40
C GLY A 35 -7.84 2.79 -14.43
N ALA A 36 -6.94 2.52 -13.49
CA ALA A 36 -5.67 3.24 -13.44
C ALA A 36 -4.50 2.32 -13.81
N ARG A 37 -3.69 2.78 -14.77
CA ARG A 37 -2.51 2.04 -15.24
C ARG A 37 -1.91 1.15 -14.15
N ILE A 38 -2.13 -0.15 -14.26
CA ILE A 38 -1.59 -1.10 -13.28
C ILE A 38 -0.44 -1.90 -13.88
N ASN A 39 0.79 -1.50 -13.56
CA ASN A 39 1.98 -2.18 -14.07
C ASN A 39 2.72 -2.91 -12.94
N ILE A 40 3.69 -3.73 -13.32
CA ILE A 40 4.48 -4.50 -12.36
C ILE A 40 5.98 -4.26 -12.56
N SER A 41 6.74 -4.38 -11.48
CA SER A 41 8.20 -4.18 -11.54
C SER A 41 8.95 -5.49 -11.82
N GLU A 42 10.24 -5.49 -11.51
CA GLU A 42 11.10 -6.66 -11.73
C GLU A 42 10.76 -7.81 -10.79
N GLY A 43 11.45 -8.93 -10.98
CA GLY A 43 11.23 -10.12 -10.16
C GLY A 43 9.79 -10.53 -10.08
N ASN A 44 9.48 -11.65 -10.72
CA ASN A 44 8.15 -12.20 -10.67
C ASN A 44 8.20 -13.39 -9.75
N CYS A 45 9.00 -13.26 -8.69
CA CYS A 45 9.19 -14.35 -7.74
C CYS A 45 9.59 -13.87 -6.35
N PRO A 46 10.78 -13.28 -6.21
CA PRO A 46 11.26 -12.78 -4.91
C PRO A 46 10.32 -11.74 -4.37
N GLU A 47 9.76 -10.98 -5.28
CA GLU A 47 8.83 -9.92 -4.92
C GLU A 47 8.23 -9.29 -6.17
N ARG A 48 7.18 -8.49 -5.97
CA ARG A 48 6.52 -7.82 -7.09
C ARG A 48 6.04 -6.44 -6.69
N ILE A 49 6.26 -5.47 -7.57
CA ILE A 49 5.83 -4.10 -7.32
C ILE A 49 4.78 -3.68 -8.32
N ILE A 50 3.55 -3.58 -7.86
CA ILE A 50 2.43 -3.20 -8.71
C ILE A 50 2.31 -1.68 -8.77
N THR A 51 2.92 -1.09 -9.78
CA THR A 51 2.87 0.36 -9.96
C THR A 51 1.57 0.80 -10.60
N LEU A 52 0.66 1.32 -9.78
CA LEU A 52 -0.63 1.79 -10.26
C LEU A 52 -0.55 3.28 -10.61
N ALA A 53 -1.27 3.69 -11.65
CA ALA A 53 -1.24 5.08 -12.08
C ALA A 53 -2.62 5.52 -12.57
N GLY A 54 -3.15 6.58 -11.98
CA GLY A 54 -4.45 7.07 -12.39
C GLY A 54 -5.14 7.90 -11.32
N PRO A 55 -6.17 8.66 -11.71
CA PRO A 55 -6.93 9.52 -10.81
C PRO A 55 -7.21 8.90 -9.45
N THR A 56 -7.51 9.76 -8.47
CA THR A 56 -7.80 9.32 -7.12
C THR A 56 -8.96 8.34 -7.09
N ASN A 57 -9.94 8.57 -7.97
CA ASN A 57 -11.11 7.70 -8.04
C ASN A 57 -10.73 6.30 -8.51
N ALA A 58 -10.03 6.22 -9.64
CA ALA A 58 -9.60 4.95 -10.19
C ALA A 58 -8.74 4.21 -9.18
N ILE A 59 -7.84 4.95 -8.53
CA ILE A 59 -6.95 4.38 -7.53
C ILE A 59 -7.74 3.91 -6.31
N PHE A 60 -8.74 4.69 -5.93
CA PHE A 60 -9.58 4.36 -4.78
C PHE A 60 -10.21 2.98 -4.95
N LYS A 61 -10.55 2.64 -6.18
CA LYS A 61 -11.16 1.35 -6.46
C LYS A 61 -10.11 0.24 -6.41
N ALA A 62 -8.91 0.54 -6.91
CA ALA A 62 -7.82 -0.42 -6.92
C ALA A 62 -7.42 -0.80 -5.50
N PHE A 63 -7.22 0.21 -4.65
CA PHE A 63 -6.83 -0.02 -3.27
C PHE A 63 -7.92 -0.76 -2.51
N ALA A 64 -9.17 -0.36 -2.73
CA ALA A 64 -10.30 -1.00 -2.06
C ALA A 64 -10.51 -2.42 -2.57
N MET A 65 -10.14 -2.67 -3.82
CA MET A 65 -10.30 -3.99 -4.42
C MET A 65 -9.23 -4.96 -3.95
N ILE A 66 -7.98 -4.52 -3.99
CA ILE A 66 -6.87 -5.36 -3.57
C ILE A 66 -7.01 -5.79 -2.11
N ILE A 67 -7.40 -4.85 -1.25
CA ILE A 67 -7.58 -5.15 0.17
C ILE A 67 -8.77 -6.07 0.39
N ASP A 68 -9.82 -5.89 -0.41
CA ASP A 68 -11.02 -6.69 -0.30
C ASP A 68 -10.72 -8.16 -0.58
N LYS A 69 -10.00 -8.43 -1.67
CA LYS A 69 -9.64 -9.79 -2.02
C LYS A 69 -8.78 -10.41 -0.94
N LEU A 70 -7.93 -9.60 -0.32
CA LEU A 70 -7.06 -10.05 0.75
C LEU A 70 -7.85 -10.17 2.05
N GLU A 71 -8.92 -9.38 2.15
CA GLU A 71 -9.77 -9.40 3.34
C GLU A 71 -10.68 -10.63 3.32
N GLU A 72 -11.12 -11.01 2.13
CA GLU A 72 -11.99 -12.17 1.97
C GLU A 72 -11.22 -13.46 2.20
N ASP A 73 -9.97 -13.49 1.73
CA ASP A 73 -9.13 -14.67 1.89
C ASP A 73 -8.97 -15.03 3.36
N ILE A 74 -8.90 -14.02 4.21
CA ILE A 74 -8.75 -14.23 5.65
C ILE A 74 -10.05 -14.73 6.26
N SER A 75 -11.18 -14.25 5.75
CA SER A 75 -12.49 -14.65 6.25
C SER A 75 -13.09 -15.76 5.39
N SER A 76 -12.24 -16.68 4.94
CA SER A 76 -12.69 -17.78 4.11
C SER A 76 -13.10 -18.98 4.95
N SER A 77 -13.09 -18.81 6.27
CA SER A 77 -13.46 -19.89 7.20
C SER A 77 -12.39 -20.97 7.20
N MET A 78 -11.14 -20.56 7.14
CA MET A 78 -10.02 -21.49 7.13
C MET A 78 -9.89 -22.18 8.49
N THR A 79 -10.83 -23.08 8.79
CA THR A 79 -10.81 -23.80 10.05
C THR A 79 -10.17 -25.18 9.88
N ASN A 80 -8.85 -25.19 9.74
CA ASN A 80 -8.11 -26.44 9.56
C ASN A 80 -6.62 -26.23 9.82
N SER A 81 -6.05 -25.21 9.20
CA SER A 81 -4.63 -24.91 9.37
C SER A 81 -4.35 -24.38 10.77
N THR A 82 -3.15 -23.88 10.98
CA THR A 82 -2.75 -23.35 12.27
C THR A 82 -2.16 -21.95 12.14
N ALA A 83 -1.89 -21.31 13.28
CA ALA A 83 -1.32 -19.97 13.28
C ALA A 83 -0.39 -19.78 14.47
N ALA A 84 0.12 -18.55 14.62
CA ALA A 84 1.03 -18.25 15.72
C ALA A 84 0.30 -17.56 16.86
N SER A 85 -0.58 -16.63 16.51
CA SER A 85 -1.35 -15.89 17.51
C SER A 85 -2.28 -14.88 16.85
N ARG A 86 -1.70 -13.83 16.29
CA ARG A 86 -2.47 -12.78 15.62
C ARG A 86 -1.78 -12.32 14.34
N PRO A 87 -2.15 -12.89 13.18
CA PRO A 87 -1.55 -12.53 11.90
C PRO A 87 -1.92 -11.11 11.47
N PRO A 88 -0.94 -10.19 11.46
CA PRO A 88 -1.17 -8.79 11.07
C PRO A 88 -1.29 -8.62 9.56
N VAL A 89 -1.26 -7.37 9.11
CA VAL A 89 -1.36 -7.07 7.69
C VAL A 89 -0.40 -5.94 7.31
N THR A 90 0.60 -6.28 6.50
CA THR A 90 1.59 -5.29 6.08
C THR A 90 1.34 -4.85 4.64
N LEU A 91 1.53 -3.54 4.40
CA LEU A 91 1.35 -2.97 3.09
C LEU A 91 2.47 -1.97 2.90
N ARG A 92 3.32 -2.20 1.92
CA ARG A 92 4.41 -1.31 1.72
C ARG A 92 4.18 -0.41 0.51
N LEU A 93 4.01 0.86 0.78
CA LEU A 93 3.77 1.86 -0.26
C LEU A 93 5.01 2.72 -0.48
N VAL A 94 5.21 3.14 -1.72
CA VAL A 94 6.37 3.98 -2.06
C VAL A 94 5.98 5.45 -2.16
N VAL A 95 6.82 6.32 -1.61
CA VAL A 95 6.57 7.75 -1.64
C VAL A 95 7.88 8.53 -1.79
N PRO A 96 7.80 9.78 -2.29
CA PRO A 96 8.98 10.63 -2.47
C PRO A 96 9.64 11.01 -1.16
N ALA A 97 10.93 11.35 -1.22
CA ALA A 97 11.67 11.73 -0.02
C ALA A 97 11.18 13.05 0.55
N SER A 98 10.78 13.96 -0.34
CA SER A 98 10.28 15.25 0.08
C SER A 98 8.91 15.08 0.73
N GLN A 99 8.19 14.07 0.28
CA GLN A 99 6.87 13.79 0.81
C GLN A 99 6.96 13.24 2.22
N CYS A 100 7.86 12.28 2.42
CA CYS A 100 8.05 11.68 3.73
C CYS A 100 8.51 12.73 4.74
N GLY A 101 9.39 13.61 4.29
CA GLY A 101 9.88 14.67 5.17
C GLY A 101 8.78 15.55 5.69
N SER A 102 7.93 16.04 4.78
CA SER A 102 6.82 16.90 5.16
C SER A 102 5.79 16.12 5.97
N LEU A 103 5.55 14.87 5.58
CA LEU A 103 4.61 14.02 6.28
C LEU A 103 4.97 13.90 7.75
N ILE A 104 6.26 14.03 8.05
CA ILE A 104 6.75 13.94 9.41
C ILE A 104 6.59 15.28 10.13
N GLY A 105 6.76 16.37 9.39
CA GLY A 105 6.62 17.69 9.97
C GLY A 105 7.69 17.97 11.02
N LYS A 106 7.65 19.19 11.57
CA LYS A 106 8.62 19.59 12.59
C LYS A 106 8.42 18.78 13.87
N GLY A 107 9.52 18.26 14.41
CA GLY A 107 9.44 17.48 15.63
C GLY A 107 8.65 16.20 15.46
N GLY A 108 8.43 15.80 14.22
CA GLY A 108 7.67 14.59 13.94
C GLY A 108 6.23 14.67 14.43
N CYS A 109 5.77 15.89 14.71
CA CYS A 109 4.42 16.10 15.20
C CYS A 109 3.39 15.45 14.27
N LYS A 110 3.59 15.62 12.96
CA LYS A 110 2.68 15.05 11.98
C LYS A 110 2.68 13.53 12.03
N ILE A 111 3.85 12.93 11.84
CA ILE A 111 3.99 11.48 11.86
C ILE A 111 3.43 10.90 13.15
N LYS A 112 3.53 11.66 14.23
CA LYS A 112 3.04 11.21 15.54
C LYS A 112 1.52 11.07 15.52
N GLU A 113 0.85 12.04 14.90
CA GLU A 113 -0.61 12.03 14.82
C GLU A 113 -1.09 10.98 13.84
N ILE A 114 -0.39 10.86 12.72
CA ILE A 114 -0.75 9.89 11.68
C ILE A 114 -0.76 8.47 12.24
N ARG A 115 0.35 8.07 12.86
CA ARG A 115 0.46 6.73 13.42
C ARG A 115 -0.48 6.55 14.61
N GLU A 116 -0.57 7.59 15.44
CA GLU A 116 -1.44 7.56 16.61
C GLU A 116 -2.87 7.19 16.27
N SER A 117 -3.43 7.84 15.25
CA SER A 117 -4.81 7.58 14.85
C SER A 117 -4.90 6.41 13.89
N THR A 118 -3.94 6.31 12.98
CA THR A 118 -3.92 5.22 12.00
C THR A 118 -4.10 3.88 12.71
N GLY A 119 -3.71 3.83 13.99
CA GLY A 119 -3.84 2.60 14.76
C GLY A 119 -2.74 1.59 14.47
N ALA A 120 -2.11 1.71 13.31
CA ALA A 120 -1.04 0.79 12.93
C ALA A 120 0.32 1.47 12.97
N GLN A 121 1.38 0.68 12.83
CA GLN A 121 2.74 1.20 12.85
C GLN A 121 3.26 1.42 11.43
N VAL A 122 3.80 2.61 11.17
CA VAL A 122 4.33 2.93 9.86
C VAL A 122 5.85 2.77 9.81
N GLN A 123 6.35 2.24 8.70
CA GLN A 123 7.78 2.03 8.54
C GLN A 123 8.36 3.00 7.52
N VAL A 124 9.67 3.22 7.60
CA VAL A 124 10.34 4.13 6.68
C VAL A 124 11.67 3.55 6.20
N ALA A 125 11.92 3.65 4.90
CA ALA A 125 13.15 3.13 4.33
C ALA A 125 14.31 4.11 4.54
N GLY A 126 15.45 3.57 4.96
CA GLY A 126 16.62 4.40 5.21
C GLY A 126 17.36 4.75 3.93
N ASP A 127 17.67 6.03 3.76
CA ASP A 127 18.39 6.50 2.59
C ASP A 127 19.06 7.83 2.89
N MET A 128 19.38 8.04 4.16
CA MET A 128 20.01 9.26 4.60
C MET A 128 21.53 9.11 4.64
N LEU A 129 22.10 8.64 3.53
CA LEU A 129 23.55 8.44 3.46
C LEU A 129 23.98 7.98 2.06
N PRO A 130 23.50 6.82 1.60
CA PRO A 130 23.85 6.29 0.28
C PRO A 130 23.56 7.29 -0.85
N ASN A 131 22.36 7.23 -1.42
CA ASN A 131 22.00 8.13 -2.51
C ASN A 131 20.58 7.94 -3.03
N SER A 132 19.74 7.24 -2.27
CA SER A 132 18.36 6.99 -2.69
C SER A 132 17.60 8.30 -2.82
N THR A 133 16.46 8.26 -3.52
CA THR A 133 15.64 9.44 -3.72
C THR A 133 14.27 9.26 -3.11
N GLU A 134 13.65 8.10 -3.38
CA GLU A 134 12.33 7.80 -2.86
C GLU A 134 12.42 6.82 -1.69
N ARG A 135 11.64 7.07 -0.65
CA ARG A 135 11.64 6.21 0.52
C ARG A 135 10.34 5.43 0.62
N ALA A 136 10.43 4.17 1.02
CA ALA A 136 9.25 3.31 1.16
C ALA A 136 8.76 3.29 2.59
N ILE A 137 7.46 3.04 2.77
CA ILE A 137 6.86 2.98 4.09
C ILE A 137 6.13 1.66 4.30
N THR A 138 6.24 1.09 5.50
CA THR A 138 5.58 -0.18 5.78
C THR A 138 4.56 -0.05 6.91
N ILE A 139 3.29 -0.24 6.58
CA ILE A 139 2.22 -0.14 7.56
C ILE A 139 1.71 -1.53 7.96
N ALA A 140 1.80 -1.82 9.26
CA ALA A 140 1.35 -3.12 9.77
C ALA A 140 0.21 -2.95 10.77
N GLY A 141 -0.82 -3.75 10.63
CA GLY A 141 -1.97 -3.68 11.53
C GLY A 141 -3.20 -4.36 10.96
N ILE A 142 -4.36 -3.89 11.38
CA ILE A 142 -5.63 -4.46 10.92
C ILE A 142 -6.07 -3.81 9.60
N PRO A 143 -6.99 -4.47 8.86
CA PRO A 143 -7.49 -3.94 7.59
C PRO A 143 -7.93 -2.49 7.69
N GLN A 144 -8.44 -2.12 8.86
CA GLN A 144 -8.90 -0.75 9.10
C GLN A 144 -7.72 0.21 9.22
N SER A 145 -6.62 -0.30 9.78
CA SER A 145 -5.42 0.52 9.97
C SER A 145 -4.77 0.83 8.62
N ILE A 146 -4.57 -0.20 7.80
CA ILE A 146 -3.96 -0.02 6.49
C ILE A 146 -4.78 0.94 5.62
N ILE A 147 -6.08 0.66 5.52
CA ILE A 147 -6.97 1.50 4.71
C ILE A 147 -6.91 2.95 5.18
N GLU A 148 -6.65 3.16 6.45
CA GLU A 148 -6.56 4.51 7.02
C GLU A 148 -5.31 5.23 6.50
N CYS A 149 -4.17 4.54 6.56
CA CYS A 149 -2.92 5.11 6.10
C CYS A 149 -2.98 5.45 4.61
N VAL A 150 -3.53 4.54 3.83
CA VAL A 150 -3.65 4.73 2.39
C VAL A 150 -4.49 5.98 2.08
N LYS A 151 -5.54 6.19 2.86
CA LYS A 151 -6.42 7.34 2.68
C LYS A 151 -5.68 8.63 2.98
N GLN A 152 -4.75 8.57 3.92
CA GLN A 152 -3.96 9.74 4.31
C GLN A 152 -2.96 10.11 3.22
N ILE A 153 -2.26 9.10 2.70
CA ILE A 153 -1.27 9.32 1.65
C ILE A 153 -1.94 9.70 0.34
N CYS A 154 -3.12 9.13 0.09
CA CYS A 154 -3.86 9.42 -1.12
C CYS A 154 -4.32 10.87 -1.17
N VAL A 155 -4.98 11.32 -0.10
CA VAL A 155 -5.47 12.69 -0.03
C VAL A 155 -4.31 13.69 -0.10
N VAL A 156 -3.25 13.42 0.66
CA VAL A 156 -2.09 14.30 0.68
C VAL A 156 -1.42 14.33 -0.69
N MET A 157 -1.34 13.18 -1.34
CA MET A 157 -0.72 13.08 -2.66
C MET A 157 -1.40 14.02 -3.65
N LEU A 158 -2.73 14.03 -3.64
CA LEU A 158 -3.50 14.88 -4.53
C LEU A 158 -3.27 16.35 -4.20
N GLU A 159 -3.31 16.68 -2.91
CA GLU A 159 -3.10 18.05 -2.46
C GLU A 159 -1.64 18.47 -2.57
N THR A 160 -0.81 17.54 -2.97
CA THR A 160 0.62 17.80 -3.11
C THR A 160 1.13 17.29 -4.45
N LYS A 1 -12.66 11.62 -12.33
CA LYS A 1 -12.79 12.79 -13.25
C LYS A 1 -12.55 14.10 -12.50
N ASN A 2 -11.40 14.21 -11.85
CA ASN A 2 -11.07 15.41 -11.09
C ASN A 2 -9.55 15.54 -10.93
N VAL A 3 -9.00 14.78 -9.99
CA VAL A 3 -7.57 14.81 -9.73
C VAL A 3 -6.93 13.46 -10.05
N THR A 4 -5.64 13.47 -10.36
CA THR A 4 -4.92 12.25 -10.70
C THR A 4 -3.95 11.88 -9.59
N LEU A 5 -3.98 10.62 -9.17
CA LEU A 5 -3.11 10.15 -8.10
C LEU A 5 -2.41 8.85 -8.51
N THR A 6 -1.29 8.57 -7.84
CA THR A 6 -0.51 7.36 -8.13
C THR A 6 0.04 6.76 -6.85
N ILE A 7 -0.09 5.45 -6.71
CA ILE A 7 0.39 4.75 -5.53
C ILE A 7 1.08 3.43 -5.90
N ARG A 8 2.08 3.05 -5.11
CA ARG A 8 2.82 1.83 -5.36
C ARG A 8 2.90 0.98 -4.09
N LEU A 9 2.58 -0.30 -4.21
CA LEU A 9 2.61 -1.22 -3.07
C LEU A 9 3.56 -2.38 -3.32
N LEU A 10 4.33 -2.75 -2.30
CA LEU A 10 5.27 -3.85 -2.41
C LEU A 10 4.79 -5.07 -1.62
N MET A 11 4.90 -6.25 -2.21
CA MET A 11 4.47 -7.48 -1.56
C MET A 11 5.49 -8.58 -1.77
N HIS A 12 5.41 -9.62 -0.94
CA HIS A 12 6.34 -10.75 -1.04
C HIS A 12 6.10 -11.52 -2.33
N GLY A 13 7.01 -12.43 -2.64
CA GLY A 13 6.89 -13.22 -3.85
C GLY A 13 5.62 -14.03 -3.90
N LYS A 14 5.28 -14.69 -2.80
CA LYS A 14 4.08 -15.52 -2.74
C LYS A 14 2.80 -14.68 -2.56
N GLU A 15 2.90 -13.64 -1.75
CA GLU A 15 1.76 -12.77 -1.48
C GLU A 15 1.37 -12.00 -2.74
N VAL A 16 2.36 -11.36 -3.35
CA VAL A 16 2.11 -10.59 -4.56
C VAL A 16 1.65 -11.50 -5.69
N GLY A 17 2.18 -12.71 -5.73
CA GLY A 17 1.81 -13.66 -6.76
C GLY A 17 0.34 -14.01 -6.71
N SER A 18 -0.22 -14.06 -5.49
CA SER A 18 -1.62 -14.38 -5.31
C SER A 18 -2.50 -13.20 -5.68
N ILE A 19 -1.96 -12.00 -5.53
CA ILE A 19 -2.70 -10.79 -5.85
C ILE A 19 -2.73 -10.54 -7.36
N ILE A 20 -1.57 -10.67 -7.99
CA ILE A 20 -1.46 -10.47 -9.42
C ILE A 20 -2.35 -11.46 -10.16
N GLY A 21 -2.33 -12.72 -9.71
CA GLY A 21 -3.13 -13.73 -10.32
C GLY A 21 -2.44 -14.40 -11.48
N LYS A 22 -2.78 -15.66 -11.68
CA LYS A 22 -2.21 -16.46 -12.75
C LYS A 22 -2.46 -15.83 -14.12
N LYS A 23 -1.50 -16.00 -15.02
CA LYS A 23 -1.55 -15.45 -16.38
C LYS A 23 -1.99 -13.99 -16.39
N GLY A 24 -1.72 -13.29 -15.30
CA GLY A 24 -2.06 -11.87 -15.20
C GLY A 24 -3.48 -11.52 -15.62
N GLU A 25 -4.36 -12.50 -15.68
CA GLU A 25 -5.74 -12.23 -16.06
C GLU A 25 -6.47 -11.58 -14.90
N SER A 26 -5.98 -11.85 -13.69
CA SER A 26 -6.58 -11.29 -12.48
C SER A 26 -6.23 -9.81 -12.36
N VAL A 27 -4.98 -9.47 -12.64
CA VAL A 27 -4.55 -8.08 -12.57
C VAL A 27 -5.25 -7.28 -13.65
N LYS A 28 -5.62 -7.97 -14.73
CA LYS A 28 -6.35 -7.34 -15.82
C LYS A 28 -7.77 -7.04 -15.35
N LYS A 29 -8.29 -7.96 -14.55
CA LYS A 29 -9.63 -7.82 -13.99
C LYS A 29 -9.69 -6.59 -13.08
N MET A 30 -8.58 -6.35 -12.38
CA MET A 30 -8.48 -5.20 -11.48
C MET A 30 -8.53 -3.90 -12.27
N ARG A 31 -7.80 -3.86 -13.38
CA ARG A 31 -7.76 -2.69 -14.25
C ARG A 31 -9.15 -2.28 -14.70
N GLU A 32 -9.89 -3.25 -15.23
CA GLU A 32 -11.24 -3.00 -15.72
C GLU A 32 -12.17 -2.52 -14.60
N GLU A 33 -12.00 -3.08 -13.41
CA GLU A 33 -12.85 -2.73 -12.27
C GLU A 33 -12.50 -1.36 -11.69
N SER A 34 -11.22 -1.01 -11.67
CA SER A 34 -10.78 0.27 -11.14
C SER A 34 -10.71 1.34 -12.22
N GLY A 35 -9.94 1.05 -13.26
CA GLY A 35 -9.81 1.99 -14.37
C GLY A 35 -8.50 2.75 -14.33
N ALA A 36 -7.66 2.48 -13.33
CA ALA A 36 -6.38 3.17 -13.20
C ALA A 36 -5.21 2.23 -13.49
N ARG A 37 -4.32 2.67 -14.39
CA ARG A 37 -3.13 1.91 -14.77
C ARG A 37 -2.65 1.00 -13.64
N ILE A 38 -2.19 -0.20 -14.00
CA ILE A 38 -1.69 -1.15 -13.00
C ILE A 38 -0.48 -1.92 -13.52
N ASN A 39 0.70 -1.50 -13.12
CA ASN A 39 1.93 -2.16 -13.54
C ASN A 39 2.66 -2.78 -12.35
N ILE A 40 3.73 -3.51 -12.62
CA ILE A 40 4.50 -4.16 -11.56
C ILE A 40 5.98 -3.81 -11.67
N SER A 41 6.67 -3.82 -10.53
CA SER A 41 8.10 -3.48 -10.50
C SER A 41 8.96 -4.70 -10.85
N GLU A 42 10.27 -4.56 -10.67
CA GLU A 42 11.21 -5.64 -10.97
C GLU A 42 11.14 -6.75 -9.92
N GLY A 43 12.13 -7.65 -9.95
CA GLY A 43 12.16 -8.75 -9.01
C GLY A 43 11.55 -10.01 -9.56
N ASN A 44 10.22 -10.06 -9.60
CA ASN A 44 9.51 -11.22 -10.10
C ASN A 44 10.08 -12.50 -9.48
N CYS A 45 10.62 -12.37 -8.28
CA CYS A 45 11.19 -13.51 -7.58
C CYS A 45 11.08 -13.35 -6.07
N PRO A 46 11.82 -12.40 -5.49
CA PRO A 46 11.76 -12.16 -4.05
C PRO A 46 10.47 -11.45 -3.69
N GLU A 47 10.00 -10.63 -4.62
CA GLU A 47 8.79 -9.85 -4.42
C GLU A 47 8.47 -9.02 -5.66
N ARG A 48 7.30 -8.39 -5.65
CA ARG A 48 6.87 -7.56 -6.76
C ARG A 48 6.05 -6.37 -6.25
N ILE A 49 6.33 -5.18 -6.78
CA ILE A 49 5.61 -3.99 -6.38
C ILE A 49 4.52 -3.65 -7.39
N ILE A 50 3.27 -3.71 -6.93
CA ILE A 50 2.13 -3.41 -7.80
C ILE A 50 1.83 -1.92 -7.82
N THR A 51 2.26 -1.26 -8.89
CA THR A 51 2.03 0.17 -9.06
C THR A 51 0.71 0.44 -9.77
N LEU A 52 -0.03 1.43 -9.30
CA LEU A 52 -1.30 1.80 -9.90
C LEU A 52 -1.37 3.31 -10.12
N ALA A 53 -1.79 3.72 -11.32
CA ALA A 53 -1.88 5.15 -11.63
C ALA A 53 -3.25 5.49 -12.20
N GLY A 54 -3.83 6.57 -11.69
CA GLY A 54 -5.15 6.99 -12.17
C GLY A 54 -5.89 7.86 -11.16
N PRO A 55 -6.95 8.54 -11.60
CA PRO A 55 -7.74 9.43 -10.74
C PRO A 55 -7.97 8.87 -9.34
N THR A 56 -8.34 9.74 -8.41
CA THR A 56 -8.59 9.34 -7.04
C THR A 56 -9.70 8.29 -6.95
N ASN A 57 -10.69 8.41 -7.81
CA ASN A 57 -11.81 7.47 -7.82
C ASN A 57 -11.35 6.07 -8.18
N ALA A 58 -10.63 5.94 -9.29
CA ALA A 58 -10.13 4.66 -9.74
C ALA A 58 -9.26 4.00 -8.68
N ILE A 59 -8.48 4.80 -7.98
CA ILE A 59 -7.59 4.29 -6.94
C ILE A 59 -8.38 3.71 -5.77
N PHE A 60 -9.46 4.38 -5.41
CA PHE A 60 -10.30 3.94 -4.30
C PHE A 60 -10.92 2.56 -4.58
N LYS A 61 -11.52 2.43 -5.75
CA LYS A 61 -12.16 1.17 -6.14
C LYS A 61 -11.14 0.05 -6.24
N ALA A 62 -10.02 0.32 -6.92
CA ALA A 62 -8.97 -0.68 -7.09
C ALA A 62 -8.45 -1.17 -5.74
N PHE A 63 -7.99 -0.23 -4.92
CA PHE A 63 -7.46 -0.57 -3.60
C PHE A 63 -8.45 -1.42 -2.80
N ALA A 64 -9.73 -1.04 -2.84
CA ALA A 64 -10.77 -1.76 -2.12
C ALA A 64 -10.82 -3.23 -2.54
N MET A 65 -10.83 -3.47 -3.84
CA MET A 65 -10.89 -4.83 -4.37
C MET A 65 -9.58 -5.59 -4.11
N ILE A 66 -8.47 -4.85 -4.15
CA ILE A 66 -7.16 -5.45 -3.93
C ILE A 66 -6.99 -5.92 -2.49
N ILE A 67 -7.51 -5.14 -1.54
CA ILE A 67 -7.40 -5.50 -0.14
C ILE A 67 -8.31 -6.69 0.20
N ASP A 68 -9.48 -6.72 -0.40
CA ASP A 68 -10.42 -7.82 -0.16
C ASP A 68 -9.84 -9.14 -0.64
N LYS A 69 -9.30 -9.14 -1.85
CA LYS A 69 -8.71 -10.34 -2.42
C LYS A 69 -7.50 -10.77 -1.58
N LEU A 70 -6.76 -9.78 -1.08
CA LEU A 70 -5.60 -10.04 -0.25
C LEU A 70 -6.03 -10.42 1.17
N GLU A 71 -7.24 -10.00 1.55
CA GLU A 71 -7.76 -10.28 2.88
C GLU A 71 -8.24 -11.73 2.99
N GLU A 72 -9.04 -12.16 2.02
CA GLU A 72 -9.55 -13.53 2.00
C GLU A 72 -8.45 -14.53 1.66
N ASP A 73 -7.51 -14.09 0.83
CA ASP A 73 -6.40 -14.94 0.40
C ASP A 73 -5.59 -15.46 1.59
N ILE A 74 -5.50 -14.65 2.64
CA ILE A 74 -4.74 -15.04 3.83
C ILE A 74 -5.18 -16.39 4.37
N SER A 75 -6.49 -16.56 4.53
CA SER A 75 -7.05 -17.80 5.04
C SER A 75 -8.57 -17.68 5.18
N SER A 76 -9.14 -18.48 6.07
CA SER A 76 -10.58 -18.46 6.30
C SER A 76 -10.91 -18.59 7.78
N SER A 77 -10.01 -18.07 8.62
CA SER A 77 -10.20 -18.13 10.06
C SER A 77 -9.14 -17.29 10.78
N MET A 78 -9.07 -17.43 12.09
CA MET A 78 -8.11 -16.68 12.90
C MET A 78 -6.73 -17.32 12.83
N THR A 79 -5.78 -16.75 13.56
CA THR A 79 -4.42 -17.26 13.59
C THR A 79 -4.28 -18.39 14.60
N ASN A 80 -3.04 -18.79 14.87
CA ASN A 80 -2.77 -19.86 15.83
C ASN A 80 -1.86 -19.37 16.95
N SER A 81 -1.49 -20.28 17.84
CA SER A 81 -0.63 -19.93 18.97
C SER A 81 0.84 -20.17 18.62
N THR A 82 1.43 -19.23 17.91
CA THR A 82 2.84 -19.35 17.51
C THR A 82 3.65 -18.17 18.06
N ALA A 83 3.12 -16.97 17.90
CA ALA A 83 3.80 -15.76 18.37
C ALA A 83 2.79 -14.73 18.87
N ALA A 84 3.30 -13.63 19.42
CA ALA A 84 2.44 -12.57 19.94
C ALA A 84 1.58 -11.98 18.84
N SER A 85 2.17 -11.82 17.65
CA SER A 85 1.46 -11.25 16.51
C SER A 85 0.88 -9.89 16.85
N ARG A 86 1.76 -8.89 16.93
CA ARG A 86 1.33 -7.53 17.25
C ARG A 86 0.60 -6.89 16.06
N PRO A 87 1.28 -6.76 14.91
CA PRO A 87 0.68 -6.16 13.71
C PRO A 87 -0.34 -7.10 13.05
N PRO A 88 -1.64 -6.74 13.12
CA PRO A 88 -2.71 -7.55 12.54
C PRO A 88 -2.69 -7.52 11.01
N VAL A 89 -2.45 -6.34 10.45
CA VAL A 89 -2.39 -6.18 9.00
C VAL A 89 -1.28 -5.22 8.61
N THR A 90 -0.28 -5.74 7.90
CA THR A 90 0.84 -4.93 7.47
C THR A 90 0.72 -4.57 5.99
N LEU A 91 1.12 -3.36 5.64
CA LEU A 91 1.09 -2.89 4.27
C LEU A 91 2.35 -2.10 4.04
N ARG A 92 3.18 -2.55 3.14
CA ARG A 92 4.41 -1.85 2.90
C ARG A 92 4.32 -1.04 1.62
N LEU A 93 4.34 0.26 1.77
CA LEU A 93 4.26 1.17 0.64
C LEU A 93 5.64 1.74 0.31
N VAL A 94 5.90 1.92 -0.99
CA VAL A 94 7.18 2.46 -1.44
C VAL A 94 7.01 3.88 -1.95
N VAL A 95 8.01 4.72 -1.67
CA VAL A 95 7.97 6.12 -2.11
C VAL A 95 9.37 6.71 -2.14
N PRO A 96 9.59 7.78 -2.93
CA PRO A 96 10.88 8.45 -3.05
C PRO A 96 11.31 9.12 -1.75
N ALA A 97 12.55 9.60 -1.71
CA ALA A 97 13.07 10.27 -0.52
C ALA A 97 12.33 11.57 -0.22
N SER A 98 11.91 12.25 -1.28
CA SER A 98 11.17 13.51 -1.13
C SER A 98 9.80 13.22 -0.56
N GLN A 99 9.27 12.05 -0.87
CA GLN A 99 7.96 11.65 -0.40
C GLN A 99 8.01 11.32 1.09
N CYS A 100 8.97 10.48 1.47
CA CYS A 100 9.13 10.09 2.86
C CYS A 100 9.46 11.31 3.72
N GLY A 101 10.27 12.20 3.17
CA GLY A 101 10.65 13.40 3.90
C GLY A 101 9.46 14.26 4.25
N SER A 102 8.55 14.43 3.28
CA SER A 102 7.36 15.23 3.49
C SER A 102 6.35 14.49 4.37
N LEU A 103 6.25 13.18 4.16
CA LEU A 103 5.33 12.36 4.94
C LEU A 103 5.63 12.48 6.43
N ILE A 104 6.89 12.76 6.75
CA ILE A 104 7.32 12.92 8.13
C ILE A 104 7.07 14.34 8.62
N GLY A 105 7.28 15.31 7.74
CA GLY A 105 7.07 16.70 8.10
C GLY A 105 8.13 17.21 9.06
N LYS A 106 8.00 18.47 9.47
CA LYS A 106 8.95 19.08 10.40
C LYS A 106 8.88 18.44 11.77
N GLY A 107 10.01 17.93 12.24
CA GLY A 107 10.05 17.29 13.55
C GLY A 107 9.20 16.05 13.64
N GLY A 108 8.78 15.53 12.48
CA GLY A 108 7.96 14.33 12.47
C GLY A 108 6.52 14.60 12.90
N CYS A 109 6.19 15.86 13.13
CA CYS A 109 4.87 16.25 13.56
C CYS A 109 3.79 15.68 12.64
N LYS A 110 4.10 15.62 11.34
CA LYS A 110 3.15 15.12 10.36
C LYS A 110 2.87 13.63 10.58
N ILE A 111 3.90 12.80 10.40
CA ILE A 111 3.75 11.36 10.57
C ILE A 111 3.20 11.02 11.95
N LYS A 112 3.49 11.87 12.93
CA LYS A 112 3.02 11.65 14.29
C LYS A 112 1.50 11.70 14.34
N GLU A 113 0.92 12.75 13.77
CA GLU A 113 -0.53 12.91 13.76
C GLU A 113 -1.21 11.76 13.02
N ILE A 114 -0.62 11.34 11.91
CA ILE A 114 -1.16 10.24 11.12
C ILE A 114 -1.33 8.98 11.97
N ARG A 115 -0.24 8.57 12.60
CA ARG A 115 -0.26 7.38 13.45
C ARG A 115 -1.13 7.60 14.68
N GLU A 116 -1.17 8.84 15.16
CA GLU A 116 -1.95 9.19 16.33
C GLU A 116 -3.42 8.86 16.14
N SER A 117 -4.01 9.33 15.05
CA SER A 117 -5.42 9.08 14.77
C SER A 117 -5.63 7.80 13.99
N THR A 118 -4.86 7.60 12.94
CA THR A 118 -4.97 6.39 12.13
C THR A 118 -5.01 5.15 13.02
N GLY A 119 -4.43 5.27 14.21
CA GLY A 119 -4.41 4.16 15.15
C GLY A 119 -3.42 3.07 14.76
N ALA A 120 -2.81 3.19 13.59
CA ALA A 120 -1.85 2.20 13.12
C ALA A 120 -0.43 2.76 13.14
N GLN A 121 0.53 1.93 13.53
CA GLN A 121 1.92 2.35 13.59
C GLN A 121 2.56 2.35 12.20
N VAL A 122 3.40 3.34 11.94
CA VAL A 122 4.06 3.46 10.65
C VAL A 122 5.55 3.11 10.76
N GLN A 123 6.08 2.45 9.73
CA GLN A 123 7.48 2.07 9.72
C GLN A 123 8.26 2.81 8.64
N VAL A 124 9.57 2.89 8.81
CA VAL A 124 10.41 3.59 7.85
C VAL A 124 11.69 2.79 7.57
N ALA A 125 11.98 2.56 6.29
CA ALA A 125 13.16 1.81 5.89
C ALA A 125 14.43 2.62 6.15
N GLY A 126 15.57 1.94 6.19
CA GLY A 126 16.83 2.61 6.42
C GLY A 126 17.43 3.17 5.16
N ASP A 127 18.76 3.10 5.04
CA ASP A 127 19.46 3.60 3.87
C ASP A 127 20.37 2.52 3.27
N MET A 128 20.71 1.53 4.07
CA MET A 128 21.58 0.44 3.62
C MET A 128 22.98 0.96 3.30
N LEU A 129 23.84 0.06 2.84
CA LEU A 129 25.21 0.42 2.51
C LEU A 129 25.30 1.01 1.10
N PRO A 130 24.71 0.33 0.10
CA PRO A 130 24.73 0.80 -1.29
C PRO A 130 24.07 2.17 -1.44
N ASN A 131 23.24 2.55 -0.48
CA ASN A 131 22.54 3.82 -0.52
C ASN A 131 21.46 3.81 -1.58
N SER A 132 20.21 3.72 -1.14
CA SER A 132 19.07 3.69 -2.06
C SER A 132 18.61 5.10 -2.39
N THR A 133 17.48 5.20 -3.07
CA THR A 133 16.91 6.49 -3.46
C THR A 133 15.51 6.65 -2.88
N GLU A 134 14.73 5.57 -2.92
CA GLU A 134 13.37 5.60 -2.40
C GLU A 134 13.30 4.81 -1.09
N ARG A 135 12.44 5.26 -0.18
CA ARG A 135 12.29 4.60 1.11
C ARG A 135 10.93 3.90 1.20
N ALA A 136 10.82 2.98 2.14
CA ALA A 136 9.56 2.24 2.33
C ALA A 136 8.99 2.47 3.72
N ILE A 137 7.68 2.31 3.84
CA ILE A 137 7.01 2.49 5.11
C ILE A 137 6.11 1.29 5.43
N THR A 138 6.07 0.87 6.70
CA THR A 138 5.24 -0.27 7.07
C THR A 138 4.13 0.14 8.04
N ILE A 139 2.89 -0.04 7.59
CA ILE A 139 1.74 0.31 8.42
C ILE A 139 1.08 -0.95 8.99
N ALA A 140 1.03 -1.03 10.31
CA ALA A 140 0.43 -2.18 10.98
C ALA A 140 -0.78 -1.76 11.82
N GLY A 141 -1.84 -2.56 11.74
CA GLY A 141 -3.04 -2.27 12.49
C GLY A 141 -4.26 -2.98 11.95
N ILE A 142 -5.43 -2.38 12.14
CA ILE A 142 -6.68 -2.95 11.68
C ILE A 142 -6.93 -2.57 10.23
N PRO A 143 -7.52 -3.47 9.40
CA PRO A 143 -7.80 -3.18 8.00
C PRO A 143 -8.49 -1.83 7.83
N GLN A 144 -9.30 -1.46 8.81
CA GLN A 144 -10.00 -0.18 8.79
C GLN A 144 -9.00 0.95 9.05
N SER A 145 -8.01 0.66 9.89
CA SER A 145 -6.98 1.64 10.22
C SER A 145 -6.05 1.86 9.03
N ILE A 146 -5.74 0.78 8.32
CA ILE A 146 -4.86 0.85 7.17
C ILE A 146 -5.50 1.67 6.05
N ILE A 147 -6.75 1.36 5.73
CA ILE A 147 -7.48 2.07 4.68
C ILE A 147 -7.54 3.56 5.00
N GLU A 148 -7.71 3.88 6.28
CA GLU A 148 -7.77 5.27 6.72
C GLU A 148 -6.43 5.96 6.51
N CYS A 149 -5.35 5.23 6.77
CA CYS A 149 -4.00 5.77 6.61
C CYS A 149 -3.76 6.15 5.16
N VAL A 150 -4.14 5.26 4.24
CA VAL A 150 -3.96 5.51 2.82
C VAL A 150 -4.71 6.77 2.39
N LYS A 151 -5.88 6.99 2.99
CA LYS A 151 -6.70 8.15 2.68
C LYS A 151 -5.97 9.44 3.07
N GLN A 152 -5.19 9.36 4.14
CA GLN A 152 -4.44 10.51 4.63
C GLN A 152 -3.29 10.84 3.70
N ILE A 153 -2.72 9.80 3.07
CA ILE A 153 -1.61 9.98 2.15
C ILE A 153 -2.08 10.59 0.83
N CYS A 154 -3.27 10.19 0.40
CA CYS A 154 -3.84 10.70 -0.85
C CYS A 154 -4.32 12.13 -0.69
N VAL A 155 -4.98 12.41 0.43
CA VAL A 155 -5.51 13.74 0.71
C VAL A 155 -4.37 14.75 0.91
N VAL A 156 -3.37 14.36 1.69
CA VAL A 156 -2.23 15.23 1.96
C VAL A 156 -1.48 15.56 0.68
N MET A 157 -1.29 14.55 -0.16
CA MET A 157 -0.58 14.73 -1.43
C MET A 157 -1.28 15.77 -2.30
N LEU A 158 -2.61 15.72 -2.30
CA LEU A 158 -3.41 16.66 -3.08
C LEU A 158 -3.37 18.06 -2.46
N GLU A 159 -3.53 18.11 -1.14
CA GLU A 159 -3.51 19.38 -0.42
C GLU A 159 -2.11 19.97 -0.32
N THR A 160 -1.14 19.23 -0.83
CA THR A 160 0.25 19.66 -0.81
C THR A 160 0.89 19.52 -2.19
N LYS A 1 -13.80 11.40 -9.80
CA LYS A 1 -12.61 11.68 -10.66
C LYS A 1 -12.23 13.16 -10.60
N ASN A 2 -11.53 13.55 -9.55
CA ASN A 2 -11.10 14.93 -9.38
C ASN A 2 -9.64 15.10 -9.76
N VAL A 3 -8.75 14.67 -8.86
CA VAL A 3 -7.31 14.77 -9.10
C VAL A 3 -6.71 13.41 -9.40
N THR A 4 -5.53 13.41 -10.02
CA THR A 4 -4.85 12.17 -10.37
C THR A 4 -3.68 11.91 -9.41
N LEU A 5 -3.50 10.65 -9.04
CA LEU A 5 -2.41 10.29 -8.13
C LEU A 5 -1.61 9.11 -8.65
N THR A 6 -0.51 8.82 -7.98
CA THR A 6 0.36 7.71 -8.37
C THR A 6 0.93 7.01 -7.14
N ILE A 7 0.59 5.74 -6.97
CA ILE A 7 1.07 4.97 -5.83
C ILE A 7 1.87 3.75 -6.27
N ARG A 8 2.74 3.26 -5.39
CA ARG A 8 3.55 2.10 -5.68
C ARG A 8 3.55 1.12 -4.50
N LEU A 9 2.93 -0.04 -4.71
CA LEU A 9 2.86 -1.05 -3.67
C LEU A 9 4.06 -1.99 -3.73
N LEU A 10 4.50 -2.43 -2.57
CA LEU A 10 5.64 -3.33 -2.49
C LEU A 10 5.25 -4.63 -1.77
N MET A 11 5.41 -5.76 -2.45
CA MET A 11 5.05 -7.05 -1.86
C MET A 11 5.95 -8.17 -2.36
N HIS A 12 5.92 -9.29 -1.63
CA HIS A 12 6.71 -10.46 -1.98
C HIS A 12 6.07 -11.21 -3.13
N GLY A 13 6.88 -11.61 -4.10
CA GLY A 13 6.38 -12.33 -5.26
C GLY A 13 5.41 -13.45 -4.91
N LYS A 14 5.52 -13.98 -3.69
CA LYS A 14 4.65 -15.07 -3.26
C LYS A 14 3.26 -14.56 -2.88
N GLU A 15 3.21 -13.55 -2.02
CA GLU A 15 1.93 -12.99 -1.60
C GLU A 15 1.30 -12.20 -2.74
N VAL A 16 2.08 -11.30 -3.32
CA VAL A 16 1.59 -10.50 -4.42
C VAL A 16 1.25 -11.39 -5.62
N GLY A 17 2.01 -12.47 -5.78
CA GLY A 17 1.76 -13.39 -6.86
C GLY A 17 0.38 -14.02 -6.76
N SER A 18 -0.04 -14.30 -5.52
CA SER A 18 -1.35 -14.87 -5.29
C SER A 18 -2.42 -13.83 -5.61
N ILE A 19 -2.05 -12.56 -5.46
CA ILE A 19 -2.96 -11.48 -5.74
C ILE A 19 -3.00 -11.19 -7.24
N ILE A 20 -1.87 -11.41 -7.90
CA ILE A 20 -1.79 -11.20 -9.34
C ILE A 20 -2.78 -12.11 -10.06
N GLY A 21 -2.81 -13.37 -9.65
CA GLY A 21 -3.70 -14.33 -10.24
C GLY A 21 -3.06 -15.11 -11.35
N LYS A 22 -3.55 -16.33 -11.50
CA LYS A 22 -3.06 -17.25 -12.52
C LYS A 22 -3.33 -16.73 -13.93
N LYS A 23 -2.42 -17.03 -14.85
CA LYS A 23 -2.55 -16.60 -16.24
C LYS A 23 -2.54 -15.09 -16.37
N GLY A 24 -2.28 -14.38 -15.27
CA GLY A 24 -2.29 -12.93 -15.33
C GLY A 24 -3.65 -12.39 -15.75
N GLU A 25 -4.64 -13.28 -15.86
CA GLU A 25 -5.98 -12.89 -16.25
C GLU A 25 -6.64 -12.12 -15.11
N SER A 26 -6.22 -12.44 -13.89
CA SER A 26 -6.77 -11.77 -12.72
C SER A 26 -6.20 -10.36 -12.59
N VAL A 27 -4.93 -10.19 -12.96
CA VAL A 27 -4.31 -8.87 -12.91
C VAL A 27 -4.97 -7.97 -13.95
N LYS A 28 -5.49 -8.60 -15.01
CA LYS A 28 -6.18 -7.88 -16.05
C LYS A 28 -7.50 -7.37 -15.49
N LYS A 29 -8.11 -8.20 -14.64
CA LYS A 29 -9.36 -7.86 -13.99
C LYS A 29 -9.16 -6.67 -13.06
N MET A 30 -7.98 -6.61 -12.44
CA MET A 30 -7.64 -5.53 -11.52
C MET A 30 -7.59 -4.20 -12.26
N ARG A 31 -6.93 -4.18 -13.41
CA ARG A 31 -6.80 -2.98 -14.22
C ARG A 31 -8.17 -2.43 -14.62
N GLU A 32 -9.01 -3.30 -15.16
CA GLU A 32 -10.35 -2.90 -15.60
C GLU A 32 -11.23 -2.44 -14.44
N GLU A 33 -11.11 -3.12 -13.30
CA GLU A 33 -11.91 -2.79 -12.12
C GLU A 33 -11.43 -1.51 -11.45
N SER A 34 -10.12 -1.30 -11.45
CA SER A 34 -9.53 -0.12 -10.82
C SER A 34 -9.69 1.11 -11.71
N GLY A 35 -9.37 0.95 -12.98
CA GLY A 35 -9.46 2.05 -13.91
C GLY A 35 -8.21 2.91 -13.94
N ALA A 36 -7.30 2.64 -13.01
CA ALA A 36 -6.05 3.40 -12.94
C ALA A 36 -4.86 2.53 -13.33
N ARG A 37 -4.04 3.03 -14.25
CA ARG A 37 -2.85 2.33 -14.73
C ARG A 37 -2.28 1.37 -13.68
N ILE A 38 -1.84 0.20 -14.11
CA ILE A 38 -1.28 -0.78 -13.20
C ILE A 38 -0.10 -1.52 -13.82
N ASN A 39 1.08 -1.34 -13.25
CA ASN A 39 2.29 -2.00 -13.75
C ASN A 39 3.09 -2.62 -12.62
N ILE A 40 3.30 -3.93 -12.71
CA ILE A 40 4.05 -4.66 -11.70
C ILE A 40 5.42 -5.07 -12.22
N SER A 41 6.47 -4.79 -11.43
CA SER A 41 7.83 -5.13 -11.82
C SER A 41 8.85 -4.47 -10.88
N GLU A 42 10.12 -4.88 -11.02
CA GLU A 42 11.21 -4.33 -10.23
C GLU A 42 11.06 -4.69 -8.75
N GLY A 43 12.17 -4.55 -8.02
CA GLY A 43 12.18 -4.86 -6.60
C GLY A 43 13.31 -5.80 -6.21
N ASN A 44 14.48 -5.25 -5.97
CA ASN A 44 15.62 -6.05 -5.55
C ASN A 44 15.48 -6.35 -4.06
N CYS A 45 14.26 -6.66 -3.65
CA CYS A 45 13.97 -6.94 -2.27
C CYS A 45 12.63 -7.67 -2.13
N PRO A 46 11.52 -7.00 -2.50
CA PRO A 46 10.19 -7.59 -2.44
C PRO A 46 9.94 -8.53 -3.61
N GLU A 47 10.56 -8.19 -4.74
CA GLU A 47 10.44 -8.97 -5.98
C GLU A 47 9.30 -8.46 -6.84
N ARG A 48 8.23 -7.94 -6.22
CA ARG A 48 7.09 -7.43 -6.97
C ARG A 48 6.64 -6.07 -6.45
N ILE A 49 6.46 -5.13 -7.38
CA ILE A 49 6.02 -3.78 -7.03
C ILE A 49 4.85 -3.37 -7.90
N ILE A 50 3.66 -3.28 -7.31
CA ILE A 50 2.47 -2.90 -8.05
C ILE A 50 2.31 -1.38 -8.14
N THR A 51 2.79 -0.81 -9.24
CA THR A 51 2.71 0.62 -9.45
C THR A 51 1.40 1.00 -10.15
N LEU A 52 0.48 1.58 -9.40
CA LEU A 52 -0.81 1.98 -9.94
C LEU A 52 -0.89 3.51 -10.06
N ALA A 53 -1.42 3.99 -11.19
CA ALA A 53 -1.55 5.43 -11.40
C ALA A 53 -2.94 5.78 -11.93
N GLY A 54 -3.55 6.80 -11.36
CA GLY A 54 -4.88 7.20 -11.79
C GLY A 54 -5.65 7.97 -10.73
N PRO A 55 -6.74 8.64 -11.12
CA PRO A 55 -7.56 9.44 -10.19
C PRO A 55 -7.77 8.75 -8.84
N THR A 56 -8.18 9.55 -7.85
CA THR A 56 -8.43 9.03 -6.52
C THR A 56 -9.52 7.96 -6.52
N ASN A 57 -10.51 8.14 -7.39
CA ASN A 57 -11.61 7.18 -7.47
C ASN A 57 -11.12 5.81 -7.93
N ALA A 58 -10.38 5.79 -9.04
CA ALA A 58 -9.85 4.55 -9.58
C ALA A 58 -8.99 3.84 -8.55
N ILE A 59 -8.13 4.59 -7.88
CA ILE A 59 -7.25 4.03 -6.88
C ILE A 59 -8.04 3.52 -5.69
N PHE A 60 -9.07 4.28 -5.32
CA PHE A 60 -9.93 3.92 -4.19
C PHE A 60 -10.53 2.53 -4.39
N LYS A 61 -11.08 2.28 -5.57
CA LYS A 61 -11.68 0.98 -5.87
C LYS A 61 -10.64 -0.13 -5.84
N ALA A 62 -9.52 0.12 -6.51
CA ALA A 62 -8.43 -0.85 -6.57
C ALA A 62 -7.94 -1.22 -5.17
N PHE A 63 -7.84 -0.22 -4.31
CA PHE A 63 -7.37 -0.44 -2.94
C PHE A 63 -8.29 -1.39 -2.18
N ALA A 64 -9.60 -1.12 -2.26
CA ALA A 64 -10.58 -1.95 -1.56
C ALA A 64 -10.69 -3.35 -2.18
N MET A 65 -10.41 -3.44 -3.48
CA MET A 65 -10.50 -4.72 -4.18
C MET A 65 -9.29 -5.62 -3.89
N ILE A 66 -8.11 -5.04 -4.00
CA ILE A 66 -6.88 -5.80 -3.76
C ILE A 66 -6.82 -6.31 -2.33
N ILE A 67 -7.23 -5.47 -1.38
CA ILE A 67 -7.22 -5.86 0.03
C ILE A 67 -8.26 -6.95 0.30
N ASP A 68 -9.42 -6.83 -0.35
CA ASP A 68 -10.48 -7.81 -0.18
C ASP A 68 -10.06 -9.15 -0.75
N LYS A 69 -9.24 -9.12 -1.80
CA LYS A 69 -8.75 -10.34 -2.41
C LYS A 69 -7.82 -11.09 -1.47
N LEU A 70 -6.98 -10.33 -0.77
CA LEU A 70 -6.05 -10.91 0.19
C LEU A 70 -6.77 -11.28 1.49
N GLU A 71 -7.88 -10.59 1.76
CA GLU A 71 -8.66 -10.85 2.96
C GLU A 71 -9.50 -12.12 2.81
N GLU A 72 -10.09 -12.28 1.63
CA GLU A 72 -10.92 -13.46 1.36
C GLU A 72 -10.07 -14.71 1.21
N ASP A 73 -8.89 -14.55 0.61
CA ASP A 73 -7.98 -15.67 0.41
C ASP A 73 -7.56 -16.28 1.74
N ILE A 74 -7.05 -15.43 2.64
CA ILE A 74 -6.60 -15.88 3.95
C ILE A 74 -7.70 -16.64 4.68
N SER A 75 -8.92 -16.12 4.62
CA SER A 75 -10.06 -16.75 5.28
C SER A 75 -10.33 -18.13 4.68
N SER A 76 -10.03 -18.29 3.40
CA SER A 76 -10.24 -19.56 2.72
C SER A 76 -8.93 -20.13 2.20
N SER A 77 -7.86 -19.96 2.98
CA SER A 77 -6.55 -20.45 2.61
C SER A 77 -5.63 -20.52 3.82
N MET A 78 -5.05 -21.70 4.05
CA MET A 78 -4.14 -21.90 5.17
C MET A 78 -2.71 -21.50 4.80
N THR A 79 -1.79 -21.68 5.75
CA THR A 79 -0.39 -21.35 5.52
C THR A 79 -0.25 -19.87 5.12
N ASN A 80 -0.18 -19.00 6.13
CA ASN A 80 -0.03 -17.57 5.89
C ASN A 80 0.59 -16.88 7.10
N SER A 81 0.10 -17.22 8.29
CA SER A 81 0.61 -16.63 9.52
C SER A 81 0.34 -15.12 9.55
N THR A 82 -0.84 -14.74 10.00
CA THR A 82 -1.22 -13.33 10.08
C THR A 82 -2.06 -13.07 11.31
N ALA A 83 -1.67 -12.07 12.10
CA ALA A 83 -2.39 -11.71 13.30
C ALA A 83 -2.42 -12.88 14.29
N ALA A 84 -1.31 -13.58 14.39
CA ALA A 84 -1.21 -14.72 15.30
C ALA A 84 -0.25 -14.42 16.45
N SER A 85 -0.19 -13.15 16.85
CA SER A 85 0.69 -12.73 17.94
C SER A 85 0.44 -11.26 18.30
N ARG A 86 0.27 -10.43 17.27
CA ARG A 86 0.03 -9.01 17.48
C ARG A 86 -0.28 -8.30 16.18
N PRO A 87 0.68 -8.26 15.23
CA PRO A 87 0.50 -7.61 13.94
C PRO A 87 -0.77 -8.06 13.23
N PRO A 88 -1.82 -7.23 13.22
CA PRO A 88 -3.09 -7.56 12.57
C PRO A 88 -2.98 -7.63 11.05
N VAL A 89 -2.75 -6.48 10.41
CA VAL A 89 -2.62 -6.41 8.97
C VAL A 89 -1.47 -5.51 8.55
N THR A 90 -0.42 -6.09 8.00
CA THR A 90 0.75 -5.34 7.57
C THR A 90 0.76 -5.16 6.05
N LEU A 91 1.12 -3.96 5.61
CA LEU A 91 1.20 -3.66 4.20
C LEU A 91 2.43 -2.81 4.00
N ARG A 92 3.39 -3.29 3.24
CA ARG A 92 4.59 -2.53 3.05
C ARG A 92 4.56 -1.85 1.68
N LEU A 93 4.48 -0.54 1.71
CA LEU A 93 4.45 0.27 0.49
C LEU A 93 5.73 1.07 0.32
N VAL A 94 6.15 1.25 -0.93
CA VAL A 94 7.36 2.00 -1.21
C VAL A 94 7.03 3.45 -1.56
N VAL A 95 7.74 4.38 -0.92
CA VAL A 95 7.51 5.80 -1.15
C VAL A 95 8.82 6.54 -1.44
N PRO A 96 8.79 7.57 -2.31
CA PRO A 96 9.98 8.34 -2.66
C PRO A 96 10.54 9.11 -1.47
N ALA A 97 11.79 9.56 -1.59
CA ALA A 97 12.45 10.29 -0.51
C ALA A 97 11.84 11.67 -0.30
N SER A 98 11.51 12.34 -1.39
CA SER A 98 10.91 13.67 -1.31
C SER A 98 9.50 13.56 -0.75
N GLN A 99 8.86 12.43 -1.03
CA GLN A 99 7.52 12.19 -0.56
C GLN A 99 7.52 11.86 0.92
N CYS A 100 8.38 10.93 1.31
CA CYS A 100 8.50 10.54 2.71
C CYS A 100 9.02 11.72 3.54
N GLY A 101 9.94 12.48 2.95
CA GLY A 101 10.50 13.63 3.63
C GLY A 101 9.42 14.61 4.06
N SER A 102 8.57 15.00 3.10
CA SER A 102 7.50 15.94 3.39
C SER A 102 6.40 15.26 4.21
N LEU A 103 6.18 13.98 3.94
CA LEU A 103 5.17 13.22 4.67
C LEU A 103 5.52 13.18 6.16
N ILE A 104 6.81 13.25 6.45
CA ILE A 104 7.28 13.23 7.83
C ILE A 104 7.13 14.61 8.46
N GLY A 105 7.40 15.65 7.68
CA GLY A 105 7.29 17.00 8.20
C GLY A 105 8.44 17.37 9.11
N LYS A 106 8.41 18.60 9.64
CA LYS A 106 9.46 19.07 10.54
C LYS A 106 9.43 18.31 11.86
N GLY A 107 10.54 17.68 12.19
CA GLY A 107 10.63 16.93 13.44
C GLY A 107 9.71 15.71 13.46
N GLY A 108 9.16 15.36 12.30
CA GLY A 108 8.27 14.22 12.23
C GLY A 108 6.93 14.47 12.87
N CYS A 109 6.68 15.71 13.29
CA CYS A 109 5.44 16.06 13.93
C CYS A 109 4.22 15.67 13.09
N LYS A 110 4.33 15.85 11.78
CA LYS A 110 3.24 15.53 10.87
C LYS A 110 2.91 14.03 10.89
N ILE A 111 3.86 13.22 10.43
CA ILE A 111 3.67 11.76 10.38
C ILE A 111 3.36 11.19 11.77
N LYS A 112 4.00 11.74 12.78
CA LYS A 112 3.80 11.28 14.16
C LYS A 112 2.33 11.35 14.56
N GLU A 113 1.69 12.46 14.23
CA GLU A 113 0.28 12.65 14.56
C GLU A 113 -0.62 11.79 13.68
N ILE A 114 -0.27 11.68 12.40
CA ILE A 114 -1.06 10.90 11.46
C ILE A 114 -1.17 9.44 11.92
N ARG A 115 -0.02 8.81 12.17
CA ARG A 115 -0.01 7.42 12.61
C ARG A 115 -0.60 7.28 14.01
N GLU A 116 -0.36 8.29 14.85
CA GLU A 116 -0.86 8.28 16.22
C GLU A 116 -2.38 8.06 16.25
N SER A 117 -3.09 8.87 15.47
CA SER A 117 -4.55 8.76 15.43
C SER A 117 -5.00 7.67 14.47
N THR A 118 -4.27 7.51 13.37
CA THR A 118 -4.60 6.50 12.38
C THR A 118 -4.78 5.14 13.06
N GLY A 119 -4.12 4.97 14.20
CA GLY A 119 -4.23 3.72 14.94
C GLY A 119 -3.19 2.70 14.51
N ALA A 120 -2.65 2.86 13.31
CA ALA A 120 -1.64 1.94 12.80
C ALA A 120 -0.24 2.54 12.89
N GLN A 121 0.76 1.68 12.93
CA GLN A 121 2.15 2.12 13.03
C GLN A 121 2.87 1.96 11.69
N VAL A 122 3.58 3.01 11.28
CA VAL A 122 4.31 2.99 10.01
C VAL A 122 5.79 2.69 10.26
N GLN A 123 6.39 1.86 9.40
CA GLN A 123 7.78 1.50 9.54
C GLN A 123 8.62 1.97 8.35
N VAL A 124 9.56 2.88 8.60
CA VAL A 124 10.42 3.39 7.54
C VAL A 124 11.79 2.72 7.55
N ALA A 125 12.31 2.44 6.36
CA ALA A 125 13.62 1.80 6.23
C ALA A 125 14.73 2.80 6.54
N GLY A 126 15.92 2.26 6.82
CA GLY A 126 17.06 3.12 7.14
C GLY A 126 17.42 4.05 6.00
N ASP A 127 18.66 3.98 5.53
CA ASP A 127 19.12 4.83 4.45
C ASP A 127 20.17 4.13 3.59
N MET A 128 20.19 2.80 3.66
CA MET A 128 21.14 2.00 2.89
C MET A 128 22.58 2.49 3.11
N LEU A 129 23.53 1.84 2.45
CA LEU A 129 24.93 2.20 2.57
C LEU A 129 25.33 3.20 1.48
N PRO A 130 25.03 2.88 0.20
CA PRO A 130 25.37 3.75 -0.93
C PRO A 130 24.33 4.84 -1.17
N ASN A 131 23.80 5.41 -0.10
CA ASN A 131 22.80 6.46 -0.21
C ASN A 131 21.53 5.93 -0.87
N SER A 132 20.51 5.70 -0.05
CA SER A 132 19.25 5.20 -0.55
C SER A 132 18.44 6.31 -1.21
N THR A 133 17.49 5.92 -2.06
CA THR A 133 16.65 6.90 -2.75
C THR A 133 15.18 6.72 -2.36
N GLU A 134 14.72 5.48 -2.35
CA GLU A 134 13.34 5.18 -1.99
C GLU A 134 13.27 4.49 -0.63
N ARG A 135 12.29 4.89 0.18
CA ARG A 135 12.13 4.33 1.51
C ARG A 135 10.86 3.47 1.58
N ALA A 136 10.90 2.43 2.41
CA ALA A 136 9.75 1.54 2.55
C ALA A 136 9.03 1.77 3.88
N ILE A 137 7.72 1.95 3.79
CA ILE A 137 6.90 2.19 4.98
C ILE A 137 6.03 0.97 5.30
N THR A 138 6.11 0.48 6.53
CA THR A 138 5.30 -0.69 6.92
C THR A 138 4.17 -0.27 7.85
N ILE A 139 2.94 -0.42 7.38
CA ILE A 139 1.77 -0.07 8.16
C ILE A 139 1.07 -1.30 8.72
N ALA A 140 1.03 -1.39 10.05
CA ALA A 140 0.39 -2.52 10.71
C ALA A 140 -0.78 -2.05 11.58
N GLY A 141 -1.95 -2.63 11.36
CA GLY A 141 -3.13 -2.26 12.13
C GLY A 141 -4.40 -2.87 11.58
N ILE A 142 -5.52 -2.19 11.83
CA ILE A 142 -6.81 -2.67 11.37
C ILE A 142 -7.10 -2.19 9.95
N PRO A 143 -7.75 -3.02 9.12
CA PRO A 143 -8.06 -2.65 7.73
C PRO A 143 -8.69 -1.26 7.65
N GLN A 144 -9.48 -0.92 8.66
CA GLN A 144 -10.13 0.38 8.71
C GLN A 144 -9.08 1.45 9.03
N SER A 145 -8.11 1.09 9.84
CA SER A 145 -7.02 1.99 10.22
C SER A 145 -6.13 2.29 9.01
N ILE A 146 -5.79 1.24 8.27
CA ILE A 146 -4.94 1.38 7.10
C ILE A 146 -5.58 2.31 6.07
N ILE A 147 -6.83 2.00 5.72
CA ILE A 147 -7.57 2.80 4.74
C ILE A 147 -7.63 4.25 5.17
N GLU A 148 -7.64 4.48 6.48
CA GLU A 148 -7.69 5.83 7.03
C GLU A 148 -6.37 6.56 6.78
N CYS A 149 -5.27 5.82 6.88
CA CYS A 149 -3.95 6.40 6.66
C CYS A 149 -3.80 6.88 5.23
N VAL A 150 -4.08 5.99 4.27
CA VAL A 150 -3.99 6.33 2.86
C VAL A 150 -4.92 7.50 2.52
N LYS A 151 -6.03 7.58 3.22
CA LYS A 151 -7.00 8.64 3.00
C LYS A 151 -6.43 9.99 3.42
N GLN A 152 -5.61 9.98 4.47
CA GLN A 152 -4.98 11.20 4.97
C GLN A 152 -3.92 11.71 3.98
N ILE A 153 -3.23 10.77 3.34
CA ILE A 153 -2.20 11.12 2.38
C ILE A 153 -2.81 11.66 1.08
N CYS A 154 -3.97 11.11 0.72
CA CYS A 154 -4.66 11.52 -0.50
C CYS A 154 -5.31 12.88 -0.32
N VAL A 155 -6.00 13.07 0.80
CA VAL A 155 -6.67 14.33 1.10
C VAL A 155 -5.67 15.48 1.15
N VAL A 156 -4.52 15.24 1.76
CA VAL A 156 -3.49 16.26 1.88
C VAL A 156 -2.86 16.56 0.52
N MET A 157 -2.51 15.51 -0.21
CA MET A 157 -1.90 15.66 -1.53
C MET A 157 -2.81 16.47 -2.45
N LEU A 158 -4.11 16.34 -2.27
CA LEU A 158 -5.08 17.07 -3.08
C LEU A 158 -5.08 18.55 -2.71
N GLU A 159 -5.14 18.83 -1.42
CA GLU A 159 -5.14 20.21 -0.94
C GLU A 159 -3.78 20.88 -1.08
N THR A 160 -2.81 20.10 -1.54
CA THR A 160 -1.45 20.59 -1.72
C THR A 160 -1.37 21.54 -2.91
N LYS A 1 -15.21 17.35 -11.88
CA LYS A 1 -14.08 16.85 -11.07
C LYS A 1 -13.47 15.59 -11.68
N ASN A 2 -12.14 15.56 -11.77
CA ASN A 2 -11.44 14.41 -12.33
C ASN A 2 -9.93 14.59 -12.23
N VAL A 3 -9.38 14.25 -11.07
CA VAL A 3 -7.94 14.36 -10.85
C VAL A 3 -7.28 12.99 -10.87
N THR A 4 -6.04 12.95 -11.35
CA THR A 4 -5.30 11.69 -11.42
C THR A 4 -4.26 11.59 -10.31
N LEU A 5 -3.95 10.36 -9.90
CA LEU A 5 -2.96 10.15 -8.85
C LEU A 5 -2.06 8.96 -9.19
N THR A 6 -1.08 8.72 -8.33
CA THR A 6 -0.14 7.61 -8.53
C THR A 6 0.22 6.96 -7.20
N ILE A 7 0.02 5.65 -7.13
CA ILE A 7 0.33 4.90 -5.90
C ILE A 7 0.95 3.54 -6.23
N ARG A 8 2.03 3.21 -5.53
CA ARG A 8 2.72 1.95 -5.74
C ARG A 8 2.58 1.05 -4.51
N LEU A 9 2.36 -0.24 -4.75
CA LEU A 9 2.20 -1.20 -3.66
C LEU A 9 3.34 -2.20 -3.64
N LEU A 10 3.83 -2.51 -2.44
CA LEU A 10 4.92 -3.46 -2.27
C LEU A 10 4.47 -4.68 -1.49
N MET A 11 4.45 -5.84 -2.15
CA MET A 11 4.03 -7.07 -1.51
C MET A 11 5.10 -8.16 -1.65
N HIS A 12 5.02 -9.19 -0.81
CA HIS A 12 5.97 -10.28 -0.84
C HIS A 12 5.71 -11.19 -2.04
N GLY A 13 6.59 -12.18 -2.23
CA GLY A 13 6.43 -13.10 -3.34
C GLY A 13 5.16 -13.93 -3.25
N LYS A 14 4.84 -14.38 -2.04
CA LYS A 14 3.65 -15.18 -1.82
C LYS A 14 2.39 -14.30 -1.78
N GLU A 15 2.49 -13.19 -1.06
CA GLU A 15 1.36 -12.26 -0.95
C GLU A 15 0.98 -11.72 -2.32
N VAL A 16 1.99 -11.35 -3.09
CA VAL A 16 1.76 -10.82 -4.42
C VAL A 16 1.24 -11.91 -5.34
N GLY A 17 1.64 -13.15 -5.08
CA GLY A 17 1.19 -14.25 -5.91
C GLY A 17 -0.32 -14.43 -5.86
N SER A 18 -0.89 -14.26 -4.66
CA SER A 18 -2.33 -14.42 -4.46
C SER A 18 -3.09 -13.22 -5.01
N ILE A 19 -2.51 -12.03 -4.88
CA ILE A 19 -3.17 -10.83 -5.33
C ILE A 19 -3.04 -10.65 -6.84
N ILE A 20 -1.92 -11.11 -7.40
CA ILE A 20 -1.68 -11.01 -8.83
C ILE A 20 -2.61 -11.96 -9.59
N GLY A 21 -2.58 -13.23 -9.20
CA GLY A 21 -3.42 -14.21 -9.84
C GLY A 21 -2.68 -15.04 -10.85
N LYS A 22 -3.15 -16.26 -11.01
CA LYS A 22 -2.57 -17.22 -11.94
C LYS A 22 -2.77 -16.77 -13.38
N LYS A 23 -1.80 -17.09 -14.23
CA LYS A 23 -1.86 -16.73 -15.64
C LYS A 23 -1.91 -15.21 -15.82
N GLY A 24 -1.75 -14.46 -14.75
CA GLY A 24 -1.81 -13.01 -14.84
C GLY A 24 -3.14 -12.52 -15.39
N GLU A 25 -4.10 -13.44 -15.54
CA GLU A 25 -5.40 -13.07 -16.05
C GLU A 25 -6.20 -12.35 -14.98
N SER A 26 -5.94 -12.70 -13.72
CA SER A 26 -6.61 -12.08 -12.60
C SER A 26 -6.19 -10.62 -12.47
N VAL A 27 -4.89 -10.37 -12.62
CA VAL A 27 -4.39 -9.00 -12.54
C VAL A 27 -4.94 -8.21 -13.73
N LYS A 28 -5.24 -8.93 -14.81
CA LYS A 28 -5.82 -8.30 -15.98
C LYS A 28 -7.21 -7.80 -15.62
N LYS A 29 -7.90 -8.59 -14.78
CA LYS A 29 -9.23 -8.23 -14.32
C LYS A 29 -9.17 -6.90 -13.59
N MET A 30 -8.16 -6.75 -12.75
CA MET A 30 -7.96 -5.54 -11.97
C MET A 30 -7.85 -4.31 -12.89
N ARG A 31 -7.04 -4.44 -13.94
CA ARG A 31 -6.84 -3.36 -14.89
C ARG A 31 -8.17 -2.94 -15.53
N GLU A 32 -8.91 -3.91 -16.05
CA GLU A 32 -10.18 -3.65 -16.69
C GLU A 32 -11.22 -3.09 -15.72
N GLU A 33 -11.21 -3.59 -14.49
CA GLU A 33 -12.17 -3.16 -13.47
C GLU A 33 -11.85 -1.76 -12.93
N SER A 34 -10.56 -1.46 -12.79
CA SER A 34 -10.14 -0.16 -12.28
C SER A 34 -9.95 0.84 -13.42
N GLY A 35 -9.10 0.46 -14.37
CA GLY A 35 -8.85 1.33 -15.51
C GLY A 35 -7.67 2.25 -15.29
N ALA A 36 -6.90 2.02 -14.22
CA ALA A 36 -5.75 2.86 -13.93
C ALA A 36 -4.43 2.12 -14.18
N ARG A 37 -3.56 2.74 -14.97
CA ARG A 37 -2.24 2.19 -15.29
C ARG A 37 -1.70 1.27 -14.19
N ILE A 38 -1.76 -0.03 -14.41
CA ILE A 38 -1.26 -0.99 -13.42
C ILE A 38 -0.07 -1.76 -13.98
N ASN A 39 1.14 -1.35 -13.59
CA ASN A 39 2.36 -2.00 -14.07
C ASN A 39 3.19 -2.56 -12.92
N ILE A 40 3.51 -3.84 -12.99
CA ILE A 40 4.31 -4.48 -11.96
C ILE A 40 5.77 -4.60 -12.40
N SER A 41 6.71 -4.42 -11.46
CA SER A 41 8.12 -4.51 -11.78
C SER A 41 8.97 -4.70 -10.53
N GLU A 42 10.28 -4.76 -10.72
CA GLU A 42 11.22 -4.93 -9.61
C GLU A 42 11.04 -6.30 -8.95
N GLY A 43 12.16 -6.98 -8.69
CA GLY A 43 12.12 -8.28 -8.07
C GLY A 43 11.46 -9.32 -8.93
N ASN A 44 10.14 -9.30 -9.00
CA ASN A 44 9.40 -10.28 -9.77
C ASN A 44 9.72 -11.69 -9.29
N CYS A 45 10.25 -11.79 -8.08
CA CYS A 45 10.61 -13.06 -7.50
C CYS A 45 10.44 -13.04 -5.98
N PRO A 46 11.28 -12.29 -5.26
CA PRO A 46 11.18 -12.18 -3.80
C PRO A 46 10.11 -11.17 -3.40
N GLU A 47 10.00 -10.12 -4.20
CA GLU A 47 9.03 -9.07 -3.96
C GLU A 47 8.44 -8.59 -5.28
N ARG A 48 7.36 -7.82 -5.19
CA ARG A 48 6.70 -7.30 -6.40
C ARG A 48 6.13 -5.90 -6.15
N ILE A 49 6.49 -4.97 -7.03
CA ILE A 49 6.01 -3.60 -6.93
C ILE A 49 4.86 -3.35 -7.91
N ILE A 50 3.65 -3.30 -7.38
CA ILE A 50 2.46 -3.07 -8.21
C ILE A 50 2.21 -1.59 -8.43
N THR A 51 2.71 -1.06 -9.53
CA THR A 51 2.53 0.35 -9.87
C THR A 51 1.10 0.61 -10.33
N LEU A 52 0.49 1.65 -9.76
CA LEU A 52 -0.88 2.01 -10.11
C LEU A 52 -0.98 3.51 -10.40
N ALA A 53 -1.58 3.86 -11.53
CA ALA A 53 -1.74 5.26 -11.91
C ALA A 53 -3.11 5.51 -12.53
N GLY A 54 -3.81 6.53 -12.04
CA GLY A 54 -5.14 6.81 -12.58
C GLY A 54 -5.99 7.60 -11.61
N PRO A 55 -7.11 8.18 -12.09
CA PRO A 55 -8.02 8.97 -11.26
C PRO A 55 -8.23 8.39 -9.87
N THR A 56 -8.57 9.26 -8.94
CA THR A 56 -8.81 8.84 -7.55
C THR A 56 -9.94 7.82 -7.49
N ASN A 57 -10.93 7.97 -8.36
CA ASN A 57 -12.06 7.05 -8.38
C ASN A 57 -11.63 5.65 -8.83
N ALA A 58 -10.95 5.59 -9.96
CA ALA A 58 -10.48 4.31 -10.50
C ALA A 58 -9.59 3.61 -9.48
N ILE A 59 -8.71 4.37 -8.85
CA ILE A 59 -7.79 3.82 -7.87
C ILE A 59 -8.54 3.32 -6.63
N PHE A 60 -9.56 4.07 -6.22
CA PHE A 60 -10.36 3.70 -5.07
C PHE A 60 -11.05 2.37 -5.27
N LYS A 61 -11.68 2.19 -6.44
CA LYS A 61 -12.38 0.96 -6.75
C LYS A 61 -11.42 -0.24 -6.70
N ALA A 62 -10.29 -0.11 -7.39
CA ALA A 62 -9.30 -1.18 -7.43
C ALA A 62 -8.80 -1.52 -6.02
N PHE A 63 -8.60 -0.49 -5.20
CA PHE A 63 -8.12 -0.69 -3.84
C PHE A 63 -9.12 -1.51 -3.02
N ALA A 64 -10.40 -1.20 -3.18
CA ALA A 64 -11.44 -1.92 -2.45
C ALA A 64 -11.44 -3.40 -2.80
N MET A 65 -11.21 -3.71 -4.07
CA MET A 65 -11.18 -5.10 -4.52
C MET A 65 -9.86 -5.75 -4.16
N ILE A 66 -8.80 -4.97 -4.15
CA ILE A 66 -7.48 -5.48 -3.82
C ILE A 66 -7.40 -5.89 -2.35
N ILE A 67 -7.90 -5.02 -1.47
CA ILE A 67 -7.89 -5.30 -0.04
C ILE A 67 -8.82 -6.44 0.31
N ASP A 68 -9.96 -6.50 -0.36
CA ASP A 68 -10.94 -7.55 -0.11
C ASP A 68 -10.37 -8.91 -0.51
N LYS A 69 -9.76 -8.96 -1.69
CA LYS A 69 -9.17 -10.20 -2.18
C LYS A 69 -8.08 -10.66 -1.23
N LEU A 70 -7.36 -9.71 -0.65
CA LEU A 70 -6.30 -10.00 0.29
C LEU A 70 -6.88 -10.37 1.66
N GLU A 71 -8.08 -9.87 1.93
CA GLU A 71 -8.75 -10.15 3.20
C GLU A 71 -9.32 -11.56 3.23
N GLU A 72 -9.95 -11.94 2.12
CA GLU A 72 -10.55 -13.28 2.01
C GLU A 72 -9.47 -14.35 1.89
N ASP A 73 -8.35 -14.00 1.26
CA ASP A 73 -7.25 -14.92 1.08
C ASP A 73 -6.72 -15.41 2.43
N ILE A 74 -6.59 -14.48 3.38
CA ILE A 74 -6.08 -14.82 4.71
C ILE A 74 -7.04 -15.77 5.43
N SER A 75 -8.33 -15.66 5.12
CA SER A 75 -9.33 -16.51 5.74
C SER A 75 -9.73 -17.65 4.81
N SER A 76 -8.74 -18.42 4.36
CA SER A 76 -8.97 -19.54 3.47
C SER A 76 -7.80 -20.51 3.48
N SER A 77 -6.59 -19.97 3.39
CA SER A 77 -5.38 -20.79 3.38
C SER A 77 -4.92 -21.08 4.81
N MET A 78 -5.20 -20.16 5.72
CA MET A 78 -4.82 -20.33 7.12
C MET A 78 -5.74 -21.32 7.81
N THR A 79 -5.54 -21.49 9.11
CA THR A 79 -6.35 -22.42 9.90
C THR A 79 -7.31 -21.66 10.81
N ASN A 80 -8.31 -21.03 10.21
CA ASN A 80 -9.30 -20.26 10.95
C ASN A 80 -10.61 -20.14 10.16
N SER A 81 -11.70 -20.52 10.80
CA SER A 81 -13.02 -20.46 10.16
C SER A 81 -13.93 -19.48 10.88
N THR A 82 -14.02 -19.62 12.20
CA THR A 82 -14.86 -18.74 13.01
C THR A 82 -14.10 -17.51 13.46
N ALA A 83 -13.09 -17.72 14.31
CA ALA A 83 -12.26 -16.61 14.80
C ALA A 83 -11.30 -16.12 13.73
N ALA A 84 -11.63 -15.00 13.11
CA ALA A 84 -10.79 -14.42 12.07
C ALA A 84 -11.21 -13.00 11.72
N SER A 85 -10.79 -12.05 12.56
CA SER A 85 -11.13 -10.64 12.33
C SER A 85 -10.01 -9.91 11.59
N ARG A 86 -9.07 -10.67 11.04
CA ARG A 86 -7.95 -10.10 10.30
C ARG A 86 -7.28 -8.98 11.10
N PRO A 87 -6.78 -9.29 12.32
CA PRO A 87 -6.12 -8.29 13.17
C PRO A 87 -4.89 -7.69 12.49
N PRO A 88 -4.00 -8.52 11.92
CA PRO A 88 -2.80 -8.05 11.25
C PRO A 88 -3.04 -7.68 9.79
N VAL A 89 -2.83 -6.41 9.46
CA VAL A 89 -3.02 -5.94 8.09
C VAL A 89 -1.88 -5.01 7.67
N THR A 90 -1.01 -5.50 6.81
CA THR A 90 0.13 -4.73 6.33
C THR A 90 -0.12 -4.22 4.91
N LEU A 91 0.27 -2.96 4.66
CA LEU A 91 0.12 -2.36 3.36
C LEU A 91 1.37 -1.56 3.11
N ARG A 92 2.12 -1.91 2.09
CA ARG A 92 3.34 -1.20 1.81
C ARG A 92 3.15 -0.27 0.63
N LEU A 93 3.20 1.01 0.92
CA LEU A 93 3.04 2.04 -0.10
C LEU A 93 4.34 2.80 -0.31
N VAL A 94 4.52 3.35 -1.51
CA VAL A 94 5.72 4.11 -1.85
C VAL A 94 5.39 5.58 -2.09
N VAL A 95 6.34 6.46 -1.78
CA VAL A 95 6.16 7.89 -1.97
C VAL A 95 7.49 8.61 -2.12
N PRO A 96 7.47 9.86 -2.61
CA PRO A 96 8.68 10.67 -2.80
C PRO A 96 9.36 11.01 -1.48
N ALA A 97 10.63 11.37 -1.56
CA ALA A 97 11.40 11.73 -0.36
C ALA A 97 10.91 13.04 0.24
N SER A 98 10.50 13.96 -0.62
CA SER A 98 9.99 15.24 -0.16
C SER A 98 8.65 15.05 0.51
N GLN A 99 7.91 14.04 0.05
CA GLN A 99 6.60 13.74 0.61
C GLN A 99 6.74 13.17 2.02
N CYS A 100 7.71 12.28 2.20
CA CYS A 100 7.95 11.66 3.49
C CYS A 100 8.41 12.69 4.51
N GLY A 101 9.27 13.61 4.07
CA GLY A 101 9.78 14.65 4.96
C GLY A 101 8.69 15.58 5.45
N SER A 102 7.69 15.83 4.59
CA SER A 102 6.60 16.73 4.96
C SER A 102 5.61 16.04 5.90
N LEU A 103 5.15 14.85 5.51
CA LEU A 103 4.20 14.13 6.35
C LEU A 103 4.78 13.93 7.75
N ILE A 104 6.11 13.94 7.83
CA ILE A 104 6.80 13.78 9.10
C ILE A 104 6.75 15.09 9.89
N GLY A 105 6.90 16.22 9.18
CA GLY A 105 6.87 17.50 9.85
C GLY A 105 8.11 17.77 10.67
N LYS A 106 8.14 18.91 11.34
CA LYS A 106 9.28 19.29 12.17
C LYS A 106 9.41 18.37 13.38
N GLY A 107 10.56 17.71 13.50
CA GLY A 107 10.79 16.81 14.61
C GLY A 107 9.88 15.60 14.60
N GLY A 108 9.20 15.38 13.49
CA GLY A 108 8.30 14.23 13.38
C GLY A 108 7.03 14.41 14.19
N CYS A 109 6.85 15.58 14.78
CA CYS A 109 5.68 15.86 15.59
C CYS A 109 4.38 15.56 14.84
N LYS A 110 4.34 15.96 13.57
CA LYS A 110 3.15 15.74 12.75
C LYS A 110 2.81 14.27 12.62
N ILE A 111 3.70 13.51 11.97
CA ILE A 111 3.49 12.08 11.77
C ILE A 111 3.33 11.34 13.10
N LYS A 112 3.99 11.85 14.13
CA LYS A 112 3.94 11.22 15.46
C LYS A 112 2.51 11.18 15.98
N GLU A 113 1.79 12.30 15.84
CA GLU A 113 0.42 12.38 16.30
C GLU A 113 -0.53 11.59 15.41
N ILE A 114 -0.33 11.69 14.10
CA ILE A 114 -1.17 10.99 13.14
C ILE A 114 -1.07 9.48 13.30
N ARG A 115 0.15 8.96 13.27
CA ARG A 115 0.36 7.53 13.40
C ARG A 115 0.00 7.04 14.80
N GLU A 116 0.41 7.80 15.81
CA GLU A 116 0.13 7.43 17.20
C GLU A 116 -1.36 7.19 17.43
N SER A 117 -2.20 8.04 16.82
CA SER A 117 -3.64 7.92 16.98
C SER A 117 -4.21 6.94 15.97
N THR A 118 -3.65 6.94 14.76
CA THR A 118 -4.09 6.03 13.71
C THR A 118 -4.14 4.60 14.25
N GLY A 119 -3.32 4.32 15.25
CA GLY A 119 -3.29 2.99 15.84
C GLY A 119 -2.39 2.03 15.07
N ALA A 120 -1.92 2.45 13.90
CA ALA A 120 -1.06 1.61 13.08
C ALA A 120 0.38 2.12 13.08
N GLN A 121 1.33 1.23 12.85
CA GLN A 121 2.75 1.59 12.83
C GLN A 121 3.27 1.63 11.39
N VAL A 122 4.10 2.62 11.11
CA VAL A 122 4.69 2.78 9.77
C VAL A 122 6.11 2.21 9.73
N GLN A 123 6.57 1.88 8.52
CA GLN A 123 7.91 1.32 8.37
C GLN A 123 8.63 1.90 7.15
N VAL A 124 9.73 2.60 7.40
CA VAL A 124 10.51 3.19 6.32
C VAL A 124 11.70 2.32 5.96
N ALA A 125 11.88 2.06 4.66
CA ALA A 125 12.97 1.23 4.18
C ALA A 125 14.32 1.88 4.51
N GLY A 126 15.38 1.07 4.47
CA GLY A 126 16.71 1.59 4.76
C GLY A 126 17.13 2.70 3.82
N ASP A 127 18.10 2.43 2.97
CA ASP A 127 18.59 3.41 2.02
C ASP A 127 19.38 2.72 0.92
N MET A 128 19.03 1.47 0.64
CA MET A 128 19.72 0.71 -0.37
C MET A 128 19.02 0.81 -1.72
N LEU A 129 18.08 1.75 -1.82
CA LEU A 129 17.31 1.97 -3.04
C LEU A 129 16.09 2.85 -2.75
N PRO A 130 15.19 2.37 -1.88
CA PRO A 130 13.97 3.09 -1.52
C PRO A 130 14.24 4.17 -0.46
N ASN A 131 14.95 5.22 -0.86
CA ASN A 131 15.27 6.31 0.06
C ASN A 131 15.99 7.43 -0.67
N SER A 132 16.92 7.06 -1.55
CA SER A 132 17.68 8.04 -2.32
C SER A 132 16.76 9.10 -2.93
N THR A 133 15.75 8.64 -3.66
CA THR A 133 14.79 9.53 -4.31
C THR A 133 13.38 9.27 -3.78
N GLU A 134 13.05 8.00 -3.63
CA GLU A 134 11.73 7.61 -3.13
C GLU A 134 11.85 6.53 -2.06
N ARG A 135 11.05 6.65 -1.01
CA ARG A 135 11.07 5.67 0.08
C ARG A 135 9.73 4.96 0.20
N ALA A 136 9.72 3.86 0.94
CA ALA A 136 8.50 3.08 1.14
C ALA A 136 8.13 2.99 2.62
N ILE A 137 6.83 3.12 2.90
CA ILE A 137 6.35 3.05 4.28
C ILE A 137 5.47 1.82 4.48
N THR A 138 5.71 1.06 5.54
CA THR A 138 4.91 -0.13 5.81
C THR A 138 3.96 0.10 6.97
N ILE A 139 2.67 0.08 6.68
CA ILE A 139 1.64 0.31 7.70
C ILE A 139 0.98 -1.00 8.12
N ALA A 140 1.11 -1.34 9.40
CA ALA A 140 0.52 -2.56 9.93
C ALA A 140 -0.49 -2.24 11.03
N GLY A 141 -1.65 -2.88 10.97
CA GLY A 141 -2.68 -2.64 11.96
C GLY A 141 -4.04 -3.14 11.52
N ILE A 142 -5.09 -2.50 12.01
CA ILE A 142 -6.46 -2.87 11.68
C ILE A 142 -6.84 -2.34 10.30
N PRO A 143 -7.65 -3.08 9.53
CA PRO A 143 -8.06 -2.65 8.18
C PRO A 143 -8.55 -1.21 8.19
N GLN A 144 -9.29 -0.86 9.23
CA GLN A 144 -9.79 0.50 9.37
C GLN A 144 -8.62 1.46 9.59
N SER A 145 -7.61 0.96 10.30
CA SER A 145 -6.41 1.74 10.58
C SER A 145 -5.61 1.98 9.31
N ILE A 146 -5.67 1.02 8.39
CA ILE A 146 -4.95 1.11 7.13
C ILE A 146 -5.66 2.06 6.17
N ILE A 147 -6.96 1.87 6.00
CA ILE A 147 -7.75 2.71 5.11
C ILE A 147 -7.61 4.19 5.48
N GLU A 148 -7.53 4.47 6.77
CA GLU A 148 -7.38 5.83 7.25
C GLU A 148 -5.97 6.35 7.00
N CYS A 149 -4.99 5.47 7.15
CA CYS A 149 -3.59 5.83 6.95
C CYS A 149 -3.32 6.13 5.48
N VAL A 150 -3.94 5.35 4.59
CA VAL A 150 -3.75 5.54 3.16
C VAL A 150 -4.44 6.81 2.68
N LYS A 151 -5.55 7.17 3.33
CA LYS A 151 -6.28 8.37 2.98
C LYS A 151 -5.50 9.62 3.33
N GLN A 152 -4.76 9.56 4.43
CA GLN A 152 -3.95 10.69 4.88
C GLN A 152 -2.75 10.89 3.97
N ILE A 153 -2.01 9.81 3.71
CA ILE A 153 -0.84 9.86 2.86
C ILE A 153 -1.21 10.27 1.44
N CYS A 154 -2.29 9.67 0.92
CA CYS A 154 -2.75 9.97 -0.43
C CYS A 154 -3.06 11.46 -0.58
N VAL A 155 -3.76 12.01 0.41
CA VAL A 155 -4.13 13.42 0.39
C VAL A 155 -2.89 14.31 0.29
N VAL A 156 -1.95 14.09 1.19
CA VAL A 156 -0.71 14.87 1.21
C VAL A 156 0.03 14.77 -0.12
N MET A 157 0.06 13.56 -0.68
CA MET A 157 0.74 13.31 -1.95
C MET A 157 0.13 14.17 -3.06
N LEU A 158 -1.19 14.33 -3.02
CA LEU A 158 -1.89 15.12 -4.01
C LEU A 158 -1.53 16.59 -3.90
N GLU A 159 -1.72 17.16 -2.72
CA GLU A 159 -1.41 18.57 -2.47
C GLU A 159 0.09 18.80 -2.37
N THR A 160 0.86 17.74 -2.47
CA THR A 160 2.31 17.81 -2.40
C THR A 160 2.77 18.50 -1.11
N LYS A 1 -11.40 11.91 -12.16
CA LYS A 1 -12.07 13.08 -12.79
C LYS A 1 -11.65 14.38 -12.11
N ASN A 2 -10.38 14.45 -11.71
CA ASN A 2 -9.86 15.64 -11.05
C ASN A 2 -8.34 15.71 -11.17
N VAL A 3 -7.65 14.94 -10.35
CA VAL A 3 -6.19 14.91 -10.35
C VAL A 3 -5.66 13.53 -10.70
N THR A 4 -4.38 13.47 -11.07
CA THR A 4 -3.75 12.21 -11.42
C THR A 4 -2.84 11.75 -10.29
N LEU A 5 -3.02 10.50 -9.87
CA LEU A 5 -2.23 9.93 -8.79
C LEU A 5 -1.52 8.65 -9.23
N THR A 6 -0.39 8.37 -8.62
CA THR A 6 0.39 7.18 -8.93
C THR A 6 1.00 6.58 -7.67
N ILE A 7 0.62 5.35 -7.36
CA ILE A 7 1.12 4.68 -6.17
C ILE A 7 1.87 3.40 -6.52
N ARG A 8 2.88 3.07 -5.74
CA ARG A 8 3.68 1.87 -5.94
C ARG A 8 3.83 1.08 -4.64
N LEU A 9 3.21 -0.09 -4.60
CA LEU A 9 3.28 -0.93 -3.40
C LEU A 9 4.12 -2.17 -3.65
N LEU A 10 4.99 -2.48 -2.70
CA LEU A 10 5.87 -3.64 -2.80
C LEU A 10 5.37 -4.76 -1.90
N MET A 11 5.10 -5.92 -2.49
CA MET A 11 4.61 -7.07 -1.74
C MET A 11 5.49 -8.30 -1.95
N HIS A 12 5.41 -9.23 -1.01
CA HIS A 12 6.18 -10.47 -1.07
C HIS A 12 5.64 -11.38 -2.18
N GLY A 13 6.54 -12.06 -2.87
CA GLY A 13 6.14 -12.94 -3.96
C GLY A 13 4.94 -13.82 -3.63
N LYS A 14 4.81 -14.20 -2.36
CA LYS A 14 3.70 -15.06 -1.93
C LYS A 14 2.40 -14.28 -1.77
N GLU A 15 2.44 -13.18 -1.01
CA GLU A 15 1.25 -12.37 -0.80
C GLU A 15 0.78 -11.76 -2.10
N VAL A 16 1.72 -11.13 -2.81
CA VAL A 16 1.41 -10.49 -4.08
C VAL A 16 0.86 -11.51 -5.07
N GLY A 17 1.39 -12.73 -5.02
CA GLY A 17 0.93 -13.77 -5.92
C GLY A 17 -0.55 -14.11 -5.72
N SER A 18 -0.99 -14.06 -4.47
CA SER A 18 -2.38 -14.35 -4.15
C SER A 18 -3.28 -13.21 -4.61
N ILE A 19 -2.71 -12.00 -4.62
CA ILE A 19 -3.45 -10.83 -5.05
C ILE A 19 -3.48 -10.73 -6.57
N ILE A 20 -2.41 -11.19 -7.20
CA ILE A 20 -2.31 -11.16 -8.64
C ILE A 20 -3.36 -12.06 -9.26
N GLY A 21 -3.55 -13.24 -8.67
CA GLY A 21 -4.53 -14.16 -9.16
C GLY A 21 -3.95 -15.12 -10.17
N LYS A 22 -4.53 -16.29 -10.21
CA LYS A 22 -4.11 -17.36 -11.12
C LYS A 22 -4.18 -16.89 -12.58
N LYS A 23 -3.25 -17.38 -13.40
CA LYS A 23 -3.18 -17.04 -14.82
C LYS A 23 -3.36 -15.54 -15.07
N GLY A 24 -3.01 -14.74 -14.07
CA GLY A 24 -3.10 -13.29 -14.19
C GLY A 24 -4.45 -12.80 -14.71
N GLU A 25 -5.47 -13.64 -14.68
CA GLU A 25 -6.79 -13.22 -15.14
C GLU A 25 -7.40 -12.26 -14.13
N SER A 26 -7.13 -12.49 -12.86
CA SER A 26 -7.65 -11.64 -11.80
C SER A 26 -7.02 -10.25 -11.85
N VAL A 27 -5.72 -10.18 -12.13
CA VAL A 27 -5.06 -8.89 -12.21
C VAL A 27 -5.61 -8.13 -13.41
N LYS A 28 -6.09 -8.88 -14.41
CA LYS A 28 -6.69 -8.29 -15.58
C LYS A 28 -7.99 -7.61 -15.17
N LYS A 29 -8.69 -8.25 -14.23
CA LYS A 29 -9.96 -7.73 -13.72
C LYS A 29 -9.71 -6.40 -13.04
N MET A 30 -8.61 -6.35 -12.28
CA MET A 30 -8.23 -5.15 -11.54
C MET A 30 -8.07 -3.95 -12.49
N ARG A 31 -7.31 -4.15 -13.56
CA ARG A 31 -7.07 -3.09 -14.54
C ARG A 31 -8.38 -2.57 -15.13
N GLU A 32 -9.21 -3.48 -15.62
CA GLU A 32 -10.49 -3.10 -16.24
C GLU A 32 -11.45 -2.47 -15.24
N GLU A 33 -11.47 -2.98 -14.01
CA GLU A 33 -12.36 -2.48 -12.97
C GLU A 33 -11.90 -1.14 -12.42
N SER A 34 -10.58 -0.97 -12.31
CA SER A 34 -10.02 0.27 -11.78
C SER A 34 -9.95 1.35 -12.85
N GLY A 35 -9.29 1.02 -13.96
CA GLY A 35 -9.15 1.97 -15.05
C GLY A 35 -7.83 2.70 -15.02
N ALA A 36 -7.06 2.51 -13.94
CA ALA A 36 -5.77 3.17 -13.80
C ALA A 36 -4.63 2.19 -14.06
N ARG A 37 -3.71 2.58 -14.96
CA ARG A 37 -2.54 1.76 -15.31
C ARG A 37 -2.11 0.84 -14.17
N ILE A 38 -1.73 -0.39 -14.51
CA ILE A 38 -1.29 -1.34 -13.49
C ILE A 38 -0.14 -2.19 -14.02
N ASN A 39 1.09 -1.84 -13.63
CA ASN A 39 2.26 -2.58 -14.07
C ASN A 39 3.12 -2.99 -12.88
N ILE A 40 3.53 -4.26 -12.87
CA ILE A 40 4.36 -4.79 -11.79
C ILE A 40 5.84 -4.63 -12.10
N SER A 41 6.65 -4.51 -11.05
CA SER A 41 8.08 -4.35 -11.22
C SER A 41 8.86 -5.41 -10.45
N GLU A 42 10.18 -5.30 -10.45
CA GLU A 42 11.03 -6.25 -9.75
C GLU A 42 11.07 -5.97 -8.25
N GLY A 43 12.02 -6.58 -7.55
CA GLY A 43 12.14 -6.39 -6.12
C GLY A 43 12.97 -7.46 -5.45
N ASN A 44 14.28 -7.30 -5.45
CA ASN A 44 15.16 -8.27 -4.81
C ASN A 44 14.75 -8.47 -3.35
N CYS A 45 14.05 -7.48 -2.80
CA CYS A 45 13.60 -7.53 -1.42
C CYS A 45 12.19 -8.10 -1.30
N PRO A 46 11.18 -7.42 -1.89
CA PRO A 46 9.79 -7.88 -1.84
C PRO A 46 9.49 -8.94 -2.87
N GLU A 47 10.16 -8.82 -4.02
CA GLU A 47 9.99 -9.74 -5.15
C GLU A 47 8.99 -9.20 -6.16
N ARG A 48 7.97 -8.51 -5.67
CA ARG A 48 6.95 -7.94 -6.56
C ARG A 48 6.53 -6.54 -6.09
N ILE A 49 6.27 -5.66 -7.05
CA ILE A 49 5.85 -4.30 -6.76
C ILE A 49 4.78 -3.85 -7.75
N ILE A 50 3.58 -3.60 -7.22
CA ILE A 50 2.46 -3.17 -8.07
C ILE A 50 2.46 -1.66 -8.26
N THR A 51 2.76 -1.23 -9.48
CA THR A 51 2.79 0.18 -9.81
C THR A 51 1.54 0.59 -10.60
N LEU A 52 0.61 1.22 -9.91
CA LEU A 52 -0.64 1.64 -10.54
C LEU A 52 -0.64 3.16 -10.78
N ALA A 53 -1.03 3.57 -11.98
CA ALA A 53 -1.08 4.99 -12.32
C ALA A 53 -2.47 5.36 -12.82
N GLY A 54 -2.98 6.50 -12.38
CA GLY A 54 -4.31 6.90 -12.80
C GLY A 54 -4.96 7.88 -11.85
N PRO A 55 -6.05 8.55 -12.28
CA PRO A 55 -6.77 9.52 -11.47
C PRO A 55 -7.11 8.98 -10.09
N THR A 56 -7.42 9.88 -9.16
CA THR A 56 -7.76 9.51 -7.80
C THR A 56 -8.93 8.54 -7.76
N ASN A 57 -9.89 8.72 -8.67
CA ASN A 57 -11.06 7.86 -8.72
C ASN A 57 -10.67 6.42 -9.05
N ALA A 58 -9.91 6.25 -10.12
CA ALA A 58 -9.48 4.92 -10.56
C ALA A 58 -8.70 4.21 -9.45
N ILE A 59 -7.91 4.98 -8.71
CA ILE A 59 -7.12 4.42 -7.63
C ILE A 59 -7.99 3.89 -6.51
N PHE A 60 -9.06 4.63 -6.20
CA PHE A 60 -9.99 4.24 -5.14
C PHE A 60 -10.64 2.89 -5.45
N LYS A 61 -11.20 2.76 -6.65
CA LYS A 61 -11.85 1.53 -7.07
C LYS A 61 -10.88 0.36 -7.01
N ALA A 62 -9.71 0.53 -7.60
CA ALA A 62 -8.70 -0.51 -7.63
C ALA A 62 -8.33 -0.97 -6.21
N PHE A 63 -8.03 -0.01 -5.34
CA PHE A 63 -7.68 -0.32 -3.96
C PHE A 63 -8.73 -1.19 -3.30
N ALA A 64 -10.00 -0.87 -3.54
CA ALA A 64 -11.10 -1.63 -2.97
C ALA A 64 -11.06 -3.09 -3.41
N MET A 65 -10.66 -3.31 -4.66
CA MET A 65 -10.57 -4.66 -5.20
C MET A 65 -9.33 -5.38 -4.69
N ILE A 66 -8.24 -4.64 -4.55
CA ILE A 66 -6.99 -5.20 -4.05
C ILE A 66 -7.15 -5.68 -2.61
N ILE A 67 -7.67 -4.81 -1.75
CA ILE A 67 -7.87 -5.15 -0.35
C ILE A 67 -8.84 -6.32 -0.20
N ASP A 68 -9.87 -6.35 -1.05
CA ASP A 68 -10.86 -7.42 -1.00
C ASP A 68 -10.21 -8.75 -1.35
N LYS A 69 -9.44 -8.77 -2.44
CA LYS A 69 -8.77 -9.99 -2.87
C LYS A 69 -7.76 -10.41 -1.81
N LEU A 70 -7.14 -9.42 -1.16
CA LEU A 70 -6.16 -9.67 -0.12
C LEU A 70 -6.87 -10.05 1.19
N GLU A 71 -8.13 -9.65 1.32
CA GLU A 71 -8.90 -9.94 2.53
C GLU A 71 -9.35 -11.39 2.54
N GLU A 72 -9.79 -11.89 1.38
CA GLU A 72 -10.26 -13.27 1.27
C GLU A 72 -9.09 -14.24 1.33
N ASP A 73 -8.02 -13.92 0.59
CA ASP A 73 -6.84 -14.77 0.55
C ASP A 73 -6.12 -14.82 1.90
N ILE A 74 -5.86 -13.65 2.48
CA ILE A 74 -5.19 -13.58 3.77
C ILE A 74 -5.88 -14.43 4.81
N SER A 75 -7.20 -14.29 4.89
CA SER A 75 -8.01 -15.04 5.83
C SER A 75 -7.63 -14.69 7.28
N SER A 76 -6.54 -15.27 7.77
CA SER A 76 -6.09 -15.02 9.13
C SER A 76 -4.66 -14.48 9.17
N SER A 77 -4.13 -14.11 8.00
CA SER A 77 -2.77 -13.58 7.91
C SER A 77 -1.74 -14.69 8.07
N MET A 78 -1.72 -15.30 9.25
CA MET A 78 -0.79 -16.38 9.54
C MET A 78 -1.17 -17.11 10.82
N THR A 79 -1.06 -18.43 10.79
CA THR A 79 -1.40 -19.25 11.95
C THR A 79 -0.33 -20.33 12.18
N ASN A 80 0.77 -19.94 12.81
CA ASN A 80 1.86 -20.88 13.08
C ASN A 80 1.36 -22.07 13.91
N SER A 81 0.35 -21.82 14.73
CA SER A 81 -0.22 -22.88 15.57
C SER A 81 -1.55 -22.44 16.17
N THR A 82 -1.52 -21.35 16.94
CA THR A 82 -2.72 -20.83 17.57
C THR A 82 -2.62 -19.31 17.77
N ALA A 83 -3.28 -18.56 16.90
CA ALA A 83 -3.26 -17.10 16.98
C ALA A 83 -4.55 -16.51 16.41
N ALA A 84 -5.38 -15.95 17.28
CA ALA A 84 -6.64 -15.34 16.86
C ALA A 84 -7.02 -14.19 17.77
N SER A 85 -6.01 -13.47 18.27
CA SER A 85 -6.25 -12.34 19.17
C SER A 85 -6.44 -11.05 18.36
N ARG A 86 -5.59 -10.85 17.36
CA ARG A 86 -5.67 -9.66 16.53
C ARG A 86 -4.78 -9.79 15.30
N PRO A 87 -5.32 -10.37 14.20
CA PRO A 87 -4.56 -10.56 12.96
C PRO A 87 -4.21 -9.23 12.29
N PRO A 88 -2.92 -8.85 12.28
CA PRO A 88 -2.46 -7.60 11.68
C PRO A 88 -2.25 -7.71 10.17
N VAL A 89 -2.04 -6.57 9.52
CA VAL A 89 -1.82 -6.53 8.09
C VAL A 89 -0.74 -5.50 7.74
N THR A 90 0.37 -5.98 7.20
CA THR A 90 1.47 -5.10 6.83
C THR A 90 1.51 -4.87 5.32
N LEU A 91 1.64 -3.60 4.93
CA LEU A 91 1.72 -3.23 3.55
C LEU A 91 2.75 -2.14 3.45
N ARG A 92 3.82 -2.39 2.71
CA ARG A 92 4.85 -1.41 2.60
C ARG A 92 4.77 -0.69 1.26
N LEU A 93 4.44 0.57 1.32
CA LEU A 93 4.31 1.41 0.13
C LEU A 93 5.56 2.25 -0.08
N VAL A 94 5.86 2.57 -1.33
CA VAL A 94 7.02 3.37 -1.65
C VAL A 94 6.62 4.79 -2.08
N VAL A 95 7.50 5.74 -1.80
CA VAL A 95 7.24 7.14 -2.15
C VAL A 95 8.54 7.93 -2.28
N PRO A 96 8.50 9.09 -2.95
CA PRO A 96 9.68 9.93 -3.15
C PRO A 96 10.22 10.51 -1.84
N ALA A 97 11.46 10.96 -1.86
CA ALA A 97 12.10 11.53 -0.67
C ALA A 97 11.36 12.77 -0.18
N SER A 98 10.82 13.56 -1.12
CA SER A 98 10.10 14.76 -0.77
C SER A 98 8.80 14.39 -0.07
N GLN A 99 8.25 13.24 -0.44
CA GLN A 99 7.02 12.76 0.15
C GLN A 99 7.23 12.38 1.62
N CYS A 100 8.30 11.65 1.88
CA CYS A 100 8.62 11.24 3.24
C CYS A 100 9.00 12.44 4.09
N GLY A 101 9.71 13.38 3.48
CA GLY A 101 10.13 14.58 4.20
C GLY A 101 8.96 15.32 4.78
N SER A 102 7.94 15.58 3.96
CA SER A 102 6.76 16.29 4.40
C SER A 102 5.85 15.37 5.22
N LEU A 103 5.79 14.10 4.83
CA LEU A 103 4.98 13.12 5.52
C LEU A 103 5.36 13.05 7.00
N ILE A 104 6.62 13.32 7.29
CA ILE A 104 7.12 13.29 8.65
C ILE A 104 6.91 14.64 9.33
N GLY A 105 7.10 15.72 8.59
CA GLY A 105 6.93 17.05 9.14
C GLY A 105 8.04 17.42 10.10
N LYS A 106 7.95 18.61 10.67
CA LYS A 106 8.95 19.11 11.61
C LYS A 106 8.93 18.29 12.90
N GLY A 107 10.08 17.73 13.26
CA GLY A 107 10.18 16.94 14.48
C GLY A 107 9.32 15.70 14.44
N GLY A 108 8.88 15.31 13.24
CA GLY A 108 8.05 14.13 13.10
C GLY A 108 6.68 14.29 13.73
N CYS A 109 6.33 15.52 14.10
CA CYS A 109 5.06 15.81 14.71
C CYS A 109 3.89 15.28 13.87
N LYS A 110 4.02 15.42 12.56
CA LYS A 110 2.98 14.96 11.64
C LYS A 110 2.82 13.46 11.70
N ILE A 111 3.86 12.74 11.27
CA ILE A 111 3.83 11.28 11.27
C ILE A 111 3.50 10.72 12.65
N LYS A 112 3.86 11.46 13.69
CA LYS A 112 3.60 11.03 15.05
C LYS A 112 2.11 10.96 15.33
N GLU A 113 1.39 12.03 14.98
CA GLU A 113 -0.05 12.09 15.20
C GLU A 113 -0.79 11.14 14.26
N ILE A 114 -0.33 11.06 13.01
CA ILE A 114 -0.97 10.19 12.03
C ILE A 114 -0.99 8.74 12.51
N ARG A 115 0.17 8.21 12.88
CA ARG A 115 0.26 6.84 13.36
C ARG A 115 -0.33 6.71 14.75
N GLU A 116 -0.24 7.78 15.53
CA GLU A 116 -0.77 7.78 16.89
C GLU A 116 -2.25 7.43 16.91
N SER A 117 -3.01 8.02 16.00
CA SER A 117 -4.45 7.78 15.93
C SER A 117 -4.77 6.66 14.93
N THR A 118 -4.04 6.61 13.84
CA THR A 118 -4.25 5.57 12.83
C THR A 118 -4.28 4.19 13.50
N GLY A 119 -3.61 4.08 14.65
CA GLY A 119 -3.57 2.82 15.36
C GLY A 119 -2.52 1.86 14.83
N ALA A 120 -2.01 2.12 13.62
CA ALA A 120 -1.01 1.26 13.02
C ALA A 120 0.38 1.86 13.16
N GLN A 121 1.41 1.05 12.89
CA GLN A 121 2.78 1.51 12.99
C GLN A 121 3.39 1.73 11.60
N VAL A 122 4.06 2.85 11.43
CA VAL A 122 4.69 3.19 10.15
C VAL A 122 6.20 2.93 10.21
N GLN A 123 6.75 2.38 9.13
CA GLN A 123 8.18 2.10 9.08
C GLN A 123 8.85 2.65 7.82
N VAL A 124 9.78 3.58 8.01
CA VAL A 124 10.50 4.18 6.90
C VAL A 124 11.87 3.55 6.72
N ALA A 125 12.20 3.20 5.48
CA ALA A 125 13.48 2.59 5.17
C ALA A 125 14.63 3.49 5.60
N GLY A 126 15.81 2.89 5.76
CA GLY A 126 16.97 3.65 6.16
C GLY A 126 17.74 4.23 4.98
N ASP A 127 18.99 3.79 4.82
CA ASP A 127 19.82 4.27 3.72
C ASP A 127 20.99 3.32 3.49
N MET A 128 20.76 2.04 3.77
CA MET A 128 21.79 1.03 3.59
C MET A 128 22.04 0.75 2.11
N LEU A 129 22.52 1.76 1.40
CA LEU A 129 22.79 1.63 -0.03
C LEU A 129 23.49 2.89 -0.56
N PRO A 130 23.96 2.85 -1.81
CA PRO A 130 24.64 4.00 -2.43
C PRO A 130 23.72 5.20 -2.61
N ASN A 131 23.23 5.75 -1.50
CA ASN A 131 22.35 6.90 -1.52
C ASN A 131 21.03 6.55 -2.20
N SER A 132 20.00 6.37 -1.39
CA SER A 132 18.67 6.03 -1.89
C SER A 132 17.95 7.28 -2.39
N THR A 133 16.87 7.07 -3.14
CA THR A 133 16.08 8.18 -3.68
C THR A 133 14.68 8.19 -3.10
N GLU A 134 14.04 7.02 -3.08
CA GLU A 134 12.70 6.89 -2.54
C GLU A 134 12.69 5.97 -1.33
N ARG A 135 11.80 6.27 -0.38
CA ARG A 135 11.69 5.47 0.83
C ARG A 135 10.39 4.67 0.85
N ALA A 136 10.23 3.81 1.85
CA ALA A 136 9.04 2.99 1.97
C ALA A 136 8.52 2.96 3.41
N ILE A 137 7.22 3.22 3.57
CA ILE A 137 6.61 3.22 4.88
C ILE A 137 5.86 1.91 5.13
N THR A 138 6.17 1.22 6.22
CA THR A 138 5.50 -0.04 6.53
C THR A 138 4.35 0.18 7.51
N ILE A 139 3.13 -0.07 7.04
CA ILE A 139 1.95 0.11 7.88
C ILE A 139 1.38 -1.24 8.32
N ALA A 140 1.45 -1.51 9.61
CA ALA A 140 0.94 -2.77 10.15
C ALA A 140 -0.19 -2.51 11.15
N GLY A 141 -1.29 -3.23 10.99
CA GLY A 141 -2.43 -3.07 11.88
C GLY A 141 -3.70 -3.70 11.34
N ILE A 142 -4.83 -3.24 11.83
CA ILE A 142 -6.13 -3.77 11.38
C ILE A 142 -6.62 -3.00 10.16
N PRO A 143 -7.60 -3.54 9.41
CA PRO A 143 -8.15 -2.88 8.22
C PRO A 143 -8.52 -1.44 8.50
N GLN A 144 -9.03 -1.17 9.70
CA GLN A 144 -9.41 0.17 10.09
C GLN A 144 -8.18 1.08 10.11
N SER A 145 -7.04 0.50 10.49
CA SER A 145 -5.79 1.25 10.56
C SER A 145 -5.29 1.57 9.15
N ILE A 146 -5.49 0.64 8.23
CA ILE A 146 -5.07 0.82 6.85
C ILE A 146 -5.89 1.92 6.17
N ILE A 147 -7.20 1.80 6.26
CA ILE A 147 -8.11 2.78 5.65
C ILE A 147 -7.85 4.18 6.23
N GLU A 148 -7.37 4.23 7.46
CA GLU A 148 -7.09 5.50 8.11
C GLU A 148 -5.88 6.20 7.50
N CYS A 149 -4.74 5.51 7.49
CA CYS A 149 -3.51 6.07 6.94
C CYS A 149 -3.66 6.40 5.45
N VAL A 150 -4.20 5.46 4.69
CA VAL A 150 -4.39 5.67 3.26
C VAL A 150 -5.24 6.90 2.99
N LYS A 151 -6.23 7.14 3.84
CA LYS A 151 -7.11 8.30 3.69
C LYS A 151 -6.36 9.59 4.03
N GLN A 152 -5.43 9.50 4.97
CA GLN A 152 -4.65 10.67 5.38
C GLN A 152 -3.65 11.06 4.31
N ILE A 153 -3.03 10.05 3.69
CA ILE A 153 -2.04 10.30 2.64
C ILE A 153 -2.72 10.75 1.35
N CYS A 154 -3.90 10.21 1.09
CA CYS A 154 -4.65 10.55 -0.12
C CYS A 154 -5.17 11.98 -0.05
N VAL A 155 -5.79 12.32 1.09
CA VAL A 155 -6.34 13.66 1.28
C VAL A 155 -5.25 14.72 1.21
N VAL A 156 -4.13 14.46 1.88
CA VAL A 156 -3.02 15.40 1.89
C VAL A 156 -2.34 15.47 0.53
N MET A 157 -2.16 14.31 -0.08
CA MET A 157 -1.52 14.23 -1.40
C MET A 157 -2.37 14.93 -2.46
N LEU A 158 -3.69 14.79 -2.33
CA LEU A 158 -4.61 15.41 -3.28
C LEU A 158 -4.56 16.92 -3.18
N GLU A 159 -4.82 17.45 -1.98
CA GLU A 159 -4.80 18.89 -1.75
C GLU A 159 -3.39 19.45 -1.72
N THR A 160 -2.42 18.56 -1.84
CA THR A 160 -1.01 18.94 -1.83
C THR A 160 -0.18 17.98 -2.68
#